data_5G1N
#
_entry.id   5G1N
#
_cell.length_a   83.030
_cell.length_b   145.120
_cell.length_c   83.160
_cell.angle_alpha   90.00
_cell.angle_beta   120.03
_cell.angle_gamma   90.00
#
_symmetry.space_group_name_H-M   'P 1 21 1'
#
loop_
_entity.id
_entity.type
_entity.pdbx_description
1 polymer 'CAD PROTEIN'
2 non-polymer 'N-(PHOSPHONACETYL)-L-ASPARTIC ACID'
3 non-polymer 1,2-ETHANEDIOL
4 water water
#
_entity_poly.entity_id   1
_entity_poly.type   'polypeptide(L)'
_entity_poly.pdbx_seq_one_letter_code
;GPMSPLLHSLVGQHILSVQQFTKDQMSHLFNVAHTLRMMVQKERSLDILKGKVMASMFYEVSTRTSSSFAAAMARLGGAV
LSFSEATSSVQKGESLADSVQTMSCYADVVVLRHPQPGAVELAAKHCRRPVINAGDGVGEHPTQALLDIFTIREELGTVN
GMTITMVGDLKHGRTVHSLACLLTQYRVSLRYVAPPSLRMPPTVRAFVASRGTKQEEFESIEEALPDTDVLYMTRIQKER
FGSTQEYEACFGQFILTPHIMTRAKKKMVVMHPMPRVNEISVEVDSDPRAAYFRQAENGMYIRMALLATVLGRF
;
_entity_poly.pdbx_strand_id   A,B,C,D,E,F
#
loop_
_chem_comp.id
_chem_comp.type
_chem_comp.name
_chem_comp.formula
EDO non-polymer 1,2-ETHANEDIOL 'C2 H6 O2'
PAL non-polymer 'N-(PHOSPHONACETYL)-L-ASPARTIC ACID' 'C6 H10 N O8 P'
#
# COMPACT_ATOMS: atom_id res chain seq x y z
N SER A 9 -9.54 22.07 -45.16
CA SER A 9 -8.55 22.96 -45.83
C SER A 9 -7.47 23.45 -44.87
N LEU A 10 -7.90 23.91 -43.70
CA LEU A 10 -7.00 24.24 -42.59
C LEU A 10 -6.34 22.98 -42.01
N VAL A 11 -6.96 21.82 -42.24
CA VAL A 11 -6.39 20.54 -41.84
C VAL A 11 -5.01 20.33 -42.46
N GLY A 12 -4.04 19.97 -41.62
CA GLY A 12 -2.71 19.57 -42.09
C GLY A 12 -1.74 20.68 -42.48
N GLN A 13 -2.16 21.93 -42.36
CA GLN A 13 -1.39 23.07 -42.88
C GLN A 13 -0.63 23.81 -41.78
N HIS A 14 0.49 24.41 -42.15
CA HIS A 14 1.15 25.38 -41.29
C HIS A 14 0.27 26.63 -41.19
N ILE A 15 0.32 27.29 -40.04
CA ILE A 15 -0.39 28.56 -39.82
C ILE A 15 0.66 29.65 -39.61
N LEU A 16 1.06 30.30 -40.70
CA LEU A 16 2.26 31.12 -40.74
C LEU A 16 2.03 32.62 -40.87
N SER A 17 1.01 33.01 -41.62
CA SER A 17 0.81 34.42 -41.95
C SER A 17 -0.65 34.65 -42.29
N VAL A 18 -1.17 35.79 -41.86
CA VAL A 18 -2.58 36.12 -42.02
C VAL A 18 -3.11 36.02 -43.45
N GLN A 19 -2.28 36.36 -44.43
CA GLN A 19 -2.70 36.27 -45.83
C GLN A 19 -3.03 34.83 -46.27
N GLN A 20 -2.72 33.86 -45.41
CA GLN A 20 -3.16 32.49 -45.63
C GLN A 20 -4.66 32.28 -45.35
N PHE A 21 -5.27 33.14 -44.54
CA PHE A 21 -6.68 32.98 -44.16
C PHE A 21 -7.65 33.58 -45.18
N THR A 22 -8.79 32.91 -45.34
CA THR A 22 -9.93 33.42 -46.10
C THR A 22 -11.05 33.73 -45.11
N LYS A 23 -12.02 34.54 -45.54
CA LYS A 23 -13.19 34.89 -44.71
C LYS A 23 -14.00 33.67 -44.21
N ASP A 24 -14.28 32.74 -45.12
CA ASP A 24 -14.98 31.50 -44.78
C ASP A 24 -14.15 30.58 -43.86
N GLN A 25 -12.82 30.55 -44.05
CA GLN A 25 -11.92 29.85 -43.11
C GLN A 25 -12.05 30.45 -41.70
N MET A 26 -12.12 31.78 -41.62
CA MET A 26 -12.23 32.45 -40.33
C MET A 26 -13.60 32.29 -39.71
N SER A 27 -14.63 32.20 -40.55
CA SER A 27 -15.99 31.96 -40.08
C SER A 27 -16.15 30.56 -39.49
N HIS A 28 -15.57 29.55 -40.15
CA HIS A 28 -15.54 28.17 -39.61
C HIS A 28 -14.77 28.14 -38.28
N LEU A 29 -13.71 28.93 -38.23
CA LEU A 29 -12.81 29.06 -37.09
C LEU A 29 -13.49 29.74 -35.91
N PHE A 30 -14.20 30.83 -36.17
CA PHE A 30 -14.97 31.51 -35.10
C PHE A 30 -16.14 30.64 -34.63
N ASN A 31 -16.69 29.84 -35.54
CA ASN A 31 -17.82 28.96 -35.18
C ASN A 31 -17.39 27.78 -34.32
N VAL A 32 -16.28 27.15 -34.67
CA VAL A 32 -15.79 26.04 -33.88
C VAL A 32 -15.42 26.53 -32.47
N ALA A 33 -14.83 27.72 -32.36
CA ALA A 33 -14.54 28.29 -31.04
C ALA A 33 -15.79 28.37 -30.15
N HIS A 34 -16.89 28.88 -30.69
CA HIS A 34 -18.15 28.96 -29.92
C HIS A 34 -18.71 27.61 -29.47
N THR A 35 -18.62 26.61 -30.33
CA THR A 35 -19.08 25.26 -30.05
C THR A 35 -18.21 24.65 -28.96
N LEU A 36 -16.90 24.72 -29.16
CA LEU A 36 -15.96 24.33 -28.11
C LEU A 36 -16.17 25.09 -26.80
N ARG A 37 -16.29 26.41 -26.84
CA ARG A 37 -16.53 27.16 -25.61
C ARG A 37 -17.78 26.67 -24.83
N MET A 38 -18.87 26.44 -25.55
CA MET A 38 -20.13 25.92 -25.01
C MET A 38 -19.93 24.55 -24.34
N MET A 39 -19.12 23.70 -24.98
CA MET A 39 -18.83 22.35 -24.53
C MET A 39 -17.85 22.34 -23.35
N VAL A 40 -17.15 23.45 -23.12
CA VAL A 40 -16.38 23.65 -21.90
C VAL A 40 -17.28 24.18 -20.79
N GLN A 41 -18.09 25.20 -21.10
CA GLN A 41 -18.94 25.87 -20.10
C GLN A 41 -19.99 24.91 -19.53
N LYS A 42 -20.40 23.93 -20.33
CA LYS A 42 -21.35 22.91 -19.89
C LYS A 42 -20.64 21.60 -19.48
N GLU A 43 -19.31 21.58 -19.63
CA GLU A 43 -18.43 20.49 -19.16
C GLU A 43 -18.72 19.16 -19.84
N ARG A 44 -18.91 19.21 -21.14
CA ARG A 44 -19.31 18.02 -21.90
C ARG A 44 -18.18 16.99 -22.10
N SER A 45 -17.18 16.99 -21.22
CA SER A 45 -16.03 16.06 -21.26
C SER A 45 -15.50 15.82 -22.68
N LEU A 46 -14.51 16.64 -23.05
CA LEU A 46 -13.92 16.60 -24.38
C LEU A 46 -12.61 15.84 -24.33
N ASP A 47 -12.50 14.80 -25.16
CA ASP A 47 -11.27 14.04 -25.30
C ASP A 47 -10.91 13.96 -26.77
N ILE A 48 -11.28 15.01 -27.50
CA ILE A 48 -11.15 15.07 -28.94
C ILE A 48 -9.70 15.08 -29.41
N LEU A 49 -8.76 15.52 -28.56
CA LEU A 49 -7.33 15.45 -28.91
C LEU A 49 -6.49 14.53 -28.00
N LYS A 50 -7.14 13.70 -27.17
CA LYS A 50 -6.41 12.58 -26.55
C LYS A 50 -5.79 11.75 -27.67
N GLY A 51 -4.54 11.34 -27.47
CA GLY A 51 -3.75 10.72 -28.54
C GLY A 51 -2.84 11.68 -29.30
N LYS A 52 -2.94 12.98 -28.98
CA LYS A 52 -2.16 13.98 -29.71
C LYS A 52 -1.29 14.76 -28.76
N VAL A 53 -0.11 15.09 -29.24
CA VAL A 53 0.88 15.86 -28.50
C VAL A 53 1.18 17.15 -29.27
N MET A 54 1.42 18.21 -28.49
CA MET A 54 1.75 19.54 -28.97
C MET A 54 3.14 19.95 -28.45
N ALA A 55 4.09 20.14 -29.36
CA ALA A 55 5.36 20.78 -29.07
C ALA A 55 5.17 22.30 -28.94
N SER A 56 5.48 22.83 -27.76
CA SER A 56 5.43 24.28 -27.56
C SER A 56 6.85 24.85 -27.52
N MET A 57 7.25 25.49 -28.61
CA MET A 57 8.62 25.96 -28.82
C MET A 57 8.74 27.49 -28.78
N PHE A 58 8.94 28.00 -27.58
CA PHE A 58 9.10 29.43 -27.36
C PHE A 58 10.58 29.79 -27.18
N TYR A 59 11.18 30.33 -28.24
CA TYR A 59 12.53 30.92 -28.15
C TYR A 59 12.47 32.35 -27.58
N GLU A 60 11.27 32.85 -27.32
CA GLU A 60 11.12 34.12 -26.61
C GLU A 60 10.21 33.89 -25.45
N VAL A 61 10.23 34.82 -24.50
CA VAL A 61 9.33 34.78 -23.34
C VAL A 61 7.86 34.95 -23.79
N SER A 62 6.94 34.52 -22.92
CA SER A 62 5.52 34.52 -23.26
C SER A 62 4.66 34.09 -22.08
N THR A 63 3.60 34.85 -21.79
CA THR A 63 2.57 34.45 -20.80
C THR A 63 1.28 33.97 -21.45
N ARG A 64 0.68 34.81 -22.32
CA ARG A 64 -0.63 34.52 -22.89
C ARG A 64 -0.62 33.47 -23.96
N THR A 65 0.31 33.62 -24.91
CA THR A 65 0.36 32.76 -26.07
C THR A 65 0.83 31.36 -25.69
N SER A 66 1.85 31.27 -24.83
CA SER A 66 2.30 29.95 -24.34
C SER A 66 1.17 29.25 -23.59
N SER A 67 0.58 29.95 -22.63
CA SER A 67 -0.44 29.34 -21.78
C SER A 67 -1.76 29.06 -22.49
N SER A 68 -2.19 29.95 -23.40
CA SER A 68 -3.45 29.74 -24.13
C SER A 68 -3.39 28.47 -24.96
N PHE A 69 -2.26 28.23 -25.61
CA PHE A 69 -2.08 26.99 -26.37
C PHE A 69 -2.06 25.75 -25.48
N ALA A 70 -1.28 25.78 -24.41
CA ALA A 70 -1.21 24.61 -23.53
C ALA A 70 -2.58 24.35 -22.90
N ALA A 71 -3.25 25.40 -22.44
CA ALA A 71 -4.61 25.29 -21.89
C ALA A 71 -5.59 24.78 -22.92
N ALA A 72 -5.52 25.35 -24.12
CA ALA A 72 -6.33 24.88 -25.22
C ALA A 72 -6.18 23.38 -25.44
N MET A 73 -4.96 22.95 -25.72
CA MET A 73 -4.68 21.52 -25.92
C MET A 73 -5.15 20.69 -24.73
N ALA A 74 -4.96 21.19 -23.51
CA ALA A 74 -5.35 20.44 -22.28
C ALA A 74 -6.85 20.23 -22.17
N ARG A 75 -7.62 21.29 -22.42
CA ARG A 75 -9.07 21.23 -22.30
C ARG A 75 -9.70 20.40 -23.43
N LEU A 76 -8.91 20.02 -24.42
CA LEU A 76 -9.34 19.09 -25.47
C LEU A 76 -8.79 17.70 -25.29
N GLY A 77 -8.03 17.49 -24.22
CA GLY A 77 -7.52 16.16 -23.88
C GLY A 77 -6.19 15.81 -24.49
N GLY A 78 -5.53 16.77 -25.15
CA GLY A 78 -4.22 16.53 -25.75
C GLY A 78 -3.08 16.75 -24.75
N ALA A 79 -1.86 16.52 -25.20
CA ALA A 79 -0.67 16.56 -24.36
C ALA A 79 0.27 17.62 -24.87
N VAL A 80 1.03 18.25 -23.97
CA VAL A 80 1.90 19.37 -24.34
C VAL A 80 3.33 19.14 -23.88
N LEU A 81 4.26 19.21 -24.81
CA LEU A 81 5.69 19.22 -24.53
C LEU A 81 6.15 20.67 -24.44
N SER A 82 6.87 21.00 -23.37
CA SER A 82 7.50 22.30 -23.22
C SER A 82 8.92 22.24 -23.75
N PHE A 83 9.28 23.20 -24.59
CA PHE A 83 10.66 23.36 -25.07
C PHE A 83 11.11 24.79 -24.80
N SER A 84 11.99 24.94 -23.82
CA SER A 84 12.64 26.21 -23.53
C SER A 84 14.06 26.17 -24.08
N GLU A 85 14.46 27.26 -24.72
CA GLU A 85 15.79 27.41 -25.28
C GLU A 85 16.89 27.13 -24.28
N ALA A 86 16.74 27.71 -23.09
CA ALA A 86 17.82 27.75 -22.10
C ALA A 86 18.17 26.39 -21.48
N THR A 87 17.32 25.38 -21.66
CA THR A 87 17.58 24.05 -21.08
C THR A 87 17.53 22.89 -22.11
N SER A 88 17.62 23.24 -23.39
CA SER A 88 17.44 22.26 -24.44
C SER A 88 18.80 21.98 -25.05
N SER A 89 18.83 21.07 -26.02
CA SER A 89 20.11 20.80 -26.72
C SER A 89 20.48 21.94 -27.67
N VAL A 90 19.80 23.08 -27.57
CA VAL A 90 20.26 24.30 -28.21
C VAL A 90 21.63 24.67 -27.61
N GLN A 91 21.80 24.37 -26.32
CA GLN A 91 23.04 24.69 -25.60
C GLN A 91 24.23 23.82 -26.00
N LYS A 92 23.97 22.74 -26.73
CA LYS A 92 25.04 21.87 -27.23
C LYS A 92 25.42 22.22 -28.66
N GLY A 93 24.64 23.10 -29.30
CA GLY A 93 24.92 23.52 -30.68
C GLY A 93 24.03 22.81 -31.67
N GLU A 94 22.72 22.88 -31.44
CA GLU A 94 21.74 22.39 -32.41
C GLU A 94 21.06 23.56 -33.13
N SER A 95 20.95 23.45 -34.46
CA SER A 95 20.29 24.49 -35.28
C SER A 95 18.77 24.57 -35.02
N LEU A 96 18.14 25.62 -35.54
CA LEU A 96 16.70 25.78 -35.41
C LEU A 96 15.94 24.72 -36.19
N ALA A 97 16.46 24.34 -37.36
CA ALA A 97 15.75 23.41 -38.22
C ALA A 97 15.76 22.00 -37.68
N ASP A 98 16.89 21.61 -37.10
CA ASP A 98 17.04 20.32 -36.42
C ASP A 98 16.17 20.22 -35.18
N SER A 99 16.10 21.30 -34.40
CA SER A 99 15.26 21.31 -33.20
C SER A 99 13.80 21.08 -33.53
N VAL A 100 13.29 21.81 -34.51
CA VAL A 100 11.88 21.75 -34.84
C VAL A 100 11.55 20.40 -35.49
N GLN A 101 12.42 19.91 -36.36
CA GLN A 101 12.22 18.59 -36.93
C GLN A 101 12.26 17.53 -35.81
N THR A 102 13.20 17.67 -34.88
CA THR A 102 13.25 16.75 -33.71
C THR A 102 11.90 16.70 -32.99
N MET A 103 11.38 17.85 -32.58
CA MET A 103 10.08 17.90 -31.87
C MET A 103 8.91 17.42 -32.73
N SER A 104 9.08 17.49 -34.06
CA SER A 104 8.11 16.91 -34.99
C SER A 104 8.30 15.40 -35.14
N CYS A 105 9.25 14.82 -34.40
CA CYS A 105 9.32 13.36 -34.26
C CYS A 105 8.42 12.85 -33.13
N TYR A 106 8.07 13.73 -32.19
CA TYR A 106 7.29 13.33 -31.01
C TYR A 106 5.91 13.94 -30.96
N ALA A 107 5.64 14.94 -31.79
CA ALA A 107 4.41 15.73 -31.66
C ALA A 107 3.73 15.88 -33.00
N ASP A 108 2.42 16.07 -32.95
CA ASP A 108 1.60 16.14 -34.16
C ASP A 108 1.44 17.59 -34.66
N VAL A 109 1.80 18.55 -33.82
CA VAL A 109 1.82 19.95 -34.22
C VAL A 109 2.88 20.69 -33.41
N VAL A 110 3.54 21.66 -34.04
CA VAL A 110 4.54 22.48 -33.39
C VAL A 110 4.06 23.92 -33.33
N VAL A 111 4.10 24.53 -32.16
CA VAL A 111 3.84 25.96 -32.00
C VAL A 111 5.19 26.61 -31.75
N LEU A 112 5.55 27.57 -32.62
CA LEU A 112 6.89 28.13 -32.66
C LEU A 112 6.91 29.64 -32.60
N ARG A 113 7.45 30.18 -31.52
CA ARG A 113 7.78 31.60 -31.42
C ARG A 113 9.31 31.77 -31.52
N HIS A 114 9.77 32.58 -32.48
CA HIS A 114 11.19 32.86 -32.64
C HIS A 114 11.41 34.39 -32.74
N PRO A 115 12.60 34.89 -32.33
CA PRO A 115 12.87 36.35 -32.43
C PRO A 115 13.30 36.85 -33.81
N GLN A 116 13.79 35.96 -34.66
CA GLN A 116 14.17 36.30 -36.03
C GLN A 116 12.98 36.25 -36.98
N PRO A 117 12.66 37.38 -37.64
CA PRO A 117 11.59 37.34 -38.64
C PRO A 117 11.93 36.37 -39.77
N GLY A 118 10.95 35.57 -40.19
CA GLY A 118 11.16 34.55 -41.21
C GLY A 118 11.46 33.15 -40.68
N ALA A 119 12.07 33.07 -39.49
CA ALA A 119 12.58 31.79 -39.00
C ALA A 119 11.48 30.74 -38.88
N VAL A 120 10.28 31.15 -38.49
CA VAL A 120 9.19 30.20 -38.33
C VAL A 120 8.79 29.57 -39.67
N GLU A 121 8.78 30.39 -40.72
CA GLU A 121 8.60 29.90 -42.09
C GLU A 121 9.84 29.10 -42.54
N LEU A 122 11.01 29.63 -42.21
CA LEU A 122 12.28 28.94 -42.47
C LEU A 122 12.19 27.50 -41.98
N ALA A 123 11.92 27.34 -40.69
CA ALA A 123 11.90 26.02 -40.03
C ALA A 123 10.79 25.11 -40.55
N ALA A 124 9.60 25.66 -40.78
CA ALA A 124 8.46 24.89 -41.27
C ALA A 124 8.74 24.16 -42.60
N LYS A 125 9.58 24.76 -43.43
CA LYS A 125 9.91 24.22 -44.76
C LYS A 125 10.22 22.72 -44.71
N HIS A 126 11.16 22.34 -43.85
CA HIS A 126 11.54 20.93 -43.68
C HIS A 126 10.83 20.33 -42.47
N CYS A 127 9.50 20.38 -42.49
CA CYS A 127 8.70 19.83 -41.39
C CYS A 127 7.43 19.14 -41.91
N ARG A 128 7.38 17.84 -41.70
CA ARG A 128 6.27 17.02 -42.20
C ARG A 128 5.02 17.10 -41.32
N ARG A 129 5.11 17.78 -40.17
CA ARG A 129 3.95 18.08 -39.33
C ARG A 129 3.72 19.58 -39.32
N PRO A 130 2.49 20.01 -39.00
CA PRO A 130 2.13 21.44 -38.97
C PRO A 130 2.85 22.27 -37.91
N VAL A 131 3.21 23.50 -38.28
CA VAL A 131 3.98 24.43 -37.46
C VAL A 131 3.16 25.70 -37.36
N ILE A 132 2.98 26.21 -36.14
CA ILE A 132 2.15 27.37 -35.91
C ILE A 132 3.01 28.55 -35.47
N ASN A 133 2.93 29.65 -36.23
CA ASN A 133 3.67 30.84 -35.90
C ASN A 133 3.00 31.56 -34.73
N ALA A 134 3.61 31.40 -33.56
CA ALA A 134 3.18 32.08 -32.34
C ALA A 134 3.94 33.40 -32.17
N GLY A 135 4.67 33.80 -33.21
CA GLY A 135 5.28 35.13 -33.33
C GLY A 135 6.73 35.01 -33.77
N ASP A 136 7.14 35.77 -34.79
CA ASP A 136 8.55 35.76 -35.18
C ASP A 136 9.11 37.17 -35.42
N GLY A 137 9.83 37.64 -34.40
CA GLY A 137 10.42 38.97 -34.42
C GLY A 137 9.39 40.06 -34.66
N VAL A 138 9.76 41.01 -35.50
CA VAL A 138 8.86 42.08 -35.96
C VAL A 138 7.97 41.67 -37.13
N GLY A 139 8.02 40.39 -37.52
CA GLY A 139 7.17 39.87 -38.56
C GLY A 139 5.72 39.77 -38.13
N GLU A 140 5.22 38.55 -37.98
CA GLU A 140 3.77 38.34 -37.82
C GLU A 140 3.37 37.51 -36.61
N HIS A 141 2.08 37.53 -36.34
CA HIS A 141 1.51 36.89 -35.18
C HIS A 141 0.07 36.55 -35.56
N PRO A 142 -0.13 35.62 -36.51
CA PRO A 142 -1.42 35.34 -37.11
C PRO A 142 -2.53 34.97 -36.14
N THR A 143 -2.23 34.14 -35.15
CA THR A 143 -3.26 33.61 -34.28
C THR A 143 -3.74 34.73 -33.38
N GLN A 144 -2.87 35.72 -33.12
CA GLN A 144 -3.32 36.91 -32.40
C GLN A 144 -4.36 37.63 -33.25
N ALA A 145 -4.01 38.02 -34.47
CA ALA A 145 -4.96 38.75 -35.34
C ALA A 145 -6.30 37.99 -35.53
N LEU A 146 -6.24 36.67 -35.64
CA LEU A 146 -7.46 35.84 -35.67
C LEU A 146 -8.34 36.09 -34.47
N LEU A 147 -7.74 36.15 -33.29
CA LEU A 147 -8.49 36.33 -32.03
C LEU A 147 -8.85 37.79 -31.77
N ASP A 148 -7.97 38.70 -32.19
CA ASP A 148 -8.27 40.13 -32.17
C ASP A 148 -9.56 40.38 -32.98
N ILE A 149 -9.60 39.82 -34.17
CA ILE A 149 -10.77 39.95 -35.05
C ILE A 149 -11.96 39.20 -34.45
N PHE A 150 -11.72 38.03 -33.86
CA PHE A 150 -12.78 37.33 -33.15
C PHE A 150 -13.42 38.18 -32.06
N THR A 151 -12.61 38.93 -31.32
CA THR A 151 -13.11 39.67 -30.17
C THR A 151 -13.86 40.94 -30.56
N ILE A 152 -13.36 41.66 -31.56
CA ILE A 152 -14.05 42.85 -32.08
C ILE A 152 -15.47 42.47 -32.39
N ARG A 153 -15.60 41.35 -33.09
CA ARG A 153 -16.88 40.78 -33.48
C ARG A 153 -17.79 40.55 -32.26
N GLU A 154 -17.22 39.84 -31.29
CA GLU A 154 -17.95 39.35 -30.13
C GLU A 154 -18.44 40.47 -29.23
N GLU A 155 -17.69 41.57 -29.17
CA GLU A 155 -18.02 42.72 -28.33
C GLU A 155 -18.97 43.69 -29.01
N LEU A 156 -18.82 43.85 -30.32
CA LEU A 156 -19.50 44.90 -31.08
C LEU A 156 -20.61 44.44 -32.05
N GLY A 157 -20.66 43.16 -32.36
CA GLY A 157 -21.72 42.63 -33.20
C GLY A 157 -21.23 42.28 -34.59
N THR A 158 -20.10 42.84 -34.95
CA THR A 158 -19.58 42.81 -36.32
C THR A 158 -18.23 43.54 -36.34
N VAL A 159 -17.47 43.30 -37.42
CA VAL A 159 -16.29 44.09 -37.78
C VAL A 159 -16.65 45.16 -38.82
N ASN A 160 -17.43 44.79 -39.83
CA ASN A 160 -17.74 45.72 -40.91
C ASN A 160 -18.30 47.07 -40.44
N GLY A 161 -17.80 48.15 -41.04
CA GLY A 161 -18.26 49.51 -40.75
C GLY A 161 -17.53 50.14 -39.58
N MET A 162 -16.49 49.47 -39.09
CA MET A 162 -15.80 49.92 -37.89
C MET A 162 -14.54 50.70 -38.26
N THR A 163 -14.15 51.59 -37.37
CA THR A 163 -12.93 52.37 -37.51
C THR A 163 -12.01 51.94 -36.37
N ILE A 164 -10.84 51.44 -36.73
CA ILE A 164 -9.93 50.82 -35.77
C ILE A 164 -8.70 51.70 -35.59
N THR A 165 -8.55 52.26 -34.39
CA THR A 165 -7.40 53.10 -34.05
C THR A 165 -6.33 52.29 -33.32
N MET A 166 -5.22 52.03 -34.03
CA MET A 166 -4.07 51.30 -33.51
C MET A 166 -3.01 52.29 -33.04
N VAL A 167 -2.75 52.29 -31.73
CA VAL A 167 -1.92 53.30 -31.06
C VAL A 167 -0.56 52.77 -30.55
N GLY A 168 0.51 53.50 -30.85
CA GLY A 168 1.85 53.26 -30.28
C GLY A 168 2.94 52.74 -31.22
N ASP A 169 3.50 51.58 -30.87
CA ASP A 169 4.64 51.02 -31.58
C ASP A 169 4.14 50.14 -32.69
N LEU A 170 3.95 50.74 -33.86
CA LEU A 170 3.39 50.02 -34.98
C LEU A 170 4.48 49.37 -35.79
N LYS A 171 5.68 49.98 -35.78
CA LYS A 171 6.82 49.42 -36.50
C LYS A 171 7.25 48.05 -35.98
N HIS A 172 7.29 47.90 -34.67
CA HIS A 172 7.69 46.63 -34.09
C HIS A 172 6.49 45.70 -33.86
N GLY A 173 5.30 46.28 -33.83
CA GLY A 173 4.08 45.56 -33.51
C GLY A 173 3.78 44.44 -34.48
N ARG A 174 4.24 43.23 -34.17
CA ARG A 174 3.96 42.07 -35.00
C ARG A 174 2.49 41.68 -35.00
N THR A 175 1.76 42.03 -33.92
CA THR A 175 0.32 41.80 -33.83
C THR A 175 -0.41 42.82 -34.70
N VAL A 176 0.02 44.07 -34.56
CA VAL A 176 -0.39 45.18 -35.40
C VAL A 176 -0.12 44.88 -36.88
N HIS A 177 1.01 44.25 -37.21
CA HIS A 177 1.26 43.87 -38.61
C HIS A 177 0.23 42.86 -39.16
N SER A 178 -0.06 41.83 -38.37
CA SER A 178 -1.05 40.81 -38.74
C SER A 178 -2.49 41.37 -38.81
N LEU A 179 -2.89 42.16 -37.82
CA LEU A 179 -4.28 42.57 -37.67
C LEU A 179 -4.68 43.54 -38.80
N ALA A 180 -3.89 44.59 -38.99
CA ALA A 180 -4.12 45.56 -40.06
C ALA A 180 -4.29 44.87 -41.42
N CYS A 181 -3.38 43.96 -41.76
CA CYS A 181 -3.48 43.19 -42.99
C CYS A 181 -4.68 42.26 -43.05
N LEU A 182 -5.01 41.59 -41.94
CA LEU A 182 -6.19 40.70 -41.94
C LEU A 182 -7.50 41.48 -42.00
N LEU A 183 -7.53 42.65 -41.38
CA LEU A 183 -8.73 43.49 -41.33
C LEU A 183 -9.21 43.92 -42.73
N THR A 184 -8.28 43.94 -43.69
CA THR A 184 -8.61 44.19 -45.09
C THR A 184 -9.49 43.10 -45.70
N GLN A 185 -9.68 42.01 -44.95
CA GLN A 185 -10.72 41.04 -45.28
C GLN A 185 -12.12 41.63 -45.11
N TYR A 186 -12.25 42.65 -44.26
CA TYR A 186 -13.55 43.27 -43.94
C TYR A 186 -13.62 44.70 -44.42
N ARG A 187 -14.80 45.32 -44.28
CA ARG A 187 -15.05 46.73 -44.66
C ARG A 187 -14.86 47.66 -43.44
N VAL A 188 -13.64 48.16 -43.28
CA VAL A 188 -13.24 48.85 -42.06
C VAL A 188 -12.35 50.01 -42.47
N SER A 189 -12.10 50.96 -41.57
CA SER A 189 -11.12 52.01 -41.80
C SER A 189 -10.05 52.09 -40.70
N LEU A 190 -8.82 52.39 -41.10
CA LEU A 190 -7.69 52.35 -40.17
C LEU A 190 -7.24 53.75 -39.78
N ARG A 191 -7.07 53.94 -38.48
CA ARG A 191 -6.38 55.12 -37.96
C ARG A 191 -5.16 54.65 -37.18
N TYR A 192 -4.01 55.28 -37.45
CA TYR A 192 -2.77 54.98 -36.75
C TYR A 192 -2.27 56.20 -35.95
N VAL A 193 -2.12 56.03 -34.65
CA VAL A 193 -1.43 57.00 -33.79
C VAL A 193 -0.09 56.40 -33.39
N ALA A 194 0.99 57.18 -33.48
CA ALA A 194 2.34 56.67 -33.23
C ALA A 194 3.38 57.81 -33.17
N PRO A 195 4.57 57.56 -32.56
CA PRO A 195 5.64 58.55 -32.69
C PRO A 195 6.32 58.47 -34.06
N PRO A 196 6.92 59.58 -34.51
CA PRO A 196 7.50 59.69 -35.86
C PRO A 196 8.33 58.49 -36.32
N SER A 197 9.06 57.89 -35.38
CA SER A 197 9.97 56.78 -35.66
C SER A 197 9.36 55.38 -35.48
N LEU A 198 8.10 55.31 -35.03
CA LEU A 198 7.42 54.03 -34.85
C LEU A 198 6.10 53.90 -35.62
N ARG A 199 5.98 54.59 -36.76
CA ARG A 199 4.84 54.38 -37.66
C ARG A 199 4.84 52.98 -38.24
N MET A 200 3.70 52.59 -38.82
CA MET A 200 3.56 51.30 -39.51
C MET A 200 4.60 51.16 -40.63
N PRO A 201 5.24 49.99 -40.75
CA PRO A 201 6.25 49.91 -41.81
C PRO A 201 5.64 50.15 -43.19
N PRO A 202 6.40 50.76 -44.12
CA PRO A 202 5.93 50.97 -45.50
C PRO A 202 5.30 49.74 -46.15
N THR A 203 5.87 48.58 -45.84
CA THR A 203 5.43 47.29 -46.35
C THR A 203 3.95 47.04 -46.12
N VAL A 204 3.54 47.31 -44.89
CA VAL A 204 2.18 47.03 -44.47
C VAL A 204 1.23 48.11 -44.98
N ARG A 205 1.68 49.36 -45.04
CA ARG A 205 0.80 50.45 -45.51
C ARG A 205 0.39 50.29 -46.98
N ALA A 206 1.31 49.78 -47.81
CA ALA A 206 1.03 49.61 -49.23
C ALA A 206 0.13 48.39 -49.49
N PHE A 207 0.37 47.30 -48.76
CA PHE A 207 -0.49 46.12 -48.85
C PHE A 207 -1.92 46.43 -48.45
N VAL A 208 -2.08 47.31 -47.47
CA VAL A 208 -3.39 47.64 -46.95
C VAL A 208 -4.12 48.54 -47.94
N ALA A 209 -3.46 49.60 -48.38
CA ALA A 209 -4.03 50.52 -49.38
C ALA A 209 -4.44 49.79 -50.64
N SER A 210 -3.61 48.85 -51.10
CA SER A 210 -3.95 48.06 -52.29
C SER A 210 -5.41 47.55 -52.30
N ARG A 211 -5.92 47.12 -51.13
CA ARG A 211 -7.22 46.46 -51.05
C ARG A 211 -8.40 47.36 -50.63
N GLY A 212 -8.19 48.67 -50.61
CA GLY A 212 -9.30 49.63 -50.47
C GLY A 212 -9.35 50.42 -49.18
N THR A 213 -8.91 49.80 -48.08
CA THR A 213 -9.07 50.34 -46.73
C THR A 213 -8.29 51.64 -46.48
N LYS A 214 -8.96 52.62 -45.83
CA LYS A 214 -8.35 53.90 -45.46
C LYS A 214 -7.33 53.78 -44.33
N GLN A 215 -6.24 54.54 -44.43
CA GLN A 215 -5.27 54.64 -43.36
C GLN A 215 -4.93 56.11 -43.17
N GLU A 216 -5.27 56.69 -42.01
CA GLU A 216 -4.77 58.03 -41.66
C GLU A 216 -4.03 58.02 -40.33
N GLU A 217 -3.03 58.90 -40.22
CA GLU A 217 -2.30 59.07 -38.95
C GLU A 217 -2.92 60.24 -38.19
N PHE A 218 -3.02 60.07 -36.88
CA PHE A 218 -3.60 61.07 -35.98
C PHE A 218 -2.55 61.39 -34.95
N GLU A 219 -2.52 62.64 -34.49
CA GLU A 219 -1.44 63.07 -33.62
C GLU A 219 -1.60 62.65 -32.16
N SER A 220 -2.80 62.28 -31.75
CA SER A 220 -3.00 61.71 -30.40
C SER A 220 -4.28 60.89 -30.30
N ILE A 221 -4.46 60.24 -29.16
CA ILE A 221 -5.60 59.34 -28.95
C ILE A 221 -6.90 60.14 -28.91
N GLU A 222 -6.92 61.22 -28.13
CA GLU A 222 -8.12 62.05 -28.02
C GLU A 222 -8.52 62.71 -29.35
N GLU A 223 -7.55 62.96 -30.23
CA GLU A 223 -7.85 63.45 -31.59
C GLU A 223 -8.50 62.38 -32.46
N ALA A 224 -8.20 61.12 -32.16
CA ALA A 224 -8.68 59.99 -32.95
C ALA A 224 -9.89 59.32 -32.34
N LEU A 225 -10.20 59.67 -31.08
CA LEU A 225 -11.10 58.87 -30.26
C LEU A 225 -12.61 58.99 -30.54
N PRO A 226 -13.08 60.21 -30.92
CA PRO A 226 -14.51 60.39 -31.12
C PRO A 226 -15.12 59.48 -32.20
N ASP A 227 -14.40 59.26 -33.29
CA ASP A 227 -14.90 58.43 -34.38
C ASP A 227 -14.35 56.97 -34.34
N THR A 228 -13.91 56.51 -33.16
CA THR A 228 -13.31 55.17 -33.02
C THR A 228 -14.27 54.15 -32.45
N ASP A 229 -14.29 52.96 -33.06
CA ASP A 229 -15.06 51.81 -32.55
C ASP A 229 -14.14 50.77 -31.86
N VAL A 230 -12.92 50.64 -32.37
CA VAL A 230 -11.95 49.80 -31.72
C VAL A 230 -10.65 50.57 -31.53
N LEU A 231 -10.38 50.99 -30.30
CA LEU A 231 -9.08 51.51 -29.91
C LEU A 231 -8.13 50.39 -29.46
N TYR A 232 -7.19 50.01 -30.33
CA TYR A 232 -6.25 48.92 -30.06
C TYR A 232 -4.88 49.47 -29.60
N MET A 233 -4.66 49.45 -28.29
CA MET A 233 -3.43 49.94 -27.70
C MET A 233 -2.34 48.88 -27.87
N THR A 234 -1.08 49.30 -28.07
CA THR A 234 0.04 48.39 -28.00
C THR A 234 1.09 48.91 -27.01
N ARG A 235 2.02 48.02 -26.68
CA ARG A 235 3.16 48.28 -25.79
C ARG A 235 4.33 48.82 -26.60
N ILE A 236 5.19 49.63 -25.98
CA ILE A 236 6.48 49.99 -26.60
C ILE A 236 7.46 48.83 -26.40
N GLN A 237 7.91 48.24 -27.50
CA GLN A 237 8.62 46.96 -27.49
C GLN A 237 10.10 47.09 -27.06
N LYS A 238 10.31 47.48 -25.81
CA LYS A 238 11.65 47.63 -25.19
C LYS A 238 12.78 46.88 -25.90
N GLU A 239 12.66 45.56 -25.98
CA GLU A 239 13.72 44.67 -26.47
C GLU A 239 14.08 44.85 -27.95
N ARG A 240 13.25 45.57 -28.69
CA ARG A 240 13.50 45.91 -30.10
C ARG A 240 14.45 47.10 -30.31
N PHE A 241 14.68 47.91 -29.27
CA PHE A 241 15.49 49.13 -29.37
C PHE A 241 16.96 48.90 -29.04
N GLY A 242 17.85 49.51 -29.82
CA GLY A 242 19.30 49.36 -29.63
C GLY A 242 19.83 50.13 -28.43
N SER A 243 19.57 51.44 -28.43
CA SER A 243 19.91 52.27 -27.27
C SER A 243 18.69 52.46 -26.38
N THR A 244 18.94 52.65 -25.08
CA THR A 244 17.89 52.96 -24.11
C THR A 244 17.46 54.43 -24.22
N GLN A 245 18.26 55.23 -24.90
CA GLN A 245 17.92 56.62 -25.26
C GLN A 245 16.74 56.65 -26.23
N GLU A 246 16.81 55.78 -27.25
CA GLU A 246 15.74 55.66 -28.24
C GLU A 246 14.45 55.11 -27.63
N TYR A 247 14.57 54.11 -26.75
CA TYR A 247 13.40 53.48 -26.12
C TYR A 247 12.63 54.47 -25.25
N GLU A 248 13.37 55.09 -24.33
CA GLU A 248 12.83 56.05 -23.38
C GLU A 248 12.30 57.29 -24.06
N ALA A 249 12.88 57.59 -25.23
CA ALA A 249 12.39 58.65 -26.10
C ALA A 249 10.92 58.41 -26.48
N CYS A 250 10.60 57.17 -26.87
CA CYS A 250 9.26 56.79 -27.33
C CYS A 250 8.29 56.33 -26.23
N PHE A 251 8.74 56.30 -24.99
CA PHE A 251 8.01 55.65 -23.90
C PHE A 251 7.13 56.62 -23.15
N GLY A 252 5.86 56.23 -22.92
CA GLY A 252 4.94 57.02 -22.11
C GLY A 252 4.23 58.14 -22.84
N GLN A 253 4.49 58.25 -24.14
CA GLN A 253 3.87 59.28 -24.97
C GLN A 253 2.37 59.11 -24.89
N PHE A 254 1.88 57.92 -25.21
CA PHE A 254 0.46 57.62 -25.19
C PHE A 254 0.06 56.82 -23.97
N ILE A 255 -0.77 57.42 -23.13
CA ILE A 255 -1.39 56.71 -22.02
C ILE A 255 -2.91 56.96 -22.03
N LEU A 256 -3.69 55.88 -22.07
CA LEU A 256 -5.13 55.94 -22.00
C LEU A 256 -5.56 55.98 -20.54
N THR A 257 -6.41 56.95 -20.22
CA THR A 257 -6.81 57.31 -18.88
C THR A 257 -8.34 57.35 -18.79
N PRO A 258 -8.89 57.48 -17.57
CA PRO A 258 -10.31 57.77 -17.48
C PRO A 258 -10.70 59.09 -18.15
N HIS A 259 -9.87 60.12 -18.01
CA HIS A 259 -10.20 61.46 -18.54
C HIS A 259 -10.33 61.45 -20.05
N ILE A 260 -9.33 60.89 -20.73
CA ILE A 260 -9.37 60.69 -22.18
C ILE A 260 -10.58 59.83 -22.61
N MET A 261 -10.95 58.85 -21.77
CA MET A 261 -12.03 57.91 -22.09
C MET A 261 -13.45 58.46 -21.95
N THR A 262 -13.60 59.63 -21.33
CA THR A 262 -14.92 60.29 -21.24
C THR A 262 -15.35 60.77 -22.63
N ARG A 263 -14.40 60.84 -23.56
CA ARG A 263 -14.66 61.37 -24.89
C ARG A 263 -14.72 60.31 -25.97
N ALA A 264 -14.87 59.05 -25.58
CA ALA A 264 -14.97 57.95 -26.54
C ALA A 264 -16.41 57.57 -26.82
N LYS A 265 -16.62 56.82 -27.90
CA LYS A 265 -17.92 56.20 -28.16
C LYS A 265 -18.40 55.38 -26.98
N LYS A 266 -19.71 55.39 -26.76
CA LYS A 266 -20.33 54.52 -25.77
C LYS A 266 -20.18 53.05 -26.21
N LYS A 267 -20.59 52.76 -27.44
CA LYS A 267 -20.40 51.43 -28.04
C LYS A 267 -19.00 51.27 -28.66
N MET A 268 -18.04 50.96 -27.81
CA MET A 268 -16.63 50.99 -28.15
C MET A 268 -15.85 50.06 -27.23
N VAL A 269 -14.86 49.38 -27.78
CA VAL A 269 -13.96 48.56 -26.95
C VAL A 269 -12.55 49.11 -26.96
N VAL A 270 -11.87 48.99 -25.81
CA VAL A 270 -10.42 49.16 -25.81
C VAL A 270 -9.76 47.77 -25.72
N MET A 271 -8.93 47.48 -26.70
CA MET A 271 -8.24 46.21 -26.77
C MET A 271 -6.74 46.48 -26.67
N HIS A 272 -6.03 45.48 -26.16
CA HIS A 272 -4.58 45.51 -26.02
C HIS A 272 -4.10 44.05 -26.03
N PRO A 273 -3.08 43.70 -26.83
CA PRO A 273 -2.73 42.31 -26.94
C PRO A 273 -1.92 41.80 -25.75
N MET A 274 -1.14 42.70 -25.14
CA MET A 274 -0.54 42.58 -23.82
C MET A 274 0.85 42.01 -23.98
N PRO A 275 1.70 42.13 -22.94
CA PRO A 275 1.47 42.85 -21.70
C PRO A 275 1.46 44.36 -21.87
N ARG A 276 0.81 45.03 -20.94
CA ARG A 276 0.85 46.49 -20.85
C ARG A 276 1.84 46.89 -19.77
N VAL A 277 2.49 48.05 -19.96
CA VAL A 277 3.49 48.57 -19.03
C VAL A 277 2.91 49.76 -18.27
N ASN A 278 2.56 50.82 -18.99
CA ASN A 278 1.93 52.01 -18.41
C ASN A 278 1.03 52.77 -19.39
N GLU A 279 0.67 52.12 -20.50
CA GLU A 279 0.03 52.82 -21.61
C GLU A 279 -1.49 52.82 -21.46
N ILE A 280 -2.02 51.90 -20.65
CA ILE A 280 -3.41 51.96 -20.20
C ILE A 280 -3.37 52.02 -18.68
N SER A 281 -3.80 53.16 -18.12
CA SER A 281 -3.92 53.29 -16.66
C SER A 281 -4.74 52.15 -16.08
N VAL A 282 -4.34 51.66 -14.90
CA VAL A 282 -5.05 50.57 -14.22
C VAL A 282 -6.53 50.88 -14.01
N GLU A 283 -6.85 52.14 -13.70
CA GLU A 283 -8.23 52.56 -13.43
C GLU A 283 -9.19 52.38 -14.61
N VAL A 284 -8.66 52.15 -15.80
CA VAL A 284 -9.52 51.83 -16.95
C VAL A 284 -10.17 50.44 -16.79
N ASP A 285 -9.39 49.45 -16.32
CA ASP A 285 -9.91 48.08 -16.11
C ASP A 285 -11.41 48.04 -15.74
N SER A 286 -11.85 48.93 -14.85
CA SER A 286 -13.24 48.93 -14.35
C SER A 286 -14.33 49.32 -15.37
N ASP A 287 -13.93 49.80 -16.55
CA ASP A 287 -14.84 50.30 -17.57
C ASP A 287 -15.27 49.13 -18.47
N PRO A 288 -16.59 48.94 -18.68
CA PRO A 288 -17.06 47.77 -19.44
C PRO A 288 -16.52 47.70 -20.87
N ARG A 289 -16.14 48.86 -21.40
CA ARG A 289 -15.51 48.99 -22.70
C ARG A 289 -14.11 48.43 -22.77
N ALA A 290 -13.46 48.25 -21.61
CA ALA A 290 -12.12 47.67 -21.55
C ALA A 290 -12.14 46.16 -21.83
N ALA A 291 -11.82 45.79 -23.07
CA ALA A 291 -11.97 44.40 -23.52
C ALA A 291 -10.69 43.54 -23.43
N TYR A 292 -9.60 44.12 -22.93
CA TYR A 292 -8.28 43.45 -22.96
C TYR A 292 -8.17 42.14 -22.15
N PHE A 293 -8.88 42.01 -21.03
CA PHE A 293 -8.87 40.72 -20.34
C PHE A 293 -9.83 39.70 -20.90
N ARG A 294 -10.91 40.15 -21.54
CA ARG A 294 -11.79 39.21 -22.25
C ARG A 294 -11.13 38.68 -23.52
N GLN A 295 -10.40 39.57 -24.19
CA GLN A 295 -9.57 39.25 -25.36
C GLN A 295 -8.70 38.01 -25.12
N ALA A 296 -8.00 37.98 -23.99
CA ALA A 296 -7.09 36.85 -23.68
C ALA A 296 -7.84 35.54 -23.53
N GLU A 297 -8.90 35.54 -22.72
CA GLU A 297 -9.74 34.36 -22.53
C GLU A 297 -10.29 33.79 -23.84
N ASN A 298 -10.72 34.69 -24.74
CA ASN A 298 -11.15 34.30 -26.08
C ASN A 298 -10.01 33.64 -26.83
N GLY A 299 -8.79 34.07 -26.50
CA GLY A 299 -7.59 33.55 -27.11
C GLY A 299 -7.46 32.06 -26.98
N MET A 300 -7.92 31.55 -25.84
CA MET A 300 -7.87 30.13 -25.58
C MET A 300 -8.87 29.38 -26.43
N TYR A 301 -10.08 29.91 -26.54
CA TYR A 301 -11.09 29.28 -27.37
C TYR A 301 -10.74 29.33 -28.86
N ILE A 302 -10.18 30.45 -29.32
CA ILE A 302 -9.73 30.54 -30.72
C ILE A 302 -8.63 29.52 -30.99
N ARG A 303 -7.68 29.47 -30.07
CA ARG A 303 -6.60 28.49 -30.14
C ARG A 303 -7.07 27.04 -30.04
N MET A 304 -8.09 26.79 -29.21
CA MET A 304 -8.76 25.49 -29.18
C MET A 304 -9.35 25.10 -30.54
N ALA A 305 -10.08 26.03 -31.15
CA ALA A 305 -10.63 25.79 -32.48
C ALA A 305 -9.55 25.49 -33.48
N LEU A 306 -8.47 26.24 -33.39
CA LEU A 306 -7.37 26.17 -34.35
C LEU A 306 -6.70 24.80 -34.37
N LEU A 307 -6.44 24.25 -33.18
CA LEU A 307 -5.76 22.97 -33.05
C LEU A 307 -6.66 21.84 -33.51
N ALA A 308 -7.89 21.89 -33.03
CA ALA A 308 -8.92 20.96 -33.45
C ALA A 308 -8.99 20.92 -34.96
N THR A 309 -9.07 22.11 -35.57
CA THR A 309 -9.24 22.20 -37.02
C THR A 309 -8.01 21.71 -37.79
N VAL A 310 -6.82 22.19 -37.43
CA VAL A 310 -5.59 21.82 -38.15
C VAL A 310 -5.27 20.33 -37.99
N LEU A 311 -5.72 19.74 -36.89
CA LEU A 311 -5.46 18.32 -36.64
C LEU A 311 -6.59 17.40 -37.11
N GLY A 312 -7.39 17.87 -38.07
CA GLY A 312 -8.44 17.06 -38.68
C GLY A 312 -9.65 16.81 -37.81
N ARG A 313 -9.68 17.42 -36.63
CA ARG A 313 -10.55 16.97 -35.54
C ARG A 313 -11.80 17.82 -35.33
N PHE A 314 -12.02 18.80 -36.21
CA PHE A 314 -13.22 19.63 -36.18
C PHE A 314 -13.23 20.61 -37.36
N SER B 9 -18.34 24.59 1.75
CA SER B 9 -17.84 25.95 2.17
C SER B 9 -16.40 26.28 1.71
N LEU B 10 -15.61 25.26 1.39
CA LEU B 10 -14.30 25.45 0.75
C LEU B 10 -14.42 25.78 -0.74
N VAL B 11 -15.63 25.66 -1.30
CA VAL B 11 -15.85 25.89 -2.73
C VAL B 11 -15.43 27.30 -3.14
N GLY B 12 -14.56 27.38 -4.14
CA GLY B 12 -14.18 28.62 -4.80
C GLY B 12 -13.60 29.72 -3.92
N GLN B 13 -13.08 29.36 -2.76
CA GLN B 13 -12.55 30.34 -1.82
C GLN B 13 -11.04 30.47 -2.00
N HIS B 14 -10.52 31.68 -1.77
CA HIS B 14 -9.09 31.92 -1.76
C HIS B 14 -8.45 31.23 -0.55
N ILE B 15 -7.32 30.56 -0.77
CA ILE B 15 -6.59 29.91 0.33
C ILE B 15 -5.33 30.72 0.61
N LEU B 16 -5.46 31.63 1.57
CA LEU B 16 -4.50 32.68 1.80
C LEU B 16 -3.79 32.55 3.14
N SER B 17 -4.56 32.48 4.21
CA SER B 17 -4.00 32.49 5.56
C SER B 17 -4.52 31.32 6.36
N VAL B 18 -3.71 30.81 7.28
CA VAL B 18 -4.18 29.81 8.22
C VAL B 18 -5.33 30.30 9.12
N GLN B 19 -5.50 31.62 9.25
CA GLN B 19 -6.59 32.19 10.05
C GLN B 19 -7.98 32.05 9.42
N GLN B 20 -8.06 31.63 8.16
CA GLN B 20 -9.39 31.45 7.57
C GLN B 20 -9.99 30.08 7.92
N PHE B 21 -9.13 29.08 8.16
CA PHE B 21 -9.59 27.71 8.42
C PHE B 21 -10.37 27.53 9.73
N THR B 22 -11.18 26.47 9.78
CA THR B 22 -11.85 26.04 11.02
C THR B 22 -11.58 24.56 11.26
N LYS B 23 -11.88 24.09 12.47
CA LYS B 23 -11.71 22.66 12.84
C LYS B 23 -12.44 21.73 11.88
N ASP B 24 -13.70 22.06 11.58
CA ASP B 24 -14.54 21.24 10.69
C ASP B 24 -14.06 21.26 9.24
N GLN B 25 -13.43 22.37 8.83
CA GLN B 25 -12.86 22.45 7.48
C GLN B 25 -11.66 21.51 7.39
N MET B 26 -10.84 21.50 8.43
CA MET B 26 -9.65 20.65 8.50
C MET B 26 -10.02 19.19 8.58
N SER B 27 -10.89 18.87 9.53
CA SER B 27 -11.35 17.50 9.73
C SER B 27 -11.91 16.94 8.44
N HIS B 28 -12.79 17.70 7.79
CA HIS B 28 -13.37 17.31 6.50
C HIS B 28 -12.25 17.06 5.49
N LEU B 29 -11.34 18.03 5.37
CA LEU B 29 -10.21 17.94 4.44
C LEU B 29 -9.29 16.74 4.66
N PHE B 30 -9.04 16.38 5.90
CA PHE B 30 -8.22 15.19 6.16
C PHE B 30 -9.06 13.96 5.79
N ASN B 31 -10.35 14.01 6.08
CA ASN B 31 -11.24 12.98 5.55
C ASN B 31 -11.11 12.85 4.02
N VAL B 32 -11.04 13.97 3.31
CA VAL B 32 -10.89 13.89 1.86
C VAL B 32 -9.50 13.34 1.45
N ALA B 33 -8.43 13.74 2.11
CA ALA B 33 -7.10 13.17 1.80
C ALA B 33 -7.13 11.64 1.85
N HIS B 34 -7.80 11.08 2.85
CA HIS B 34 -7.77 9.62 3.08
C HIS B 34 -8.48 8.86 1.98
N THR B 35 -9.64 9.38 1.62
CA THR B 35 -10.44 8.82 0.56
C THR B 35 -9.61 8.81 -0.73
N LEU B 36 -9.05 9.97 -1.11
CA LEU B 36 -8.29 10.03 -2.36
C LEU B 36 -7.09 9.08 -2.32
N ARG B 37 -6.33 9.10 -1.23
CA ARG B 37 -5.23 8.15 -1.09
C ARG B 37 -5.64 6.68 -1.27
N MET B 38 -6.74 6.28 -0.66
CA MET B 38 -7.27 4.92 -0.79
C MET B 38 -7.48 4.49 -2.25
N MET B 39 -8.01 5.42 -3.06
CA MET B 39 -8.33 5.12 -4.46
C MET B 39 -7.10 5.14 -5.34
N VAL B 40 -6.12 5.98 -4.99
CA VAL B 40 -4.86 6.01 -5.73
C VAL B 40 -4.18 4.65 -5.55
N GLN B 41 -4.19 4.13 -4.31
CA GLN B 41 -3.62 2.82 -4.00
C GLN B 41 -4.40 1.71 -4.73
N LYS B 42 -5.72 1.82 -4.72
CA LYS B 42 -6.58 0.83 -5.37
C LYS B 42 -6.51 0.91 -6.90
N GLU B 43 -5.81 1.93 -7.40
CA GLU B 43 -5.72 2.22 -8.84
C GLU B 43 -7.13 2.43 -9.39
N ARG B 44 -7.99 2.97 -8.53
CA ARG B 44 -9.36 3.25 -8.90
C ARG B 44 -9.35 4.50 -9.73
N SER B 45 -9.74 4.39 -11.00
CA SER B 45 -9.85 5.53 -11.89
C SER B 45 -10.29 6.79 -11.15
N LEU B 46 -9.58 7.89 -11.39
CA LEU B 46 -9.96 9.19 -10.88
C LEU B 46 -9.97 10.24 -12.00
N ASP B 47 -11.17 10.62 -12.43
CA ASP B 47 -11.40 11.67 -13.42
C ASP B 47 -12.24 12.78 -12.80
N ILE B 48 -12.02 13.03 -11.52
CA ILE B 48 -12.81 14.01 -10.80
C ILE B 48 -12.51 15.43 -11.30
N LEU B 49 -11.24 15.70 -11.63
CA LEU B 49 -10.84 17.00 -12.16
C LEU B 49 -10.55 16.97 -13.65
N LYS B 50 -11.08 15.97 -14.36
CA LYS B 50 -10.98 15.96 -15.80
C LYS B 50 -11.66 17.25 -16.28
N GLY B 51 -10.95 18.02 -17.10
CA GLY B 51 -11.46 19.26 -17.63
C GLY B 51 -10.67 20.43 -17.11
N LYS B 52 -10.37 20.40 -15.82
CA LYS B 52 -9.94 21.59 -15.10
C LYS B 52 -8.45 21.77 -15.18
N VAL B 53 -8.04 23.01 -15.06
CA VAL B 53 -6.66 23.38 -15.27
C VAL B 53 -6.24 24.31 -14.14
N MET B 54 -5.04 24.05 -13.61
CA MET B 54 -4.41 24.79 -12.53
C MET B 54 -3.26 25.61 -13.11
N ALA B 55 -3.21 26.89 -12.74
CA ALA B 55 -2.06 27.74 -13.00
C ALA B 55 -1.11 27.56 -11.83
N SER B 56 0.09 27.06 -12.12
CA SER B 56 1.13 26.93 -11.10
C SER B 56 2.14 28.05 -11.26
N MET B 57 2.03 29.07 -10.40
CA MET B 57 2.79 30.33 -10.55
C MET B 57 3.83 30.55 -9.46
N PHE B 58 5.04 30.07 -9.72
CA PHE B 58 6.12 30.10 -8.74
C PHE B 58 7.18 31.14 -9.05
N TYR B 59 7.12 32.26 -8.32
CA TYR B 59 8.07 33.36 -8.43
C TYR B 59 9.28 33.13 -7.54
N GLU B 60 9.28 31.99 -6.83
CA GLU B 60 10.42 31.50 -6.08
C GLU B 60 10.68 30.05 -6.40
N VAL B 61 11.91 29.62 -6.15
CA VAL B 61 12.27 28.21 -6.27
C VAL B 61 11.30 27.29 -5.47
N SER B 62 11.10 26.08 -5.98
CA SER B 62 10.29 25.09 -5.27
C SER B 62 10.49 23.74 -5.87
N THR B 63 10.51 22.72 -5.02
CA THR B 63 10.47 21.33 -5.47
C THR B 63 9.25 20.63 -4.93
N ARG B 64 9.06 20.65 -3.61
CA ARG B 64 7.94 19.93 -2.99
C ARG B 64 6.55 20.59 -3.17
N THR B 65 6.43 21.89 -2.87
CA THR B 65 5.12 22.52 -2.95
C THR B 65 4.68 22.55 -4.43
N SER B 66 5.63 22.83 -5.32
CA SER B 66 5.39 22.89 -6.76
C SER B 66 5.04 21.52 -7.35
N SER B 67 5.80 20.48 -6.99
CA SER B 67 5.61 19.19 -7.63
C SER B 67 4.47 18.36 -7.02
N SER B 68 4.11 18.62 -5.76
CA SER B 68 2.98 17.95 -5.09
C SER B 68 1.62 18.56 -5.45
N PHE B 69 1.59 19.84 -5.80
CA PHE B 69 0.39 20.41 -6.46
C PHE B 69 0.22 19.87 -7.86
N ALA B 70 1.30 19.89 -8.64
CA ALA B 70 1.26 19.33 -9.99
C ALA B 70 0.86 17.85 -10.02
N ALA B 71 1.35 17.09 -9.04
CA ALA B 71 1.06 15.64 -8.94
C ALA B 71 -0.38 15.39 -8.59
N ALA B 72 -0.94 16.25 -7.74
CA ALA B 72 -2.30 16.12 -7.27
C ALA B 72 -3.31 16.41 -8.37
N MET B 73 -3.10 17.53 -9.04
CA MET B 73 -3.94 17.89 -10.18
C MET B 73 -3.94 16.71 -11.17
N ALA B 74 -2.75 16.19 -11.47
CA ALA B 74 -2.59 15.13 -12.46
C ALA B 74 -3.20 13.78 -12.04
N ARG B 75 -3.13 13.45 -10.76
CA ARG B 75 -3.74 12.22 -10.25
C ARG B 75 -5.27 12.32 -10.11
N LEU B 76 -5.79 13.55 -10.14
CA LEU B 76 -7.24 13.75 -10.17
C LEU B 76 -7.81 13.92 -11.58
N GLY B 77 -6.95 13.91 -12.60
CA GLY B 77 -7.37 14.08 -13.99
C GLY B 77 -7.18 15.50 -14.52
N GLY B 78 -6.78 16.42 -13.65
CA GLY B 78 -6.60 17.81 -14.07
C GLY B 78 -5.41 18.00 -14.99
N ALA B 79 -5.16 19.24 -15.38
CA ALA B 79 -3.99 19.60 -16.15
C ALA B 79 -3.34 20.77 -15.47
N VAL B 80 -2.06 20.97 -15.76
CA VAL B 80 -1.26 21.96 -15.09
C VAL B 80 -0.65 22.89 -16.13
N LEU B 81 -0.80 24.19 -15.91
CA LEU B 81 -0.07 25.20 -16.67
C LEU B 81 1.03 25.77 -15.78
N SER B 82 2.27 25.67 -16.25
CA SER B 82 3.43 26.12 -15.50
C SER B 82 3.91 27.50 -15.93
N PHE B 83 4.09 28.37 -14.94
CA PHE B 83 4.49 29.75 -15.16
C PHE B 83 5.80 30.02 -14.43
N SER B 84 6.87 30.19 -15.19
CA SER B 84 8.18 30.59 -14.64
C SER B 84 8.46 32.05 -15.00
N GLU B 85 8.95 32.80 -14.02
CA GLU B 85 9.24 34.22 -14.19
C GLU B 85 10.22 34.49 -15.32
N ALA B 86 11.28 33.69 -15.38
CA ALA B 86 12.40 34.00 -16.29
C ALA B 86 12.00 33.95 -17.76
N THR B 87 10.98 33.15 -18.10
CA THR B 87 10.59 32.96 -19.50
C THR B 87 9.18 33.46 -19.81
N SER B 88 8.65 34.32 -18.95
CA SER B 88 7.29 34.79 -19.14
C SER B 88 7.34 36.26 -19.53
N SER B 89 6.18 36.79 -19.87
CA SER B 89 6.04 38.20 -20.25
C SER B 89 6.18 39.14 -19.06
N VAL B 90 6.53 38.61 -17.88
CA VAL B 90 7.04 39.45 -16.80
C VAL B 90 8.34 40.10 -17.30
N GLN B 91 9.09 39.39 -18.13
CA GLN B 91 10.28 39.97 -18.79
C GLN B 91 9.98 41.05 -19.83
N LYS B 92 8.70 41.34 -20.05
CA LYS B 92 8.30 42.51 -20.83
C LYS B 92 7.80 43.64 -19.91
N GLY B 93 7.81 43.38 -18.60
CA GLY B 93 7.48 44.42 -17.59
C GLY B 93 6.20 44.16 -16.80
N GLU B 94 5.47 43.12 -17.17
CA GLU B 94 4.12 42.90 -16.65
C GLU B 94 4.04 42.78 -15.13
N SER B 95 3.00 43.39 -14.56
CA SER B 95 2.79 43.40 -13.12
C SER B 95 2.29 42.04 -12.65
N LEU B 96 2.35 41.80 -11.36
CA LEU B 96 1.85 40.55 -10.77
C LEU B 96 0.35 40.46 -10.93
N ALA B 97 -0.33 41.55 -10.56
CA ALA B 97 -1.77 41.67 -10.73
C ALA B 97 -2.21 41.30 -12.15
N ASP B 98 -1.47 41.77 -13.15
CA ASP B 98 -1.80 41.51 -14.55
C ASP B 98 -1.43 40.08 -14.97
N SER B 99 -0.36 39.53 -14.40
CA SER B 99 0.04 38.17 -14.70
C SER B 99 -0.95 37.17 -14.10
N VAL B 100 -1.50 37.49 -12.94
CA VAL B 100 -2.41 36.60 -12.23
C VAL B 100 -3.83 36.72 -12.74
N GLN B 101 -4.25 37.92 -13.11
CA GLN B 101 -5.52 38.09 -13.77
C GLN B 101 -5.48 37.37 -15.12
N THR B 102 -4.32 37.37 -15.76
CA THR B 102 -4.14 36.68 -17.05
C THR B 102 -4.28 35.18 -16.92
N MET B 103 -3.55 34.58 -15.97
CA MET B 103 -3.57 33.13 -15.81
C MET B 103 -4.96 32.67 -15.42
N SER B 104 -5.72 33.51 -14.71
CA SER B 104 -7.09 33.18 -14.33
C SER B 104 -8.09 33.23 -15.48
N CYS B 105 -7.64 33.61 -16.68
CA CYS B 105 -8.43 33.47 -17.89
C CYS B 105 -8.35 32.04 -18.42
N TYR B 106 -7.25 31.36 -18.14
CA TYR B 106 -7.03 30.00 -18.61
C TYR B 106 -7.31 28.93 -17.56
N ALA B 107 -7.19 29.29 -16.28
CA ALA B 107 -7.23 28.27 -15.22
C ALA B 107 -8.42 28.40 -14.29
N ASP B 108 -8.78 27.26 -13.72
CA ASP B 108 -9.84 27.19 -12.73
C ASP B 108 -9.33 27.55 -11.33
N VAL B 109 -8.04 27.35 -11.09
CA VAL B 109 -7.44 27.68 -9.80
C VAL B 109 -6.01 28.14 -10.03
N VAL B 110 -5.56 29.10 -9.23
CA VAL B 110 -4.19 29.57 -9.29
C VAL B 110 -3.41 29.18 -8.03
N VAL B 111 -2.19 28.70 -8.22
CA VAL B 111 -1.27 28.44 -7.10
C VAL B 111 -0.08 29.36 -7.24
N LEU B 112 0.11 30.22 -6.24
CA LEU B 112 1.01 31.33 -6.33
C LEU B 112 1.99 31.38 -5.15
N ARG B 113 3.28 31.22 -5.45
CA ARG B 113 4.36 31.46 -4.49
C ARG B 113 5.17 32.71 -4.90
N HIS B 114 5.20 33.70 -4.01
CA HIS B 114 5.87 34.97 -4.27
C HIS B 114 6.79 35.39 -3.10
N PRO B 115 7.93 36.05 -3.38
CA PRO B 115 8.88 36.52 -2.32
C PRO B 115 8.38 37.57 -1.33
N GLN B 116 7.34 38.31 -1.69
CA GLN B 116 6.91 39.48 -0.94
C GLN B 116 5.70 39.13 -0.07
N PRO B 117 5.80 39.35 1.27
CA PRO B 117 4.62 39.13 2.12
C PRO B 117 3.48 40.06 1.72
N GLY B 118 2.26 39.52 1.68
CA GLY B 118 1.08 40.32 1.32
C GLY B 118 0.73 40.33 -0.17
N ALA B 119 1.71 40.03 -1.03
CA ALA B 119 1.52 40.12 -2.47
C ALA B 119 0.57 39.04 -3.02
N VAL B 120 0.49 37.90 -2.33
CA VAL B 120 -0.40 36.82 -2.74
C VAL B 120 -1.86 37.18 -2.45
N GLU B 121 -2.11 37.74 -1.27
CA GLU B 121 -3.44 38.26 -0.92
C GLU B 121 -3.82 39.50 -1.74
N LEU B 122 -2.81 40.29 -2.15
CA LEU B 122 -3.01 41.44 -3.04
C LEU B 122 -3.38 40.98 -4.45
N ALA B 123 -2.64 40.01 -4.98
CA ALA B 123 -2.93 39.45 -6.30
C ALA B 123 -4.28 38.72 -6.32
N ALA B 124 -4.73 38.23 -5.17
CA ALA B 124 -6.03 37.55 -5.07
C ALA B 124 -7.24 38.49 -5.22
N LYS B 125 -7.01 39.80 -5.12
CA LYS B 125 -8.06 40.80 -5.23
C LYS B 125 -8.72 40.79 -6.61
N HIS B 126 -7.90 40.86 -7.66
CA HIS B 126 -8.39 40.98 -9.03
C HIS B 126 -8.27 39.64 -9.74
N CYS B 127 -8.82 38.65 -9.06
CA CYS B 127 -8.88 37.28 -9.53
C CYS B 127 -10.26 36.72 -9.17
N ARG B 128 -11.06 36.51 -10.20
CA ARG B 128 -12.35 35.83 -10.07
C ARG B 128 -12.20 34.39 -9.60
N ARG B 129 -11.06 33.77 -9.89
CA ARG B 129 -10.80 32.37 -9.54
C ARG B 129 -10.04 32.24 -8.20
N PRO B 130 -10.21 31.09 -7.51
CA PRO B 130 -9.50 30.88 -6.25
C PRO B 130 -7.99 30.83 -6.45
N VAL B 131 -7.27 31.58 -5.62
CA VAL B 131 -5.82 31.62 -5.63
C VAL B 131 -5.33 30.96 -4.33
N ILE B 132 -4.40 30.01 -4.45
CA ILE B 132 -3.86 29.34 -3.27
C ILE B 132 -2.45 29.83 -2.97
N ASN B 133 -2.30 30.46 -1.81
CA ASN B 133 -1.01 30.92 -1.35
C ASN B 133 -0.11 29.71 -1.18
N ALA B 134 0.84 29.53 -2.10
CA ALA B 134 1.84 28.47 -2.03
C ALA B 134 3.07 28.89 -1.23
N GLY B 135 3.09 30.16 -0.77
CA GLY B 135 4.16 30.71 0.07
C GLY B 135 4.42 32.19 -0.24
N ASP B 136 4.22 33.08 0.74
CA ASP B 136 4.40 34.53 0.54
C ASP B 136 5.59 35.11 1.35
N GLY B 137 6.81 34.91 0.85
CA GLY B 137 8.01 35.37 1.54
C GLY B 137 8.18 34.74 2.91
N VAL B 138 8.21 35.58 3.95
CA VAL B 138 8.32 35.13 5.35
C VAL B 138 6.99 35.23 6.09
N GLY B 139 5.92 35.51 5.36
CA GLY B 139 4.59 35.56 5.94
C GLY B 139 4.07 34.17 6.26
N GLU B 140 3.54 33.48 5.25
CA GLU B 140 2.73 32.29 5.49
C GLU B 140 2.91 31.19 4.43
N HIS B 141 2.46 29.99 4.79
CA HIS B 141 2.57 28.82 3.94
C HIS B 141 1.45 27.85 4.40
N PRO B 142 0.19 28.17 4.09
CA PRO B 142 -0.94 27.54 4.77
C PRO B 142 -1.27 26.11 4.35
N THR B 143 -0.92 25.71 3.14
CA THR B 143 -1.06 24.32 2.76
C THR B 143 0.08 23.46 3.34
N GLN B 144 1.18 24.09 3.74
CA GLN B 144 2.23 23.38 4.48
C GLN B 144 1.78 23.14 5.92
N ALA B 145 1.13 24.14 6.51
CA ALA B 145 0.65 23.99 7.89
C ALA B 145 -0.43 22.91 7.98
N LEU B 146 -1.38 22.96 7.04
CA LEU B 146 -2.42 21.91 6.95
C LEU B 146 -1.82 20.52 6.92
N LEU B 147 -0.86 20.31 6.04
CA LEU B 147 -0.34 18.96 5.79
C LEU B 147 0.46 18.50 7.01
N ASP B 148 1.13 19.44 7.66
CA ASP B 148 1.93 19.15 8.83
C ASP B 148 1.05 18.67 9.99
N ILE B 149 -0.07 19.35 10.22
CA ILE B 149 -1.06 18.93 11.20
C ILE B 149 -1.57 17.52 10.87
N PHE B 150 -1.98 17.31 9.62
CA PHE B 150 -2.35 15.97 9.14
C PHE B 150 -1.32 14.90 9.47
N THR B 151 -0.04 15.16 9.14
CA THR B 151 1.03 14.21 9.37
C THR B 151 1.26 13.85 10.84
N ILE B 152 1.26 14.84 11.73
CA ILE B 152 1.35 14.62 13.19
C ILE B 152 0.24 13.68 13.63
N ARG B 153 -0.97 14.07 13.26
CA ARG B 153 -2.18 13.28 13.47
C ARG B 153 -1.98 11.86 12.92
N GLU B 154 -1.38 11.76 11.73
CA GLU B 154 -1.09 10.46 11.11
C GLU B 154 0.03 9.71 11.83
N GLU B 155 0.94 10.45 12.46
CA GLU B 155 2.12 9.87 13.10
C GLU B 155 1.88 9.50 14.55
N LEU B 156 1.05 10.27 15.24
CA LEU B 156 0.80 10.11 16.65
C LEU B 156 -0.65 9.74 16.97
N GLY B 157 -1.53 9.73 15.97
CA GLY B 157 -2.92 9.33 16.15
C GLY B 157 -3.82 10.34 16.84
N THR B 158 -3.25 11.51 17.14
CA THR B 158 -3.92 12.65 17.78
C THR B 158 -2.92 13.84 17.71
N VAL B 159 -3.42 15.06 17.92
CA VAL B 159 -2.60 16.27 18.08
C VAL B 159 -2.79 16.90 19.46
N ASN B 160 -4.00 16.77 19.99
CA ASN B 160 -4.34 17.32 21.30
C ASN B 160 -3.48 16.67 22.40
N GLY B 161 -2.96 17.53 23.29
CA GLY B 161 -2.10 17.10 24.38
C GLY B 161 -0.70 16.74 23.94
N MET B 162 -0.24 17.36 22.85
CA MET B 162 1.11 17.12 22.34
C MET B 162 2.00 18.33 22.65
N THR B 163 3.29 18.09 22.65
CA THR B 163 4.28 19.16 22.77
C THR B 163 5.10 19.24 21.47
N ILE B 164 4.87 20.32 20.72
CA ILE B 164 5.57 20.53 19.47
C ILE B 164 6.73 21.48 19.74
N THR B 165 7.95 21.02 19.44
CA THR B 165 9.17 21.81 19.61
C THR B 165 9.67 22.23 18.24
N MET B 166 9.68 23.54 17.99
CA MET B 166 10.09 24.14 16.71
C MET B 166 11.51 24.67 16.79
N VAL B 167 12.36 24.25 15.85
CA VAL B 167 13.81 24.50 15.96
C VAL B 167 14.42 25.15 14.70
N GLY B 168 15.14 26.23 14.91
CA GLY B 168 15.98 26.85 13.89
C GLY B 168 15.60 28.30 13.60
N ASP B 169 15.16 28.53 12.37
CA ASP B 169 14.91 29.87 11.88
C ASP B 169 13.42 30.10 11.98
N LEU B 170 13.01 30.72 13.08
CA LEU B 170 11.61 30.93 13.37
C LEU B 170 11.13 32.28 12.88
N LYS B 171 12.05 33.25 12.80
CA LYS B 171 11.71 34.58 12.33
C LYS B 171 11.40 34.56 10.84
N HIS B 172 12.25 33.89 10.07
CA HIS B 172 12.06 33.77 8.64
C HIS B 172 11.05 32.69 8.25
N GLY B 173 11.06 31.56 8.95
CA GLY B 173 10.29 30.39 8.56
C GLY B 173 8.80 30.64 8.46
N ARG B 174 8.32 30.79 7.23
CA ARG B 174 6.89 30.99 6.96
C ARG B 174 6.04 29.77 7.35
N THR B 175 6.66 28.58 7.34
CA THR B 175 5.99 27.33 7.72
C THR B 175 5.58 27.31 9.19
N VAL B 176 6.49 27.77 10.05
CA VAL B 176 6.23 27.75 11.50
C VAL B 176 5.22 28.81 11.89
N HIS B 177 5.32 30.02 11.32
CA HIS B 177 4.31 31.08 11.53
C HIS B 177 2.89 30.55 11.31
N SER B 178 2.68 29.96 10.15
CA SER B 178 1.39 29.36 9.81
C SER B 178 1.04 28.19 10.76
N LEU B 179 2.06 27.38 11.06
CA LEU B 179 1.92 26.23 11.95
C LEU B 179 1.58 26.68 13.39
N ALA B 180 2.32 27.63 13.95
CA ALA B 180 2.01 28.09 15.32
C ALA B 180 0.57 28.49 15.50
N CYS B 181 0.07 29.28 14.55
CA CYS B 181 -1.27 29.84 14.60
C CYS B 181 -2.36 28.82 14.31
N LEU B 182 -2.13 27.92 13.36
CA LEU B 182 -3.11 26.88 13.04
C LEU B 182 -3.23 25.85 14.16
N LEU B 183 -2.14 25.66 14.91
CA LEU B 183 -2.12 24.76 16.07
C LEU B 183 -2.87 25.24 17.31
N THR B 184 -3.30 26.51 17.32
CA THR B 184 -4.13 27.04 18.42
C THR B 184 -5.59 26.59 18.32
N GLN B 185 -5.90 25.74 17.34
CA GLN B 185 -7.23 25.14 17.30
C GLN B 185 -7.24 23.82 18.06
N TYR B 186 -6.04 23.36 18.44
CA TYR B 186 -5.89 22.16 19.23
C TYR B 186 -5.38 22.55 20.60
N ARG B 187 -5.14 21.56 21.44
CA ARG B 187 -4.63 21.79 22.77
C ARG B 187 -3.20 21.27 22.81
N VAL B 188 -2.26 22.18 22.55
CA VAL B 188 -0.84 21.86 22.53
C VAL B 188 -0.06 22.90 23.32
N SER B 189 1.24 22.64 23.47
CA SER B 189 2.15 23.56 24.10
C SER B 189 3.35 23.68 23.18
N LEU B 190 3.80 24.91 22.94
CA LEU B 190 4.84 25.15 21.96
C LEU B 190 6.17 25.45 22.62
N ARG B 191 7.19 24.78 22.14
CA ARG B 191 8.55 25.09 22.52
C ARG B 191 9.29 25.58 21.30
N TYR B 192 10.01 26.69 21.47
CA TYR B 192 10.87 27.21 20.42
C TYR B 192 12.31 26.90 20.73
N VAL B 193 13.11 26.75 19.68
CA VAL B 193 14.56 26.59 19.78
C VAL B 193 15.19 27.38 18.64
N ALA B 194 15.55 28.64 18.91
CA ALA B 194 16.16 29.52 17.92
C ALA B 194 17.21 30.43 18.52
N PRO B 195 18.21 30.86 17.71
CA PRO B 195 19.17 31.86 18.16
C PRO B 195 18.51 33.23 18.37
N PRO B 196 19.03 34.04 19.32
CA PRO B 196 18.42 35.32 19.72
C PRO B 196 17.94 36.20 18.56
N SER B 197 18.62 36.14 17.42
CA SER B 197 18.23 36.88 16.23
C SER B 197 17.03 36.28 15.47
N LEU B 198 16.90 34.95 15.50
CA LEU B 198 15.87 34.25 14.71
C LEU B 198 14.66 33.78 15.51
N ARG B 199 14.28 34.55 16.52
CA ARG B 199 13.15 34.17 17.37
C ARG B 199 11.81 34.33 16.65
N MET B 200 10.80 33.61 17.12
CA MET B 200 9.46 33.76 16.55
C MET B 200 9.03 35.23 16.66
N PRO B 201 8.44 35.78 15.59
CA PRO B 201 8.09 37.20 15.60
C PRO B 201 6.99 37.56 16.59
N PRO B 202 6.97 38.80 17.10
CA PRO B 202 5.94 39.18 18.09
C PRO B 202 4.52 39.06 17.53
N THR B 203 4.38 39.25 16.22
CA THR B 203 3.15 38.94 15.48
C THR B 203 2.58 37.61 15.96
N VAL B 204 3.37 36.57 15.76
CA VAL B 204 2.96 35.20 15.99
C VAL B 204 2.90 34.88 17.48
N ARG B 205 3.91 35.34 18.23
CA ARG B 205 3.96 35.04 19.65
C ARG B 205 2.73 35.57 20.35
N ALA B 206 2.37 36.82 20.07
CA ALA B 206 1.17 37.42 20.66
C ALA B 206 -0.12 36.72 20.25
N PHE B 207 -0.18 36.21 19.02
CA PHE B 207 -1.36 35.48 18.57
C PHE B 207 -1.51 34.17 19.36
N VAL B 208 -0.41 33.44 19.50
CA VAL B 208 -0.41 32.17 20.21
C VAL B 208 -0.83 32.41 21.66
N ALA B 209 -0.24 33.42 22.30
CA ALA B 209 -0.56 33.78 23.68
C ALA B 209 -2.06 33.98 23.93
N SER B 210 -2.68 34.82 23.11
CA SER B 210 -4.09 35.19 23.29
C SER B 210 -5.04 34.00 23.35
N ARG B 211 -4.78 32.96 22.57
CA ARG B 211 -5.66 31.78 22.52
C ARG B 211 -5.26 30.68 23.50
N GLY B 212 -4.59 31.08 24.60
CA GLY B 212 -4.27 30.18 25.69
C GLY B 212 -3.41 29.00 25.30
N THR B 213 -2.54 29.18 24.30
CA THR B 213 -1.57 28.17 23.91
C THR B 213 -0.25 28.61 24.50
N LYS B 214 0.36 27.76 25.33
CA LYS B 214 1.60 28.12 26.01
C LYS B 214 2.83 27.91 25.15
N GLN B 215 3.80 28.80 25.32
CA GLN B 215 5.07 28.73 24.64
C GLN B 215 6.17 28.87 25.70
N GLU B 216 7.33 28.27 25.42
CA GLU B 216 8.55 28.50 26.20
C GLU B 216 9.73 28.42 25.25
N GLU B 217 10.68 29.34 25.40
CA GLU B 217 11.88 29.36 24.56
C GLU B 217 12.96 28.49 25.19
N PHE B 218 13.48 27.55 24.42
CA PHE B 218 14.47 26.60 24.90
C PHE B 218 15.81 26.83 24.22
N GLU B 219 16.84 26.27 24.85
CA GLU B 219 18.21 26.68 24.58
C GLU B 219 18.91 25.75 23.62
N SER B 220 18.48 24.50 23.58
CA SER B 220 19.12 23.50 22.78
C SER B 220 18.12 22.42 22.43
N ILE B 221 18.41 21.67 21.38
CA ILE B 221 17.57 20.52 21.04
C ILE B 221 17.45 19.64 22.29
N GLU B 222 18.58 19.06 22.70
CA GLU B 222 18.66 18.10 23.82
C GLU B 222 17.96 18.51 25.12
N GLU B 223 17.95 19.80 25.48
CA GLU B 223 17.24 20.24 26.69
C GLU B 223 15.72 20.35 26.51
N ALA B 224 15.23 20.23 25.27
CA ALA B 224 13.80 20.28 25.00
C ALA B 224 13.24 18.90 24.70
N LEU B 225 14.12 18.00 24.29
CA LEU B 225 13.70 16.76 23.65
C LEU B 225 12.87 15.77 24.49
N PRO B 226 13.09 15.73 25.82
CA PRO B 226 12.33 14.76 26.64
C PRO B 226 10.80 14.87 26.58
N ASP B 227 10.23 16.06 26.78
CA ASP B 227 8.77 16.21 26.70
C ASP B 227 8.20 16.39 25.28
N THR B 228 9.09 16.56 24.30
CA THR B 228 8.72 16.77 22.90
C THR B 228 8.06 15.56 22.24
N ASP B 229 6.89 15.75 21.66
CA ASP B 229 6.28 14.71 20.81
C ASP B 229 6.56 14.92 19.31
N VAL B 230 6.64 16.19 18.92
CA VAL B 230 6.90 16.58 17.53
C VAL B 230 8.06 17.54 17.55
N LEU B 231 9.20 17.11 17.01
CA LEU B 231 10.33 17.98 16.83
C LEU B 231 10.25 18.52 15.41
N TYR B 232 9.98 19.81 15.29
CA TYR B 232 9.86 20.42 13.97
C TYR B 232 11.14 21.18 13.62
N MET B 233 11.99 20.56 12.82
CA MET B 233 13.24 21.17 12.37
C MET B 233 13.02 22.05 11.14
N THR B 234 13.52 23.28 11.19
CA THR B 234 13.53 24.15 10.01
C THR B 234 14.96 24.39 9.56
N ARG B 235 15.08 24.78 8.30
CA ARG B 235 16.34 25.14 7.67
C ARG B 235 16.64 26.62 7.94
N ILE B 236 17.89 26.93 8.30
CA ILE B 236 18.31 28.34 8.45
C ILE B 236 18.30 28.99 7.07
N GLN B 237 17.23 29.73 6.79
CA GLN B 237 16.92 30.18 5.42
C GLN B 237 17.87 31.24 4.86
N LYS B 238 18.78 30.80 4.00
CA LYS B 238 19.90 31.62 3.53
C LYS B 238 19.47 32.84 2.71
N GLU B 239 18.48 32.65 1.83
CA GLU B 239 18.03 33.69 0.91
C GLU B 239 17.35 34.90 1.58
N ARG B 240 17.16 34.84 2.91
CA ARG B 240 16.62 35.95 3.69
C ARG B 240 17.70 36.70 4.50
N PHE B 241 18.94 36.22 4.43
CA PHE B 241 20.04 36.82 5.18
C PHE B 241 20.78 37.81 4.32
N GLY B 242 20.88 39.04 4.81
CA GLY B 242 21.63 40.09 4.14
C GLY B 242 23.11 39.78 4.12
N SER B 243 23.76 40.04 5.25
CA SER B 243 25.17 39.69 5.39
C SER B 243 25.34 38.17 5.40
N THR B 244 26.32 37.69 4.64
CA THR B 244 26.77 36.30 4.73
C THR B 244 27.44 36.06 6.07
N GLN B 245 27.96 37.14 6.67
CA GLN B 245 28.41 37.14 8.07
C GLN B 245 27.29 36.66 8.99
N GLU B 246 26.12 37.31 8.92
CA GLU B 246 24.99 37.02 9.81
C GLU B 246 24.41 35.62 9.55
N TYR B 247 24.46 35.18 8.30
CA TYR B 247 24.09 33.80 7.94
C TYR B 247 24.97 32.81 8.67
N GLU B 248 26.26 32.80 8.32
CA GLU B 248 27.25 31.87 8.91
C GLU B 248 27.22 31.93 10.43
N ALA B 249 26.90 33.10 10.98
CA ALA B 249 26.68 33.29 12.41
C ALA B 249 25.42 32.57 12.97
N CYS B 250 24.68 31.88 12.11
CA CYS B 250 23.54 31.06 12.54
C CYS B 250 23.48 29.65 11.94
N PHE B 251 24.41 29.32 11.04
CA PHE B 251 24.25 28.18 10.13
C PHE B 251 24.20 26.79 10.79
N GLY B 252 25.32 26.33 11.33
CA GLY B 252 25.37 24.98 11.93
C GLY B 252 25.06 24.93 13.43
N GLN B 253 24.35 25.93 13.93
CA GLN B 253 24.07 26.03 15.36
C GLN B 253 23.25 24.85 15.87
N PHE B 254 22.22 24.45 15.13
CA PHE B 254 21.38 23.33 15.51
C PHE B 254 21.44 22.24 14.47
N ILE B 255 21.76 21.04 14.95
CA ILE B 255 22.04 19.90 14.09
C ILE B 255 21.65 18.65 14.84
N LEU B 256 20.55 18.02 14.39
CA LEU B 256 20.07 16.80 14.99
C LEU B 256 20.89 15.63 14.46
N THR B 257 21.55 14.95 15.38
CA THR B 257 22.34 13.76 15.11
C THR B 257 21.60 12.56 15.73
N PRO B 258 21.95 11.33 15.32
CA PRO B 258 21.42 10.16 16.04
C PRO B 258 21.86 10.08 17.52
N HIS B 259 23.02 10.67 17.84
CA HIS B 259 23.44 10.72 19.25
C HIS B 259 22.40 11.44 20.06
N ILE B 260 22.00 12.64 19.60
CA ILE B 260 20.98 13.43 20.28
C ILE B 260 19.71 12.59 20.48
N MET B 261 19.30 11.86 19.44
CA MET B 261 18.04 11.10 19.41
C MET B 261 17.89 10.01 20.47
N THR B 262 19.00 9.54 21.02
CA THR B 262 18.96 8.53 22.10
C THR B 262 18.20 9.07 23.34
N ARG B 263 18.12 10.39 23.49
CA ARG B 263 17.30 11.03 24.52
C ARG B 263 15.89 11.41 24.05
N ALA B 264 15.49 10.96 22.86
CA ALA B 264 14.14 11.22 22.35
C ALA B 264 13.16 10.15 22.82
N LYS B 265 11.88 10.51 22.80
CA LYS B 265 10.80 9.58 23.11
C LYS B 265 10.69 8.46 22.10
N LYS B 266 10.17 7.31 22.54
CA LYS B 266 9.67 6.29 21.61
C LYS B 266 8.58 6.92 20.73
N LYS B 267 7.47 7.31 21.33
CA LYS B 267 6.34 7.92 20.60
C LYS B 267 6.58 9.39 20.33
N MET B 268 7.28 9.64 19.23
CA MET B 268 7.61 10.99 18.78
C MET B 268 8.02 10.96 17.31
N VAL B 269 7.88 12.07 16.62
CA VAL B 269 8.37 12.15 15.24
C VAL B 269 9.21 13.39 15.01
N VAL B 270 10.24 13.26 14.18
CA VAL B 270 10.96 14.45 13.73
C VAL B 270 10.44 14.88 12.36
N MET B 271 10.06 16.14 12.28
CA MET B 271 9.48 16.69 11.07
C MET B 271 10.40 17.80 10.53
N HIS B 272 10.38 18.01 9.22
CA HIS B 272 11.13 19.07 8.56
C HIS B 272 10.41 19.39 7.25
N PRO B 273 10.00 20.67 7.03
CA PRO B 273 9.32 20.95 5.76
C PRO B 273 10.16 20.66 4.48
N MET B 274 11.48 20.74 4.58
CA MET B 274 12.41 20.40 3.51
C MET B 274 12.55 21.61 2.60
N PRO B 275 13.69 21.76 1.91
CA PRO B 275 14.85 20.90 1.96
C PRO B 275 15.68 21.12 3.23
N ARG B 276 16.47 20.12 3.56
CA ARG B 276 17.44 20.29 4.63
C ARG B 276 18.81 20.59 4.02
N VAL B 277 19.68 21.17 4.84
CA VAL B 277 21.07 21.39 4.48
C VAL B 277 21.94 20.49 5.37
N ASN B 278 22.16 20.91 6.63
CA ASN B 278 22.94 20.13 7.58
C ASN B 278 22.26 20.00 8.94
N GLU B 279 21.00 20.40 9.05
CA GLU B 279 20.36 20.53 10.36
C GLU B 279 19.77 19.23 10.86
N ILE B 280 19.51 18.29 9.95
CA ILE B 280 19.28 16.90 10.35
C ILE B 280 20.30 16.02 9.67
N SER B 281 21.17 15.42 10.51
CA SER B 281 22.15 14.45 10.02
C SER B 281 21.43 13.39 9.18
N VAL B 282 22.12 12.88 8.16
CA VAL B 282 21.57 11.83 7.30
C VAL B 282 21.45 10.50 8.04
N GLU B 283 22.35 10.28 9.00
CA GLU B 283 22.35 9.05 9.79
C GLU B 283 20.93 8.79 10.34
N VAL B 284 20.25 9.87 10.69
CA VAL B 284 18.88 9.84 11.28
C VAL B 284 17.76 9.34 10.35
N ASP B 285 18.01 9.26 9.03
CA ASP B 285 16.96 8.89 8.08
C ASP B 285 16.39 7.47 8.25
N SER B 286 17.22 6.55 8.75
CA SER B 286 16.78 5.17 9.00
C SER B 286 15.90 5.04 10.24
N ASP B 287 16.13 5.89 11.22
CA ASP B 287 15.25 5.93 12.38
C ASP B 287 13.83 6.02 11.84
N PRO B 288 12.94 5.09 12.28
CA PRO B 288 11.55 5.12 11.84
C PRO B 288 10.68 6.25 12.44
N ARG B 289 11.23 7.03 13.37
CA ARG B 289 10.59 8.24 13.87
C ARG B 289 10.72 9.44 12.92
N ALA B 290 11.66 9.34 11.99
CA ALA B 290 11.90 10.36 11.00
C ALA B 290 10.74 10.36 9.98
N ALA B 291 9.83 11.32 10.12
CA ALA B 291 8.63 11.39 9.28
C ALA B 291 8.74 12.37 8.10
N TYR B 292 9.92 12.91 7.82
CA TYR B 292 10.03 14.04 6.86
C TYR B 292 9.75 13.62 5.43
N PHE B 293 10.11 12.39 5.05
CA PHE B 293 9.76 11.90 3.71
C PHE B 293 8.32 11.41 3.60
N ARG B 294 7.76 10.91 4.71
CA ARG B 294 6.32 10.62 4.78
C ARG B 294 5.48 11.92 4.67
N GLN B 295 5.95 12.97 5.34
CA GLN B 295 5.28 14.26 5.40
C GLN B 295 5.10 14.88 3.99
N ALA B 296 6.09 14.71 3.12
CA ALA B 296 5.98 15.17 1.72
C ALA B 296 4.99 14.34 0.90
N GLU B 297 4.95 13.04 1.11
CA GLU B 297 3.96 12.20 0.43
C GLU B 297 2.54 12.48 0.95
N ASN B 298 2.43 12.83 2.24
CA ASN B 298 1.14 13.28 2.79
C ASN B 298 0.63 14.56 2.11
N GLY B 299 1.56 15.45 1.80
CA GLY B 299 1.25 16.74 1.17
C GLY B 299 0.61 16.62 -0.20
N MET B 300 1.03 15.62 -0.97
CA MET B 300 0.37 15.33 -2.22
C MET B 300 -1.10 15.10 -1.94
N TYR B 301 -1.41 14.12 -1.09
CA TYR B 301 -2.79 13.73 -0.84
C TYR B 301 -3.61 14.84 -0.19
N ILE B 302 -2.96 15.71 0.59
CA ILE B 302 -3.63 16.86 1.20
C ILE B 302 -4.00 17.89 0.13
N ARG B 303 -3.14 18.05 -0.89
CA ARG B 303 -3.39 19.03 -1.96
C ARG B 303 -4.38 18.53 -3.03
N MET B 304 -4.45 17.21 -3.25
CA MET B 304 -5.52 16.64 -4.09
C MET B 304 -6.86 16.91 -3.45
N ALA B 305 -6.85 16.88 -2.12
CA ALA B 305 -8.02 17.11 -1.32
C ALA B 305 -8.47 18.55 -1.38
N LEU B 306 -7.55 19.48 -1.13
CA LEU B 306 -7.87 20.92 -1.18
C LEU B 306 -8.36 21.32 -2.58
N LEU B 307 -7.69 20.79 -3.61
CA LEU B 307 -8.05 21.07 -5.01
C LEU B 307 -9.44 20.50 -5.34
N ALA B 308 -9.73 19.32 -4.81
CA ALA B 308 -11.02 18.68 -5.03
C ALA B 308 -12.14 19.40 -4.31
N THR B 309 -11.86 19.96 -3.14
CA THR B 309 -12.89 20.67 -2.38
C THR B 309 -13.05 22.11 -2.87
N VAL B 310 -11.94 22.82 -3.11
CA VAL B 310 -12.00 24.19 -3.61
C VAL B 310 -12.77 24.24 -4.94
N LEU B 311 -12.54 23.25 -5.81
CA LEU B 311 -13.17 23.21 -7.13
C LEU B 311 -14.54 22.52 -7.17
N GLY B 312 -15.20 22.37 -6.02
CA GLY B 312 -16.56 21.84 -5.98
C GLY B 312 -16.76 20.40 -6.38
N ARG B 313 -15.68 19.71 -6.77
CA ARG B 313 -15.78 18.38 -7.35
C ARG B 313 -15.61 17.25 -6.32
N PHE B 314 -15.90 17.54 -5.05
CA PHE B 314 -15.88 16.52 -4.01
C PHE B 314 -16.55 17.06 -2.74
N SER C 9 9.38 -9.40 -15.69
CA SER C 9 10.85 -9.58 -15.83
C SER C 9 11.64 -8.31 -15.51
N LEU C 10 11.22 -7.19 -16.11
CA LEU C 10 11.82 -5.88 -15.83
C LEU C 10 10.97 -4.99 -14.93
N VAL C 11 9.98 -5.56 -14.26
CA VAL C 11 9.06 -4.77 -13.44
C VAL C 11 9.76 -4.23 -12.20
N GLY C 12 9.49 -2.97 -11.86
CA GLY C 12 10.03 -2.35 -10.65
C GLY C 12 11.54 -2.13 -10.60
N GLN C 13 12.23 -2.37 -11.71
CA GLN C 13 13.70 -2.38 -11.78
C GLN C 13 14.31 -1.04 -12.18
N HIS C 14 15.45 -0.72 -11.58
CA HIS C 14 16.27 0.42 -11.99
C HIS C 14 16.93 0.12 -13.32
N ILE C 15 17.01 1.12 -14.20
CA ILE C 15 17.70 0.95 -15.48
C ILE C 15 18.93 1.87 -15.52
N LEU C 16 20.11 1.29 -15.32
CA LEU C 16 21.31 2.05 -15.00
C LEU C 16 22.49 1.84 -15.95
N SER C 17 22.60 0.67 -16.57
CA SER C 17 23.68 0.38 -17.49
C SER C 17 23.24 -0.73 -18.42
N VAL C 18 23.93 -0.90 -19.53
CA VAL C 18 23.60 -1.98 -20.48
C VAL C 18 24.01 -3.38 -20.00
N GLN C 19 24.86 -3.46 -18.97
CA GLN C 19 25.25 -4.76 -18.38
C GLN C 19 24.04 -5.57 -17.92
N GLN C 20 23.10 -4.90 -17.26
CA GLN C 20 21.90 -5.57 -16.72
C GLN C 20 20.91 -6.10 -17.78
N PHE C 21 20.99 -5.60 -19.02
CA PHE C 21 20.13 -6.11 -20.10
C PHE C 21 20.58 -7.47 -20.65
N THR C 22 19.61 -8.37 -20.87
CA THR C 22 19.84 -9.64 -21.60
C THR C 22 19.21 -9.60 -23.00
N LYS C 23 19.50 -10.61 -23.81
CA LYS C 23 18.98 -10.69 -25.17
C LYS C 23 17.45 -10.87 -25.20
N ASP C 24 16.93 -11.69 -24.29
CA ASP C 24 15.49 -11.94 -24.20
C ASP C 24 14.73 -10.73 -23.64
N GLN C 25 15.39 -9.95 -22.78
CA GLN C 25 14.85 -8.68 -22.28
C GLN C 25 14.68 -7.68 -23.45
N MET C 26 15.78 -7.36 -24.11
CA MET C 26 15.78 -6.51 -25.28
C MET C 26 14.72 -6.91 -26.30
N SER C 27 14.78 -8.17 -26.73
CA SER C 27 13.82 -8.72 -27.68
C SER C 27 12.40 -8.44 -27.22
N HIS C 28 12.11 -8.72 -25.96
CA HIS C 28 10.77 -8.41 -25.40
C HIS C 28 10.42 -6.93 -25.53
N LEU C 29 11.34 -6.05 -25.14
CA LEU C 29 11.13 -4.59 -25.21
C LEU C 29 10.84 -4.12 -26.64
N PHE C 30 11.54 -4.71 -27.59
CA PHE C 30 11.38 -4.44 -29.02
C PHE C 30 10.02 -4.92 -29.53
N ASN C 31 9.54 -6.02 -28.96
CA ASN C 31 8.19 -6.47 -29.27
C ASN C 31 7.14 -5.51 -28.76
N VAL C 32 7.27 -5.05 -27.52
CA VAL C 32 6.27 -4.17 -26.94
C VAL C 32 6.21 -2.84 -27.68
N ALA C 33 7.37 -2.29 -28.06
CA ALA C 33 7.43 -1.01 -28.79
C ALA C 33 6.71 -1.13 -30.13
N HIS C 34 6.85 -2.27 -30.82
CA HIS C 34 6.08 -2.54 -32.04
C HIS C 34 4.57 -2.55 -31.81
N THR C 35 4.16 -3.28 -30.78
CA THR C 35 2.78 -3.27 -30.34
C THR C 35 2.34 -1.85 -30.03
N LEU C 36 3.10 -1.16 -29.17
CA LEU C 36 2.73 0.18 -28.76
C LEU C 36 2.77 1.19 -29.95
N ARG C 37 3.73 1.05 -30.86
CA ARG C 37 3.77 1.95 -32.03
C ARG C 37 2.58 1.76 -32.97
N MET C 38 2.18 0.52 -33.21
CA MET C 38 1.06 0.30 -34.12
C MET C 38 -0.32 0.67 -33.56
N MET C 39 -0.50 0.66 -32.25
CA MET C 39 -1.76 1.14 -31.65
C MET C 39 -1.88 2.64 -31.85
N VAL C 40 -0.77 3.35 -31.66
CA VAL C 40 -0.65 4.78 -31.96
C VAL C 40 -0.72 5.01 -33.48
N GLN C 41 -0.18 4.08 -34.27
CA GLN C 41 -0.21 4.19 -35.73
C GLN C 41 -1.62 3.94 -36.29
N LYS C 42 -2.33 2.99 -35.70
CA LYS C 42 -3.74 2.76 -36.03
C LYS C 42 -4.67 3.30 -34.92
N GLU C 43 -4.25 4.37 -34.26
CA GLU C 43 -5.12 5.28 -33.49
C GLU C 43 -5.93 4.74 -32.30
N ARG C 44 -5.56 3.57 -31.76
CA ARG C 44 -6.31 2.99 -30.63
C ARG C 44 -6.00 3.71 -29.30
N SER C 45 -7.02 4.00 -28.50
CA SER C 45 -6.84 4.70 -27.22
C SER C 45 -5.86 3.98 -26.30
N LEU C 46 -5.43 4.69 -25.26
CA LEU C 46 -4.50 4.15 -24.27
C LEU C 46 -4.68 4.79 -22.89
N ASP C 47 -5.09 3.96 -21.94
CA ASP C 47 -5.10 4.29 -20.52
C ASP C 47 -4.11 3.36 -19.78
N ILE C 48 -3.15 2.84 -20.53
CA ILE C 48 -2.16 1.91 -20.01
C ILE C 48 -1.48 2.48 -18.77
N LEU C 49 -1.01 3.73 -18.84
CA LEU C 49 -0.36 4.37 -17.70
C LEU C 49 -1.23 5.45 -17.08
N LYS C 50 -2.55 5.33 -17.23
CA LYS C 50 -3.47 6.20 -16.52
C LYS C 50 -3.18 6.11 -15.03
N GLY C 51 -3.04 7.25 -14.39
CA GLY C 51 -2.81 7.31 -12.95
C GLY C 51 -1.36 7.54 -12.60
N LYS C 52 -0.47 7.08 -13.49
CA LYS C 52 0.95 7.12 -13.26
C LYS C 52 1.56 8.48 -13.51
N VAL C 53 2.66 8.70 -12.80
CA VAL C 53 3.35 9.96 -12.77
C VAL C 53 4.80 9.66 -13.00
N MET C 54 5.41 10.43 -13.89
CA MET C 54 6.83 10.32 -14.22
C MET C 54 7.53 11.60 -13.76
N ALA C 55 8.60 11.44 -12.98
CA ALA C 55 9.44 12.55 -12.55
C ALA C 55 10.57 12.65 -13.54
N SER C 56 10.58 13.72 -14.33
CA SER C 56 11.65 13.96 -15.28
C SER C 56 12.62 14.92 -14.65
N MET C 57 13.79 14.41 -14.28
CA MET C 57 14.81 15.18 -13.57
C MET C 57 16.09 15.33 -14.37
N PHE C 58 16.17 16.44 -15.09
CA PHE C 58 17.33 16.73 -15.91
C PHE C 58 18.20 17.80 -15.26
N TYR C 59 19.43 17.43 -14.93
CA TYR C 59 20.44 18.36 -14.40
C TYR C 59 21.37 18.82 -15.51
N GLU C 60 21.41 18.09 -16.62
CA GLU C 60 22.02 18.59 -17.86
C GLU C 60 20.91 18.97 -18.85
N VAL C 61 21.30 19.64 -19.92
CA VAL C 61 20.34 20.04 -20.96
C VAL C 61 19.96 18.82 -21.81
N SER C 62 18.74 18.82 -22.35
CA SER C 62 18.25 17.70 -23.18
C SER C 62 17.18 18.16 -24.16
N THR C 63 17.17 17.59 -25.37
CA THR C 63 16.06 17.77 -26.32
C THR C 63 15.34 16.46 -26.60
N ARG C 64 16.03 15.49 -27.17
CA ARG C 64 15.37 14.20 -27.49
C ARG C 64 15.05 13.35 -26.26
N THR C 65 16.05 13.10 -25.40
CA THR C 65 15.84 12.20 -24.27
C THR C 65 14.66 12.69 -23.43
N SER C 66 14.72 13.94 -23.02
CA SER C 66 13.67 14.60 -22.24
C SER C 66 12.30 14.65 -22.92
N SER C 67 12.26 14.90 -24.23
CA SER C 67 10.96 15.06 -24.90
C SER C 67 10.31 13.71 -25.15
N SER C 68 11.10 12.79 -25.70
CA SER C 68 10.69 11.41 -25.97
C SER C 68 10.07 10.71 -24.76
N PHE C 69 10.65 10.96 -23.59
CA PHE C 69 10.12 10.40 -22.34
C PHE C 69 8.79 11.02 -21.99
N ALA C 70 8.72 12.35 -22.08
CA ALA C 70 7.47 13.05 -21.78
C ALA C 70 6.37 12.69 -22.75
N ALA C 71 6.73 12.46 -24.02
CA ALA C 71 5.77 12.06 -25.06
C ALA C 71 5.32 10.60 -24.91
N ALA C 72 6.27 9.71 -24.64
CA ALA C 72 5.98 8.32 -24.32
C ALA C 72 5.03 8.21 -23.14
N MET C 73 5.20 9.06 -22.15
CA MET C 73 4.34 9.05 -20.99
C MET C 73 2.98 9.63 -21.35
N ALA C 74 2.99 10.71 -22.11
CA ALA C 74 1.75 11.33 -22.58
C ALA C 74 0.92 10.33 -23.37
N ARG C 75 1.58 9.66 -24.32
CA ARG C 75 0.89 8.75 -25.21
C ARG C 75 0.47 7.42 -24.58
N LEU C 76 0.86 7.18 -23.32
CA LEU C 76 0.34 6.03 -22.59
C LEU C 76 -0.76 6.40 -21.59
N GLY C 77 -1.18 7.66 -21.54
CA GLY C 77 -2.13 8.15 -20.51
C GLY C 77 -1.52 8.64 -19.20
N GLY C 78 -0.20 8.57 -19.05
CA GLY C 78 0.47 9.04 -17.83
C GLY C 78 0.62 10.56 -17.76
N ALA C 79 1.12 11.06 -16.63
CA ALA C 79 1.40 12.48 -16.43
C ALA C 79 2.85 12.68 -16.03
N VAL C 80 3.37 13.87 -16.31
CA VAL C 80 4.81 14.17 -16.28
C VAL C 80 5.15 15.36 -15.39
N LEU C 81 6.06 15.15 -14.44
CA LEU C 81 6.49 16.18 -13.49
C LEU C 81 7.89 16.67 -13.85
N SER C 82 7.96 17.83 -14.51
CA SER C 82 9.24 18.37 -15.00
C SER C 82 10.01 19.09 -13.91
N PHE C 83 11.22 18.59 -13.65
CA PHE C 83 12.12 19.14 -12.63
C PHE C 83 13.24 19.90 -13.35
N SER C 84 13.49 21.13 -12.91
CA SER C 84 14.55 21.96 -13.44
C SER C 84 15.47 22.36 -12.30
N GLU C 85 16.72 21.90 -12.39
CA GLU C 85 17.77 22.23 -11.42
C GLU C 85 17.78 23.72 -11.08
N ALA C 86 17.58 24.56 -12.09
CA ALA C 86 17.64 26.00 -11.93
C ALA C 86 16.47 26.60 -11.14
N THR C 87 15.29 26.01 -11.21
CA THR C 87 14.09 26.60 -10.57
C THR C 87 13.70 25.94 -9.26
N SER C 88 14.57 25.08 -8.73
CA SER C 88 14.15 24.11 -7.73
C SER C 88 14.83 24.37 -6.41
N SER C 89 14.38 23.63 -5.40
CA SER C 89 14.96 23.77 -4.09
C SER C 89 16.42 23.28 -4.00
N VAL C 90 16.94 22.68 -5.07
CA VAL C 90 18.39 22.51 -5.19
C VAL C 90 19.08 23.83 -4.87
N GLN C 91 18.50 24.92 -5.39
CA GLN C 91 18.97 26.28 -5.19
C GLN C 91 19.04 26.71 -3.71
N LYS C 92 18.26 26.07 -2.84
CA LYS C 92 18.40 26.28 -1.40
C LYS C 92 19.49 25.38 -0.81
N GLY C 93 20.17 24.60 -1.66
CA GLY C 93 21.20 23.67 -1.21
C GLY C 93 20.64 22.33 -0.79
N GLU C 94 19.80 21.76 -1.64
CA GLU C 94 19.28 20.40 -1.45
C GLU C 94 20.18 19.40 -2.20
N SER C 95 20.47 18.28 -1.55
CA SER C 95 21.34 17.25 -2.12
C SER C 95 20.66 16.49 -3.26
N LEU C 96 21.44 15.87 -4.13
CA LEU C 96 20.89 15.04 -5.20
C LEU C 96 20.01 13.92 -4.63
N ALA C 97 20.47 13.30 -3.55
CA ALA C 97 19.73 12.19 -2.96
C ALA C 97 18.39 12.62 -2.40
N ASP C 98 18.37 13.81 -1.81
CA ASP C 98 17.15 14.33 -1.23
C ASP C 98 16.12 14.62 -2.34
N SER C 99 16.54 15.34 -3.39
CA SER C 99 15.64 15.70 -4.48
C SER C 99 15.04 14.44 -5.10
N VAL C 100 15.87 13.42 -5.31
CA VAL C 100 15.44 12.20 -5.98
C VAL C 100 14.55 11.30 -5.12
N GLN C 101 14.79 11.26 -3.81
CA GLN C 101 13.91 10.49 -2.91
C GLN C 101 12.61 11.25 -2.76
N THR C 102 12.72 12.57 -2.73
CA THR C 102 11.59 13.48 -2.66
C THR C 102 10.67 13.34 -3.86
N MET C 103 11.22 13.39 -5.06
CA MET C 103 10.42 13.24 -6.29
C MET C 103 9.85 11.83 -6.44
N SER C 104 10.44 10.86 -5.74
CA SER C 104 9.89 9.49 -5.72
C SER C 104 8.70 9.36 -4.77
N CYS C 105 8.46 10.39 -3.95
CA CYS C 105 7.26 10.45 -3.11
C CYS C 105 6.03 10.85 -3.91
N TYR C 106 6.25 11.46 -5.07
CA TYR C 106 5.16 11.92 -5.93
C TYR C 106 5.02 11.04 -7.14
N ALA C 107 6.14 10.54 -7.67
CA ALA C 107 6.13 9.77 -8.92
C ALA C 107 6.23 8.26 -8.72
N ASP C 108 5.90 7.54 -9.80
CA ASP C 108 6.06 6.09 -9.88
C ASP C 108 7.38 5.70 -10.56
N VAL C 109 7.88 6.55 -11.46
CA VAL C 109 9.19 6.32 -12.09
C VAL C 109 9.99 7.62 -12.16
N VAL C 110 11.31 7.49 -12.03
CA VAL C 110 12.20 8.64 -12.01
C VAL C 110 13.26 8.58 -13.13
N VAL C 111 13.15 9.51 -14.07
CA VAL C 111 14.14 9.68 -15.13
C VAL C 111 15.12 10.75 -14.64
N LEU C 112 16.40 10.52 -14.88
CA LEU C 112 17.45 11.29 -14.23
C LEU C 112 18.62 11.47 -15.16
N ARG C 113 18.91 12.72 -15.53
CA ARG C 113 20.16 13.07 -16.20
C ARG C 113 21.01 13.89 -15.23
N HIS C 114 22.31 13.59 -15.20
CA HIS C 114 23.24 14.27 -14.27
C HIS C 114 24.69 14.25 -14.80
N PRO C 115 25.43 15.36 -14.64
CA PRO C 115 26.83 15.47 -15.15
C PRO C 115 27.91 14.55 -14.54
N GLN C 116 27.60 13.82 -13.48
CA GLN C 116 28.62 13.12 -12.71
C GLN C 116 28.46 11.61 -12.88
N PRO C 117 29.46 10.96 -13.50
CA PRO C 117 29.33 9.53 -13.71
C PRO C 117 29.17 8.79 -12.37
N GLY C 118 28.29 7.80 -12.33
CA GLY C 118 28.01 7.06 -11.09
C GLY C 118 26.92 7.65 -10.20
N ALA C 119 26.50 8.89 -10.48
CA ALA C 119 25.59 9.64 -9.62
C ALA C 119 24.13 9.19 -9.70
N VAL C 120 23.73 8.64 -10.85
CA VAL C 120 22.39 8.11 -11.00
C VAL C 120 22.25 6.81 -10.22
N GLU C 121 23.27 5.96 -10.32
CA GLU C 121 23.34 4.76 -9.50
C GLU C 121 23.36 5.03 -7.98
N LEU C 122 24.02 6.11 -7.56
CA LEU C 122 24.08 6.45 -6.15
C LEU C 122 22.73 6.90 -5.64
N ALA C 123 22.16 7.90 -6.30
CA ALA C 123 20.84 8.42 -5.96
C ALA C 123 19.75 7.35 -6.06
N ALA C 124 19.94 6.38 -6.94
CA ALA C 124 19.01 5.25 -7.07
C ALA C 124 18.94 4.45 -5.78
N LYS C 125 20.09 3.97 -5.32
CA LYS C 125 20.18 3.24 -4.05
C LYS C 125 19.17 3.74 -3.01
N HIS C 126 19.01 5.06 -2.88
CA HIS C 126 18.01 5.63 -1.94
C HIS C 126 16.68 5.97 -2.61
N CYS C 127 16.16 5.02 -3.39
CA CYS C 127 14.90 5.19 -4.08
C CYS C 127 14.00 3.96 -4.03
N ARG C 128 12.87 4.12 -3.36
CA ARG C 128 11.75 3.19 -3.40
C ARG C 128 11.07 3.06 -4.77
N ARG C 129 11.35 4.00 -5.68
CA ARG C 129 10.86 3.94 -7.06
C ARG C 129 11.98 3.68 -8.04
N PRO C 130 11.67 3.01 -9.15
CA PRO C 130 12.70 2.76 -10.15
C PRO C 130 13.22 4.04 -10.80
N VAL C 131 14.47 3.97 -11.20
CA VAL C 131 15.20 5.09 -11.71
C VAL C 131 15.67 4.64 -13.08
N ILE C 132 15.52 5.51 -14.07
CA ILE C 132 16.08 5.24 -15.37
C ILE C 132 17.20 6.25 -15.58
N ASN C 133 18.38 5.75 -15.94
CA ASN C 133 19.53 6.58 -16.18
C ASN C 133 19.36 7.21 -17.55
N ALA C 134 19.08 8.49 -17.55
CA ALA C 134 18.90 9.26 -18.77
C ALA C 134 20.23 9.87 -19.24
N GLY C 135 21.35 9.43 -18.66
CA GLY C 135 22.68 9.92 -18.99
C GLY C 135 23.42 10.54 -17.80
N ASP C 136 24.59 9.98 -17.48
CA ASP C 136 25.39 10.44 -16.33
C ASP C 136 26.79 10.86 -16.78
N GLY C 137 26.94 12.16 -17.07
CA GLY C 137 28.20 12.68 -17.61
C GLY C 137 28.71 11.82 -18.74
N VAL C 138 29.98 11.41 -18.64
CA VAL C 138 30.62 10.59 -19.70
C VAL C 138 30.54 9.08 -19.45
N GLY C 139 29.73 8.67 -18.47
CA GLY C 139 29.53 7.26 -18.18
C GLY C 139 28.65 6.56 -19.21
N GLU C 140 27.38 6.33 -18.86
CA GLU C 140 26.49 5.52 -19.69
C GLU C 140 25.20 6.21 -20.08
N HIS C 141 24.48 5.59 -21.01
CA HIS C 141 23.27 6.17 -21.60
C HIS C 141 22.46 4.99 -22.13
N PRO C 142 22.02 4.10 -21.23
CA PRO C 142 21.49 2.79 -21.63
C PRO C 142 20.36 2.83 -22.68
N THR C 143 19.39 3.72 -22.50
CA THR C 143 18.19 3.75 -23.38
C THR C 143 18.56 4.27 -24.76
N GLN C 144 19.58 5.11 -24.82
CA GLN C 144 20.17 5.45 -26.10
C GLN C 144 20.66 4.19 -26.76
N ALA C 145 21.33 3.32 -26.00
CA ALA C 145 21.87 2.11 -26.63
C ALA C 145 20.77 1.14 -27.13
N LEU C 146 19.63 1.11 -26.43
CA LEU C 146 18.54 0.20 -26.77
C LEU C 146 17.83 0.64 -28.06
N LEU C 147 17.60 1.94 -28.18
CA LEU C 147 16.91 2.50 -29.36
C LEU C 147 17.80 2.50 -30.59
N ASP C 148 19.11 2.62 -30.35
CA ASP C 148 20.09 2.49 -31.41
C ASP C 148 20.16 1.06 -31.96
N ILE C 149 20.04 0.07 -31.09
CA ILE C 149 20.04 -1.32 -31.55
C ILE C 149 18.75 -1.64 -32.28
N PHE C 150 17.64 -1.27 -31.66
CA PHE C 150 16.34 -1.28 -32.32
C PHE C 150 16.38 -0.68 -33.72
N THR C 151 16.97 0.52 -33.85
CA THR C 151 16.98 1.23 -35.16
C THR C 151 17.85 0.50 -36.20
N ILE C 152 18.94 -0.09 -35.74
CA ILE C 152 19.85 -0.90 -36.57
C ILE C 152 19.13 -2.17 -37.05
N ARG C 153 18.24 -2.68 -36.22
CA ARG C 153 17.51 -3.89 -36.55
C ARG C 153 16.36 -3.51 -37.48
N GLU C 154 15.63 -2.47 -37.09
CA GLU C 154 14.59 -1.87 -37.92
C GLU C 154 15.05 -1.54 -39.33
N GLU C 155 16.18 -0.83 -39.43
CA GLU C 155 16.67 -0.30 -40.72
C GLU C 155 17.29 -1.37 -41.61
N LEU C 156 17.97 -2.35 -41.01
CA LEU C 156 18.68 -3.40 -41.77
C LEU C 156 18.18 -4.84 -41.61
N GLY C 157 17.25 -5.08 -40.67
CA GLY C 157 16.63 -6.40 -40.56
C GLY C 157 17.30 -7.33 -39.56
N THR C 158 18.61 -7.17 -39.38
CA THR C 158 19.35 -7.89 -38.36
C THR C 158 20.52 -7.03 -37.81
N VAL C 159 20.95 -7.35 -36.59
CA VAL C 159 22.16 -6.76 -35.99
C VAL C 159 23.34 -7.70 -36.24
N ASN C 160 23.15 -8.98 -35.95
CA ASN C 160 24.15 -10.01 -36.20
C ASN C 160 24.72 -9.98 -37.63
N GLY C 161 26.04 -10.04 -37.72
CA GLY C 161 26.77 -9.99 -39.00
C GLY C 161 27.28 -8.61 -39.40
N MET C 162 26.90 -7.58 -38.65
CA MET C 162 27.19 -6.21 -39.05
C MET C 162 28.54 -5.68 -38.56
N THR C 163 29.15 -4.88 -39.43
CA THR C 163 30.27 -4.03 -39.10
C THR C 163 29.69 -2.66 -38.82
N ILE C 164 29.93 -2.19 -37.61
CA ILE C 164 29.43 -0.91 -37.11
C ILE C 164 30.64 -0.03 -36.85
N THR C 165 30.74 1.10 -37.53
CA THR C 165 31.87 2.01 -37.32
C THR C 165 31.44 3.24 -36.55
N MET C 166 32.12 3.52 -35.45
CA MET C 166 31.83 4.69 -34.62
C MET C 166 32.83 5.80 -34.86
N VAL C 167 32.36 7.05 -34.87
CA VAL C 167 33.17 8.22 -35.29
C VAL C 167 32.99 9.45 -34.36
N GLY C 168 34.10 10.16 -34.12
CA GLY C 168 34.08 11.44 -33.38
C GLY C 168 34.68 11.38 -31.98
N ASP C 169 33.87 11.80 -30.98
CA ASP C 169 34.33 11.91 -29.59
C ASP C 169 33.97 10.64 -28.83
N LEU C 170 34.76 9.61 -29.04
CA LEU C 170 34.53 8.31 -28.43
C LEU C 170 34.93 8.23 -26.96
N LYS C 171 35.65 9.24 -26.46
CA LYS C 171 36.06 9.31 -25.03
C LYS C 171 34.98 9.93 -24.14
N HIS C 172 34.34 11.00 -24.60
CA HIS C 172 33.27 11.63 -23.83
C HIS C 172 31.85 11.17 -24.21
N GLY C 173 31.73 10.25 -25.17
CA GLY C 173 30.44 9.77 -25.64
C GLY C 173 29.87 8.71 -24.71
N ARG C 174 28.94 9.12 -23.85
CA ARG C 174 28.24 8.16 -22.99
C ARG C 174 27.40 7.17 -23.82
N THR C 175 26.98 7.57 -25.02
CA THR C 175 26.12 6.74 -25.86
C THR C 175 26.87 5.57 -26.47
N VAL C 176 28.10 5.80 -26.91
CA VAL C 176 28.91 4.75 -27.50
C VAL C 176 29.43 3.74 -26.45
N HIS C 177 29.87 4.22 -25.29
CA HIS C 177 30.15 3.34 -24.15
C HIS C 177 29.02 2.33 -23.97
N SER C 178 27.79 2.86 -23.90
CA SER C 178 26.60 2.04 -23.75
C SER C 178 26.36 1.16 -24.97
N LEU C 179 26.68 1.66 -26.16
CA LEU C 179 26.41 0.93 -27.39
C LEU C 179 27.43 -0.17 -27.70
N ALA C 180 28.73 0.15 -27.68
CA ALA C 180 29.76 -0.87 -27.96
C ALA C 180 29.68 -2.09 -27.02
N CYS C 181 29.27 -1.87 -25.79
CA CYS C 181 29.13 -2.94 -24.81
C CYS C 181 27.86 -3.74 -25.01
N LEU C 182 26.75 -3.06 -25.32
CA LEU C 182 25.48 -3.75 -25.61
C LEU C 182 25.48 -4.45 -26.98
N LEU C 183 26.42 -4.08 -27.86
CA LEU C 183 26.60 -4.81 -29.11
C LEU C 183 27.34 -6.14 -28.95
N THR C 184 28.02 -6.35 -27.82
CA THR C 184 28.72 -7.64 -27.59
C THR C 184 27.74 -8.76 -27.37
N GLN C 185 26.52 -8.40 -27.00
CA GLN C 185 25.41 -9.35 -26.99
C GLN C 185 25.15 -9.95 -28.37
N TYR C 186 25.40 -9.18 -29.43
CA TYR C 186 25.23 -9.66 -30.81
C TYR C 186 26.58 -9.99 -31.47
N ARG C 187 26.51 -10.57 -32.66
CA ARG C 187 27.71 -10.90 -33.45
C ARG C 187 28.05 -9.75 -34.39
N VAL C 188 28.99 -8.92 -33.96
CA VAL C 188 29.39 -7.74 -34.71
C VAL C 188 30.91 -7.58 -34.75
N SER C 189 31.35 -6.57 -35.49
CA SER C 189 32.72 -6.13 -35.53
C SER C 189 32.73 -4.61 -35.42
N LEU C 190 33.55 -4.05 -34.54
CA LEU C 190 33.50 -2.61 -34.27
C LEU C 190 34.72 -1.91 -34.83
N ARG C 191 34.47 -0.88 -35.62
CA ARG C 191 35.52 -0.02 -36.11
C ARG C 191 35.38 1.33 -35.45
N TYR C 192 36.47 1.83 -34.88
CA TYR C 192 36.49 3.14 -34.25
C TYR C 192 37.29 4.14 -35.08
N VAL C 193 36.71 5.32 -35.30
CA VAL C 193 37.38 6.44 -35.99
C VAL C 193 37.34 7.67 -35.10
N ALA C 194 38.51 8.13 -34.64
CA ALA C 194 38.55 9.24 -33.68
C ALA C 194 39.87 10.03 -33.63
N PRO C 195 39.82 11.25 -33.05
CA PRO C 195 41.02 12.03 -32.75
C PRO C 195 41.85 11.38 -31.63
N PRO C 196 43.17 11.20 -31.85
CA PRO C 196 44.10 10.48 -30.98
C PRO C 196 43.88 10.61 -29.47
N SER C 197 43.49 11.79 -28.99
CA SER C 197 43.24 12.01 -27.56
C SER C 197 41.81 11.73 -27.12
N LEU C 198 41.01 11.05 -27.96
CA LEU C 198 39.59 10.83 -27.67
C LEU C 198 39.14 9.39 -27.94
N ARG C 199 40.08 8.46 -27.87
CA ARG C 199 39.79 7.09 -28.27
C ARG C 199 38.82 6.42 -27.29
N MET C 200 38.24 5.30 -27.73
CA MET C 200 37.44 4.44 -26.86
C MET C 200 38.26 4.13 -25.59
N PRO C 201 37.68 4.34 -24.39
CA PRO C 201 38.51 4.13 -23.19
C PRO C 201 38.76 2.67 -22.86
N PRO C 202 39.94 2.36 -22.28
CA PRO C 202 40.36 0.96 -22.11
C PRO C 202 39.39 0.14 -21.27
N THR C 203 38.65 0.80 -20.37
CA THR C 203 37.52 0.21 -19.69
C THR C 203 36.57 -0.46 -20.67
N VAL C 204 36.08 0.34 -21.60
CA VAL C 204 35.13 -0.14 -22.59
C VAL C 204 35.84 -1.12 -23.49
N ARG C 205 37.04 -0.77 -23.96
CA ARG C 205 37.75 -1.64 -24.90
C ARG C 205 38.11 -3.00 -24.26
N ALA C 206 38.44 -3.00 -22.97
CA ALA C 206 38.72 -4.24 -22.26
C ALA C 206 37.48 -5.11 -22.21
N PHE C 207 36.38 -4.54 -21.72
CA PHE C 207 35.11 -5.26 -21.69
C PHE C 207 34.75 -5.88 -23.04
N VAL C 208 34.88 -5.08 -24.09
CA VAL C 208 34.43 -5.50 -25.39
C VAL C 208 35.22 -6.75 -25.86
N ALA C 209 36.54 -6.66 -25.85
CA ALA C 209 37.36 -7.82 -26.21
C ALA C 209 37.17 -9.01 -25.24
N SER C 210 36.92 -8.72 -23.96
CA SER C 210 36.55 -9.76 -22.98
C SER C 210 35.43 -10.70 -23.44
N ARG C 211 34.34 -10.12 -23.92
CA ARG C 211 33.19 -10.90 -24.38
C ARG C 211 33.43 -11.51 -25.76
N GLY C 212 34.47 -11.05 -26.46
CA GLY C 212 34.89 -11.64 -27.73
C GLY C 212 34.62 -10.84 -29.01
N THR C 213 34.44 -9.52 -28.90
CA THR C 213 34.14 -8.71 -30.11
C THR C 213 35.40 -8.04 -30.65
N LYS C 214 35.79 -8.38 -31.88
CA LYS C 214 37.00 -7.83 -32.48
C LYS C 214 36.80 -6.35 -32.77
N GLN C 215 37.65 -5.53 -32.17
CA GLN C 215 37.63 -4.10 -32.34
C GLN C 215 38.80 -3.68 -33.24
N GLU C 216 38.60 -2.65 -34.05
CA GLU C 216 39.65 -2.12 -34.93
C GLU C 216 39.64 -0.60 -34.99
N GLU C 217 40.82 -0.01 -35.10
CA GLU C 217 40.97 1.43 -35.23
C GLU C 217 41.24 1.79 -36.68
N PHE C 218 40.60 2.86 -37.15
CA PHE C 218 40.76 3.35 -38.52
C PHE C 218 41.04 4.83 -38.50
N GLU C 219 41.85 5.29 -39.44
CA GLU C 219 42.29 6.67 -39.44
C GLU C 219 41.21 7.65 -39.90
N SER C 220 40.35 7.24 -40.82
CA SER C 220 39.28 8.13 -41.33
C SER C 220 37.99 7.40 -41.74
N ILE C 221 37.05 8.17 -42.30
CA ILE C 221 35.72 7.68 -42.63
C ILE C 221 35.84 6.80 -43.88
N GLU C 222 36.36 7.41 -44.93
CA GLU C 222 36.48 6.77 -46.25
C GLU C 222 37.33 5.50 -46.20
N GLU C 223 38.23 5.41 -45.22
CA GLU C 223 38.97 4.18 -44.99
C GLU C 223 38.08 3.08 -44.42
N ALA C 224 37.27 3.45 -43.43
CA ALA C 224 36.46 2.48 -42.69
C ALA C 224 35.09 2.22 -43.34
N LEU C 225 34.65 3.13 -44.21
CA LEU C 225 33.28 3.10 -44.71
C LEU C 225 32.93 1.93 -45.65
N PRO C 226 33.86 1.53 -46.55
CA PRO C 226 33.48 0.58 -47.59
C PRO C 226 32.74 -0.64 -47.05
N ASP C 227 33.35 -1.32 -46.09
CA ASP C 227 32.75 -2.51 -45.47
C ASP C 227 31.76 -2.17 -44.34
N THR C 228 31.56 -0.88 -44.05
CA THR C 228 30.71 -0.48 -42.92
C THR C 228 29.24 -0.66 -43.24
N ASP C 229 28.50 -1.19 -42.26
CA ASP C 229 27.05 -1.34 -42.38
C ASP C 229 26.31 -0.30 -41.55
N VAL C 230 26.90 0.13 -40.43
CA VAL C 230 26.35 1.27 -39.71
C VAL C 230 27.43 2.28 -39.41
N LEU C 231 27.22 3.52 -39.85
CA LEU C 231 28.11 4.60 -39.51
C LEU C 231 27.57 5.43 -38.36
N TYR C 232 28.13 5.25 -37.17
CA TYR C 232 27.62 5.91 -35.97
C TYR C 232 28.46 7.15 -35.68
N MET C 233 27.98 8.32 -36.13
CA MET C 233 28.65 9.60 -35.95
C MET C 233 28.31 10.16 -34.57
N THR C 234 29.23 10.90 -33.99
CA THR C 234 28.96 11.59 -32.73
C THR C 234 29.30 13.09 -32.82
N ARG C 235 28.80 13.82 -31.82
CA ARG C 235 29.19 15.19 -31.53
C ARG C 235 30.51 15.24 -30.74
N ILE C 236 31.30 16.29 -30.95
CA ILE C 236 32.49 16.54 -30.13
C ILE C 236 31.98 17.22 -28.87
N GLN C 237 32.18 16.57 -27.72
CA GLN C 237 31.47 16.93 -26.48
C GLN C 237 32.02 18.17 -25.80
N LYS C 238 31.74 19.34 -26.37
CA LYS C 238 32.32 20.62 -25.96
C LYS C 238 32.31 20.88 -24.45
N GLU C 239 31.17 20.66 -23.82
CA GLU C 239 31.01 20.83 -22.36
C GLU C 239 31.88 19.89 -21.52
N ARG C 240 32.54 18.93 -22.16
CA ARG C 240 33.40 17.94 -21.49
C ARG C 240 34.87 18.30 -21.54
N PHE C 241 35.26 19.13 -22.51
CA PHE C 241 36.66 19.45 -22.74
C PHE C 241 37.22 20.40 -21.69
N GLY C 242 38.54 20.56 -21.73
CA GLY C 242 39.22 21.42 -20.79
C GLY C 242 39.21 22.86 -21.27
N SER C 243 40.02 23.13 -22.30
CA SER C 243 40.08 24.45 -22.90
C SER C 243 39.44 24.42 -24.27
N THR C 244 38.92 25.57 -24.70
CA THR C 244 38.57 25.79 -26.10
C THR C 244 39.72 25.35 -27.01
N GLN C 245 40.94 25.73 -26.66
CA GLN C 245 42.15 25.30 -27.37
C GLN C 245 42.16 23.79 -27.63
N GLU C 246 41.80 23.00 -26.61
CA GLU C 246 41.71 21.55 -26.73
C GLU C 246 40.52 21.11 -27.58
N TYR C 247 39.33 21.61 -27.25
CA TYR C 247 38.12 21.38 -28.03
C TYR C 247 38.33 21.66 -29.53
N GLU C 248 38.88 22.83 -29.84
CA GLU C 248 39.07 23.27 -31.23
C GLU C 248 40.06 22.42 -32.03
N ALA C 249 40.98 21.75 -31.33
CA ALA C 249 41.93 20.84 -31.98
C ALA C 249 41.24 19.56 -32.52
N CYS C 250 40.04 19.27 -32.01
CA CYS C 250 39.26 18.10 -32.44
C CYS C 250 38.03 18.45 -33.27
N PHE C 251 37.49 19.65 -33.07
CA PHE C 251 36.24 20.07 -33.70
C PHE C 251 36.36 20.06 -35.21
N GLY C 252 35.33 19.53 -35.88
CA GLY C 252 35.29 19.49 -37.35
C GLY C 252 36.36 18.71 -38.07
N GLN C 253 36.95 17.71 -37.40
CA GLN C 253 37.98 16.86 -38.00
C GLN C 253 37.36 15.76 -38.86
N PHE C 254 36.11 15.40 -38.54
CA PHE C 254 35.42 14.35 -39.29
C PHE C 254 34.05 14.87 -39.73
N ILE C 255 33.89 15.03 -41.05
CA ILE C 255 32.74 15.69 -41.65
C ILE C 255 32.14 14.82 -42.75
N LEU C 256 30.99 14.21 -42.49
CA LEU C 256 30.32 13.36 -43.46
C LEU C 256 29.55 14.19 -44.49
N THR C 257 29.95 14.08 -45.74
CA THR C 257 29.32 14.80 -46.84
C THR C 257 28.78 13.82 -47.88
N PRO C 258 27.91 14.30 -48.78
CA PRO C 258 27.46 13.43 -49.87
C PRO C 258 28.61 12.86 -50.72
N HIS C 259 29.64 13.64 -51.01
CA HIS C 259 30.85 13.09 -51.67
C HIS C 259 31.41 11.88 -50.91
N ILE C 260 31.47 11.99 -49.60
CA ILE C 260 32.06 10.95 -48.77
C ILE C 260 31.16 9.71 -48.78
N MET C 261 29.84 9.94 -48.82
CA MET C 261 28.85 8.86 -48.97
C MET C 261 28.90 8.06 -50.27
N THR C 262 29.58 8.59 -51.29
CA THR C 262 29.54 7.98 -52.62
C THR C 262 30.37 6.70 -52.73
N ARG C 263 31.06 6.34 -51.64
CA ARG C 263 31.77 5.08 -51.54
C ARG C 263 31.23 4.29 -50.35
N ALA C 264 30.02 4.62 -49.91
CA ALA C 264 29.37 3.90 -48.84
C ALA C 264 28.61 2.74 -49.46
N LYS C 265 28.40 1.70 -48.66
CA LYS C 265 27.54 0.56 -49.05
C LYS C 265 26.17 1.03 -49.55
N LYS C 266 25.55 0.27 -50.45
CA LYS C 266 24.14 0.46 -50.79
C LYS C 266 23.29 0.22 -49.54
N LYS C 267 23.47 -0.94 -48.92
CA LYS C 267 22.70 -1.33 -47.74
C LYS C 267 23.41 -0.96 -46.44
N MET C 268 23.10 0.22 -45.93
CA MET C 268 23.76 0.75 -44.75
C MET C 268 23.01 1.96 -44.26
N VAL C 269 23.16 2.27 -42.97
CA VAL C 269 22.62 3.51 -42.42
C VAL C 269 23.69 4.37 -41.77
N VAL C 270 23.46 5.67 -41.76
CA VAL C 270 24.24 6.59 -40.94
C VAL C 270 23.38 7.01 -39.75
N MET C 271 23.96 6.87 -38.56
CA MET C 271 23.22 7.07 -37.35
C MET C 271 23.96 8.12 -36.54
N HIS C 272 23.26 8.73 -35.60
CA HIS C 272 23.80 9.84 -34.85
C HIS C 272 22.88 9.96 -33.67
N PRO C 273 23.42 10.13 -32.44
CA PRO C 273 22.49 10.21 -31.33
C PRO C 273 21.89 11.61 -31.17
N MET C 274 22.66 12.63 -31.53
CA MET C 274 22.20 14.00 -31.72
C MET C 274 22.20 14.71 -30.38
N PRO C 275 22.38 16.05 -30.38
CA PRO C 275 22.46 16.91 -31.55
C PRO C 275 23.77 16.80 -32.30
N ARG C 276 23.74 17.24 -33.56
CA ARG C 276 24.95 17.44 -34.34
C ARG C 276 25.29 18.93 -34.39
N VAL C 277 26.54 19.21 -34.74
CA VAL C 277 26.96 20.57 -35.07
C VAL C 277 27.27 20.54 -36.56
N ASN C 278 28.47 20.08 -36.93
CA ASN C 278 28.92 20.14 -38.33
C ASN C 278 29.39 18.79 -38.86
N GLU C 279 29.20 17.70 -38.10
CA GLU C 279 29.90 16.47 -38.45
C GLU C 279 29.19 15.66 -39.52
N ILE C 280 27.87 15.80 -39.61
CA ILE C 280 27.16 15.40 -40.81
C ILE C 280 26.69 16.67 -41.51
N SER C 281 27.10 16.83 -42.76
CA SER C 281 26.59 17.92 -43.60
C SER C 281 25.07 17.85 -43.75
N VAL C 282 24.44 19.01 -43.91
CA VAL C 282 22.98 19.09 -44.06
C VAL C 282 22.49 18.28 -45.26
N GLU C 283 23.26 18.32 -46.35
CA GLU C 283 22.87 17.72 -47.62
C GLU C 283 22.71 16.20 -47.49
N VAL C 284 23.39 15.61 -46.51
CA VAL C 284 23.24 14.17 -46.23
C VAL C 284 21.81 13.75 -45.86
N ASP C 285 21.03 14.65 -45.26
CA ASP C 285 19.67 14.35 -44.75
C ASP C 285 18.67 13.80 -45.77
N SER C 286 18.87 14.09 -47.06
CA SER C 286 17.98 13.61 -48.11
C SER C 286 18.41 12.24 -48.68
N ASP C 287 19.56 11.72 -48.26
CA ASP C 287 19.95 10.35 -48.59
C ASP C 287 19.02 9.40 -47.81
N PRO C 288 18.54 8.33 -48.47
CA PRO C 288 17.63 7.45 -47.72
C PRO C 288 18.34 6.59 -46.65
N ARG C 289 19.66 6.51 -46.70
CA ARG C 289 20.46 5.83 -45.68
C ARG C 289 20.64 6.67 -44.42
N ALA C 290 20.27 7.96 -44.51
CA ALA C 290 20.25 8.86 -43.35
C ALA C 290 19.12 8.50 -42.39
N ALA C 291 19.47 7.85 -41.29
CA ALA C 291 18.49 7.29 -40.37
C ALA C 291 18.38 8.04 -39.03
N TYR C 292 19.07 9.17 -38.88
CA TYR C 292 19.20 9.80 -37.54
C TYR C 292 17.90 10.46 -37.06
N PHE C 293 17.02 10.85 -37.98
CA PHE C 293 15.70 11.36 -37.54
C PHE C 293 14.71 10.25 -37.34
N ARG C 294 14.85 9.17 -38.09
CA ARG C 294 14.06 7.96 -37.88
C ARG C 294 14.44 7.32 -36.54
N GLN C 295 15.75 7.19 -36.32
CA GLN C 295 16.32 6.77 -35.04
C GLN C 295 15.68 7.48 -33.84
N ALA C 296 15.58 8.81 -33.89
CA ALA C 296 15.10 9.56 -32.73
C ALA C 296 13.60 9.32 -32.48
N GLU C 297 12.85 9.13 -33.57
CA GLU C 297 11.41 8.82 -33.53
C GLU C 297 11.17 7.43 -32.91
N ASN C 298 11.99 6.47 -33.34
CA ASN C 298 12.03 5.12 -32.75
C ASN C 298 12.19 5.21 -31.25
N GLY C 299 13.02 6.15 -30.83
CA GLY C 299 13.30 6.38 -29.42
C GLY C 299 12.09 6.55 -28.54
N MET C 300 11.12 7.31 -29.02
CA MET C 300 9.90 7.55 -28.27
C MET C 300 9.14 6.27 -28.04
N TYR C 301 9.13 5.39 -29.02
CA TYR C 301 8.42 4.10 -28.88
C TYR C 301 9.20 3.12 -28.01
N ILE C 302 10.52 3.11 -28.18
CA ILE C 302 11.38 2.39 -27.26
C ILE C 302 11.15 2.87 -25.82
N ARG C 303 10.93 4.18 -25.64
CA ARG C 303 10.70 4.74 -24.32
C ARG C 303 9.32 4.39 -23.74
N MET C 304 8.31 4.28 -24.59
CA MET C 304 7.00 3.78 -24.19
C MET C 304 7.08 2.33 -23.73
N ALA C 305 7.77 1.49 -24.49
CA ALA C 305 8.01 0.10 -24.11
C ALA C 305 8.56 0.01 -22.68
N LEU C 306 9.70 0.66 -22.48
CA LEU C 306 10.43 0.66 -21.21
C LEU C 306 9.62 1.19 -20.02
N LEU C 307 8.82 2.23 -20.25
CA LEU C 307 7.95 2.79 -19.22
C LEU C 307 6.77 1.88 -18.92
N ALA C 308 6.25 1.19 -19.94
CA ALA C 308 5.14 0.26 -19.74
C ALA C 308 5.60 -1.05 -19.08
N THR C 309 6.81 -1.52 -19.42
CA THR C 309 7.36 -2.73 -18.82
C THR C 309 7.82 -2.49 -17.39
N VAL C 310 8.73 -1.54 -17.18
CA VAL C 310 9.21 -1.18 -15.84
C VAL C 310 8.02 -1.03 -14.88
N LEU C 311 6.98 -0.33 -15.34
CA LEU C 311 5.81 0.01 -14.51
C LEU C 311 4.78 -1.11 -14.33
N GLY C 312 4.94 -2.21 -15.05
CA GLY C 312 4.14 -3.41 -14.81
C GLY C 312 2.84 -3.51 -15.58
N ARG C 313 2.82 -3.04 -16.82
CA ARG C 313 1.62 -3.13 -17.65
C ARG C 313 1.90 -3.76 -19.03
N PHE C 314 3.11 -4.29 -19.24
CA PHE C 314 3.46 -4.86 -20.54
C PHE C 314 4.84 -5.53 -20.52
N SER D 9 -10.91 8.14 27.34
CA SER D 9 -12.30 7.90 27.85
C SER D 9 -12.92 6.53 27.47
N LEU D 10 -12.28 5.79 26.56
CA LEU D 10 -12.63 4.38 26.32
C LEU D 10 -11.68 3.40 26.99
N VAL D 11 -10.74 3.90 27.79
CA VAL D 11 -9.76 3.04 28.43
C VAL D 11 -10.46 2.22 29.52
N GLY D 12 -10.18 0.92 29.55
CA GLY D 12 -10.75 0.01 30.57
C GLY D 12 -12.27 -0.16 30.56
N GLN D 13 -12.92 0.20 29.46
CA GLN D 13 -14.38 0.14 29.37
C GLN D 13 -14.86 -1.06 28.55
N HIS D 14 -15.99 -1.61 28.97
CA HIS D 14 -16.74 -2.58 28.18
C HIS D 14 -17.29 -1.87 26.94
N ILE D 15 -17.29 -2.60 25.83
CA ILE D 15 -17.82 -2.09 24.56
C ILE D 15 -19.11 -2.87 24.25
N LEU D 16 -20.20 -2.43 24.87
CA LEU D 16 -21.44 -3.17 24.91
C LEU D 16 -22.47 -2.69 23.87
N SER D 17 -22.53 -1.38 23.65
CA SER D 17 -23.61 -0.82 22.83
C SER D 17 -23.16 0.45 22.15
N VAL D 18 -23.69 0.68 20.95
CA VAL D 18 -23.37 1.87 20.18
C VAL D 18 -23.82 3.16 20.85
N GLN D 19 -24.85 3.08 21.69
CA GLN D 19 -25.35 4.26 22.38
C GLN D 19 -24.36 4.77 23.43
N GLN D 20 -23.32 4.00 23.69
CA GLN D 20 -22.25 4.42 24.59
C GLN D 20 -21.15 5.23 23.88
N PHE D 21 -21.16 5.28 22.55
CA PHE D 21 -20.17 6.07 21.81
C PHE D 21 -20.65 7.51 21.65
N THR D 22 -19.69 8.44 21.68
CA THR D 22 -19.91 9.83 21.28
C THR D 22 -19.17 10.05 19.97
N LYS D 23 -19.25 11.26 19.43
CA LYS D 23 -18.53 11.63 18.19
C LYS D 23 -17.01 11.70 18.36
N ASP D 24 -16.57 12.36 19.42
CA ASP D 24 -15.14 12.48 19.74
C ASP D 24 -14.51 11.09 19.84
N GLN D 25 -15.12 10.23 20.66
CA GLN D 25 -14.69 8.83 20.78
C GLN D 25 -14.51 8.15 19.42
N MET D 26 -15.47 8.32 18.51
CA MET D 26 -15.38 7.69 17.20
C MET D 26 -14.27 8.27 16.34
N SER D 27 -14.15 9.59 16.37
CA SER D 27 -13.17 10.26 15.54
C SER D 27 -11.78 9.94 16.04
N HIS D 28 -11.58 9.92 17.36
CA HIS D 28 -10.32 9.41 17.94
C HIS D 28 -9.97 8.02 17.41
N LEU D 29 -10.95 7.13 17.46
CA LEU D 29 -10.79 5.71 17.13
C LEU D 29 -10.44 5.47 15.67
N PHE D 30 -11.15 6.14 14.78
CA PHE D 30 -10.80 6.09 13.34
C PHE D 30 -9.41 6.66 13.11
N ASN D 31 -9.11 7.77 13.76
CA ASN D 31 -7.75 8.36 13.70
C ASN D 31 -6.67 7.40 14.18
N VAL D 32 -6.91 6.75 15.31
CA VAL D 32 -5.94 5.74 15.75
C VAL D 32 -5.86 4.61 14.71
N ALA D 33 -6.98 4.22 14.09
CA ALA D 33 -6.95 3.12 13.14
C ALA D 33 -6.15 3.43 11.86
N HIS D 34 -6.29 4.66 11.33
CA HIS D 34 -5.44 5.11 10.18
C HIS D 34 -3.96 5.08 10.55
N THR D 35 -3.72 5.62 11.73
CA THR D 35 -2.39 5.66 12.31
C THR D 35 -1.82 4.27 12.41
N LEU D 36 -2.60 3.30 12.91
CA LEU D 36 -2.10 1.92 13.01
C LEU D 36 -1.97 1.21 11.67
N ARG D 37 -2.85 1.53 10.72
CA ARG D 37 -2.81 0.92 9.39
C ARG D 37 -1.56 1.34 8.61
N MET D 38 -1.16 2.60 8.74
CA MET D 38 0.07 3.10 8.13
C MET D 38 1.31 2.39 8.72
N MET D 39 1.35 2.31 10.05
CA MET D 39 2.42 1.58 10.73
C MET D 39 2.55 0.16 10.15
N VAL D 40 1.41 -0.52 9.97
CA VAL D 40 1.38 -1.84 9.35
C VAL D 40 1.84 -1.81 7.89
N GLN D 41 1.44 -0.78 7.14
CA GLN D 41 1.74 -0.73 5.71
C GLN D 41 3.22 -0.39 5.43
N LYS D 42 3.84 0.44 6.28
CA LYS D 42 5.29 0.66 6.23
C LYS D 42 6.09 -0.50 6.84
N GLU D 43 5.46 -1.33 7.66
CA GLU D 43 6.06 -2.53 8.25
C GLU D 43 7.02 -2.17 9.39
N ARG D 44 6.49 -1.45 10.36
CA ARG D 44 7.27 -1.02 11.51
C ARG D 44 7.10 -2.09 12.58
N SER D 45 7.92 -2.03 13.63
CA SER D 45 7.71 -2.88 14.79
C SER D 45 6.38 -2.48 15.43
N LEU D 46 5.67 -3.47 15.97
CA LEU D 46 4.45 -3.19 16.70
C LEU D 46 4.39 -4.11 17.91
N ASP D 47 4.74 -3.56 19.06
CA ASP D 47 4.67 -4.26 20.32
C ASP D 47 3.88 -3.40 21.28
N ILE D 48 2.82 -2.81 20.73
CA ILE D 48 1.90 -2.00 21.46
C ILE D 48 1.28 -2.86 22.56
N LEU D 49 1.01 -4.12 22.24
CA LEU D 49 0.30 -5.03 23.15
C LEU D 49 1.15 -6.25 23.52
N LYS D 50 2.47 -6.14 23.42
CA LYS D 50 3.35 -7.27 23.71
C LYS D 50 3.13 -7.78 25.14
N GLY D 51 3.06 -9.09 25.30
CA GLY D 51 2.72 -9.68 26.59
C GLY D 51 1.23 -9.86 26.81
N LYS D 52 0.43 -8.88 26.37
CA LYS D 52 -1.02 -8.84 26.65
C LYS D 52 -1.77 -9.99 25.99
N VAL D 53 -2.94 -10.29 26.53
CA VAL D 53 -3.71 -11.44 26.08
C VAL D 53 -5.19 -11.09 25.94
N MET D 54 -5.76 -11.54 24.82
CA MET D 54 -7.19 -11.40 24.54
C MET D 54 -7.82 -12.77 24.63
N ALA D 55 -8.96 -12.83 25.31
CA ALA D 55 -9.82 -14.01 25.31
C ALA D 55 -10.85 -13.85 24.19
N SER D 56 -10.79 -14.76 23.23
CA SER D 56 -11.75 -14.83 22.15
C SER D 56 -12.81 -15.93 22.40
N MET D 57 -13.95 -15.52 22.93
CA MET D 57 -15.02 -16.46 23.32
C MET D 57 -16.21 -16.35 22.37
N PHE D 58 -16.29 -17.29 21.43
CA PHE D 58 -17.42 -17.33 20.49
C PHE D 58 -18.35 -18.52 20.75
N TYR D 59 -19.60 -18.18 21.07
CA TYR D 59 -20.66 -19.15 21.31
C TYR D 59 -21.50 -19.36 20.06
N GLU D 60 -21.42 -18.43 19.11
CA GLU D 60 -21.95 -18.65 17.76
C GLU D 60 -20.76 -18.69 16.80
N VAL D 61 -21.01 -19.16 15.58
CA VAL D 61 -19.96 -19.27 14.58
C VAL D 61 -19.51 -17.88 14.12
N SER D 62 -18.29 -17.79 13.60
CA SER D 62 -17.77 -16.54 13.06
C SER D 62 -16.62 -16.79 12.13
N THR D 63 -16.48 -15.94 11.12
CA THR D 63 -15.28 -15.86 10.31
C THR D 63 -14.67 -14.48 10.50
N ARG D 64 -15.35 -13.43 10.01
CA ARG D 64 -14.81 -12.06 10.10
C ARG D 64 -14.51 -11.54 11.50
N THR D 65 -15.51 -11.54 12.37
CA THR D 65 -15.37 -10.97 13.70
C THR D 65 -14.26 -11.68 14.51
N SER D 66 -14.12 -13.00 14.37
CA SER D 66 -13.09 -13.74 15.12
C SER D 66 -11.69 -13.53 14.52
N SER D 67 -11.60 -13.61 13.20
CA SER D 67 -10.34 -13.40 12.52
C SER D 67 -9.77 -11.99 12.68
N SER D 68 -10.63 -10.97 12.63
CA SER D 68 -10.18 -9.59 12.69
C SER D 68 -9.67 -9.23 14.09
N PHE D 69 -10.40 -9.62 15.13
CA PHE D 69 -9.91 -9.43 16.49
C PHE D 69 -8.54 -10.12 16.71
N ALA D 70 -8.37 -11.32 16.14
CA ALA D 70 -7.16 -12.11 16.35
C ALA D 70 -6.00 -11.60 15.51
N ALA D 71 -6.25 -11.31 14.23
CA ALA D 71 -5.24 -10.65 13.41
C ALA D 71 -4.88 -9.31 14.03
N ALA D 72 -5.85 -8.62 14.61
CA ALA D 72 -5.62 -7.32 15.22
C ALA D 72 -4.73 -7.43 16.44
N MET D 73 -5.07 -8.32 17.36
CA MET D 73 -4.21 -8.59 18.51
C MET D 73 -2.79 -8.91 18.09
N ALA D 74 -2.66 -9.76 17.06
CA ALA D 74 -1.37 -10.27 16.59
C ALA D 74 -0.46 -9.24 15.96
N ARG D 75 -1.05 -8.27 15.27
CA ARG D 75 -0.28 -7.23 14.62
C ARG D 75 0.15 -6.17 15.65
N LEU D 76 -0.56 -6.12 16.79
CA LEU D 76 -0.17 -5.27 17.91
C LEU D 76 0.83 -5.97 18.88
N GLY D 77 1.32 -7.15 18.51
CA GLY D 77 2.23 -7.91 19.37
C GLY D 77 1.58 -8.67 20.51
N GLY D 78 0.24 -8.72 20.52
CA GLY D 78 -0.51 -9.40 21.57
C GLY D 78 -0.70 -10.88 21.27
N ALA D 79 -1.46 -11.57 22.11
CA ALA D 79 -1.72 -12.98 21.93
C ALA D 79 -3.18 -13.30 22.26
N VAL D 80 -3.67 -14.40 21.68
CA VAL D 80 -5.09 -14.76 21.74
C VAL D 80 -5.36 -16.15 22.27
N LEU D 81 -6.31 -16.22 23.20
CA LEU D 81 -6.84 -17.49 23.69
C LEU D 81 -8.12 -17.79 22.93
N SER D 82 -8.06 -18.79 22.05
CA SER D 82 -9.23 -19.17 21.27
C SER D 82 -10.08 -20.11 22.11
N PHE D 83 -11.31 -19.69 22.35
CA PHE D 83 -12.24 -20.42 23.22
C PHE D 83 -13.43 -20.84 22.38
N SER D 84 -13.83 -22.11 22.52
CA SER D 84 -15.06 -22.62 21.94
C SER D 84 -15.83 -23.48 22.93
N GLU D 85 -16.97 -22.96 23.34
CA GLU D 85 -18.15 -23.74 23.71
C GLU D 85 -17.94 -25.26 23.58
N ALA D 86 -17.73 -25.74 22.35
CA ALA D 86 -17.71 -27.17 22.03
C ALA D 86 -16.57 -27.95 22.71
N THR D 87 -15.36 -27.37 22.69
CA THR D 87 -14.19 -28.00 23.31
C THR D 87 -13.99 -27.49 24.74
N SER D 88 -14.84 -26.57 25.19
CA SER D 88 -14.73 -25.93 26.49
C SER D 88 -15.46 -26.69 27.56
N SER D 89 -15.27 -26.25 28.80
CA SER D 89 -15.98 -26.82 29.96
C SER D 89 -17.42 -26.36 30.09
N VAL D 90 -17.93 -25.67 29.07
CA VAL D 90 -19.38 -25.46 28.94
C VAL D 90 -20.05 -26.83 28.94
N GLN D 91 -19.35 -27.81 28.36
CA GLN D 91 -19.87 -29.17 28.21
C GLN D 91 -20.03 -29.89 29.53
N LYS D 92 -19.17 -29.58 30.48
CA LYS D 92 -19.33 -30.04 31.86
C LYS D 92 -20.48 -29.33 32.57
N GLY D 93 -21.04 -28.30 31.92
CA GLY D 93 -22.18 -27.55 32.46
C GLY D 93 -21.86 -26.25 33.18
N GLU D 94 -20.73 -25.63 32.86
CA GLU D 94 -20.34 -24.36 33.47
C GLU D 94 -21.14 -23.22 32.84
N SER D 95 -21.59 -22.29 33.67
CA SER D 95 -22.43 -21.20 33.20
C SER D 95 -21.61 -20.16 32.48
N LEU D 96 -22.31 -19.30 31.74
CA LEU D 96 -21.71 -18.21 30.99
C LEU D 96 -20.95 -17.26 31.92
N ALA D 97 -21.55 -16.96 33.07
CA ALA D 97 -20.97 -16.01 34.03
C ALA D 97 -19.63 -16.47 34.58
N ASP D 98 -19.53 -17.74 34.95
CA ASP D 98 -18.25 -18.31 35.39
C ASP D 98 -17.24 -18.27 34.26
N SER D 99 -17.66 -18.76 33.09
CA SER D 99 -16.82 -18.85 31.88
C SER D 99 -16.12 -17.54 31.52
N VAL D 100 -16.85 -16.44 31.71
CA VAL D 100 -16.38 -15.10 31.37
C VAL D 100 -15.48 -14.52 32.46
N GLN D 101 -15.85 -14.72 33.72
CA GLN D 101 -14.99 -14.33 34.84
C GLN D 101 -13.72 -15.18 34.94
N THR D 102 -13.74 -16.39 34.41
CA THR D 102 -12.57 -17.26 34.47
C THR D 102 -11.58 -16.92 33.36
N MET D 103 -12.09 -16.63 32.17
CA MET D 103 -11.21 -16.22 31.09
C MET D 103 -10.53 -14.89 31.42
N SER D 104 -11.20 -14.05 32.19
CA SER D 104 -10.63 -12.75 32.54
C SER D 104 -9.42 -12.86 33.47
N CYS D 105 -9.31 -13.98 34.20
CA CYS D 105 -8.13 -14.21 35.05
C CYS D 105 -6.88 -14.45 34.21
N TYR D 106 -7.08 -14.94 32.98
CA TYR D 106 -5.98 -15.13 32.03
C TYR D 106 -5.77 -13.94 31.10
N ALA D 107 -6.84 -13.20 30.79
CA ALA D 107 -6.78 -12.20 29.71
C ALA D 107 -6.98 -10.76 30.20
N ASP D 108 -6.52 -9.83 29.38
CA ASP D 108 -6.67 -8.40 29.65
C ASP D 108 -7.99 -7.86 29.08
N VAL D 109 -8.51 -8.52 28.04
CA VAL D 109 -9.77 -8.12 27.38
C VAL D 109 -10.50 -9.35 26.85
N VAL D 110 -11.82 -9.35 26.97
CA VAL D 110 -12.71 -10.44 26.56
C VAL D 110 -13.60 -10.04 25.38
N VAL D 111 -13.51 -10.81 24.29
CA VAL D 111 -14.34 -10.63 23.10
C VAL D 111 -15.36 -11.75 23.13
N LEU D 112 -16.64 -11.40 23.27
CA LEU D 112 -17.72 -12.36 23.42
C LEU D 112 -18.79 -12.26 22.32
N ARG D 113 -18.97 -13.34 21.57
CA ARG D 113 -20.17 -13.51 20.74
C ARG D 113 -21.08 -14.53 21.41
N HIS D 114 -22.35 -14.18 21.63
CA HIS D 114 -23.35 -15.10 22.23
C HIS D 114 -24.70 -15.10 21.45
N PRO D 115 -25.37 -16.26 21.32
CA PRO D 115 -26.65 -16.35 20.57
C PRO D 115 -27.89 -15.74 21.24
N GLN D 116 -27.80 -15.54 22.54
CA GLN D 116 -28.84 -14.95 23.36
C GLN D 116 -28.59 -13.45 23.47
N PRO D 117 -29.58 -12.62 23.15
CA PRO D 117 -29.41 -11.17 23.29
C PRO D 117 -29.50 -10.72 24.74
N GLY D 118 -28.65 -9.77 25.12
CA GLY D 118 -28.48 -9.37 26.51
C GLY D 118 -27.50 -10.22 27.31
N ALA D 119 -26.98 -11.28 26.70
CA ALA D 119 -26.12 -12.24 27.39
C ALA D 119 -24.80 -11.59 27.71
N VAL D 120 -24.20 -11.02 26.67
CA VAL D 120 -22.90 -10.38 26.78
C VAL D 120 -22.89 -9.27 27.86
N GLU D 121 -23.93 -8.43 27.90
CA GLU D 121 -24.02 -7.38 28.92
C GLU D 121 -24.26 -7.96 30.32
N LEU D 122 -25.04 -9.04 30.39
CA LEU D 122 -25.21 -9.77 31.65
C LEU D 122 -23.89 -10.38 32.08
N ALA D 123 -23.13 -10.92 31.13
CA ALA D 123 -21.81 -11.48 31.41
C ALA D 123 -20.76 -10.40 31.72
N ALA D 124 -20.98 -9.20 31.19
CA ALA D 124 -20.10 -8.05 31.46
C ALA D 124 -20.48 -7.29 32.73
N LYS D 125 -21.69 -7.50 33.23
CA LYS D 125 -22.18 -6.79 34.42
C LYS D 125 -21.15 -6.83 35.55
N HIS D 126 -20.75 -8.03 35.94
CA HIS D 126 -19.78 -8.24 37.00
C HIS D 126 -18.54 -8.97 36.49
N CYS D 127 -17.92 -8.41 35.46
CA CYS D 127 -16.60 -8.85 35.03
C CYS D 127 -15.64 -7.68 35.21
N ARG D 128 -14.45 -7.99 35.70
CA ARG D 128 -13.51 -6.94 36.11
C ARG D 128 -12.51 -6.55 35.02
N ARG D 129 -12.56 -7.24 33.87
CA ARG D 129 -11.79 -6.82 32.69
C ARG D 129 -12.75 -6.34 31.57
N PRO D 130 -12.23 -5.61 30.59
CA PRO D 130 -13.11 -5.16 29.51
C PRO D 130 -13.64 -6.30 28.61
N VAL D 131 -14.92 -6.18 28.28
CA VAL D 131 -15.68 -7.15 27.50
C VAL D 131 -16.14 -6.40 26.27
N ILE D 132 -15.83 -6.94 25.09
CA ILE D 132 -16.31 -6.33 23.85
C ILE D 132 -17.41 -7.21 23.28
N ASN D 133 -18.61 -6.64 23.15
CA ASN D 133 -19.70 -7.38 22.52
C ASN D 133 -19.41 -7.54 21.02
N ALA D 134 -19.26 -8.79 20.59
CA ALA D 134 -18.95 -9.15 19.20
C ALA D 134 -20.20 -9.74 18.52
N GLY D 135 -21.35 -9.58 19.16
CA GLY D 135 -22.64 -10.01 18.65
C GLY D 135 -23.44 -10.78 19.67
N ASP D 136 -24.53 -10.19 20.19
CA ASP D 136 -25.38 -10.89 21.17
C ASP D 136 -26.77 -11.24 20.61
N GLY D 137 -26.87 -12.40 19.96
CA GLY D 137 -28.12 -12.83 19.31
C GLY D 137 -28.61 -11.83 18.28
N VAL D 138 -29.92 -11.58 18.27
CA VAL D 138 -30.51 -10.52 17.44
C VAL D 138 -30.42 -9.13 18.09
N GLY D 139 -29.58 -8.97 19.11
CA GLY D 139 -29.40 -7.67 19.75
C GLY D 139 -28.52 -6.74 18.91
N GLU D 140 -27.27 -6.58 19.36
CA GLU D 140 -26.38 -5.61 18.75
C GLU D 140 -25.05 -6.20 18.28
N HIS D 141 -24.31 -5.39 17.52
CA HIS D 141 -22.97 -5.73 17.07
C HIS D 141 -22.15 -4.40 16.96
N PRO D 142 -21.80 -3.81 18.11
CA PRO D 142 -21.26 -2.44 18.16
C PRO D 142 -20.03 -2.18 17.31
N THR D 143 -19.10 -3.14 17.27
CA THR D 143 -17.88 -2.90 16.52
C THR D 143 -18.08 -3.05 15.01
N GLN D 144 -19.08 -3.83 14.57
CA GLN D 144 -19.40 -3.87 13.15
C GLN D 144 -19.86 -2.46 12.78
N ALA D 145 -20.85 -1.92 13.49
CA ALA D 145 -21.35 -0.58 13.14
C ALA D 145 -20.23 0.49 13.18
N LEU D 146 -19.27 0.32 14.08
CA LEU D 146 -18.11 1.20 14.13
C LEU D 146 -17.23 1.11 12.90
N LEU D 147 -17.05 -0.09 12.35
CA LEU D 147 -16.30 -0.23 11.12
C LEU D 147 -17.12 0.10 9.87
N ASP D 148 -18.45 -0.05 9.94
CA ASP D 148 -19.34 0.37 8.83
C ASP D 148 -19.29 1.90 8.61
N ILE D 149 -19.53 2.67 9.67
CA ILE D 149 -19.36 4.14 9.61
C ILE D 149 -17.95 4.57 9.14
N PHE D 150 -16.94 3.78 9.52
CA PHE D 150 -15.58 4.03 9.07
C PHE D 150 -15.46 3.86 7.56
N THR D 151 -15.98 2.74 7.05
CA THR D 151 -15.90 2.42 5.64
C THR D 151 -16.67 3.40 4.78
N ILE D 152 -17.88 3.73 5.22
CA ILE D 152 -18.68 4.77 4.55
C ILE D 152 -17.83 6.01 4.43
N ARG D 153 -17.35 6.49 5.57
CA ARG D 153 -16.55 7.71 5.61
C ARG D 153 -15.20 7.56 4.90
N GLU D 154 -14.77 6.33 4.64
CA GLU D 154 -13.55 6.07 3.90
C GLU D 154 -13.81 5.99 2.40
N GLU D 155 -15.02 5.57 2.03
CA GLU D 155 -15.35 5.30 0.63
C GLU D 155 -16.01 6.49 -0.06
N LEU D 156 -16.53 7.43 0.72
CA LEU D 156 -17.24 8.60 0.21
C LEU D 156 -16.75 9.93 0.77
N GLY D 157 -15.96 9.90 1.84
CA GLY D 157 -15.37 11.12 2.40
C GLY D 157 -16.22 11.80 3.44
N THR D 158 -17.49 11.42 3.51
CA THR D 158 -18.38 11.88 4.56
C THR D 158 -19.47 10.86 4.83
N VAL D 159 -20.09 11.02 5.99
CA VAL D 159 -21.30 10.32 6.38
C VAL D 159 -22.43 11.36 6.51
N ASN D 160 -22.12 12.49 7.12
CA ASN D 160 -22.99 13.66 7.07
C ASN D 160 -23.48 13.93 5.63
N GLY D 161 -24.78 14.15 5.48
CA GLY D 161 -25.38 14.53 4.20
C GLY D 161 -25.53 13.39 3.21
N MET D 162 -26.03 12.25 3.67
CA MET D 162 -26.09 11.03 2.88
C MET D 162 -27.32 10.19 3.20
N THR D 163 -27.70 9.34 2.25
CA THR D 163 -28.87 8.45 2.40
C THR D 163 -28.43 6.98 2.36
N ILE D 164 -28.92 6.21 3.32
CA ILE D 164 -28.51 4.81 3.45
C ILE D 164 -29.74 3.95 3.32
N THR D 165 -29.68 3.00 2.40
CA THR D 165 -30.74 2.02 2.21
C THR D 165 -30.30 0.66 2.78
N MET D 166 -30.91 0.28 3.90
CA MET D 166 -30.71 -1.04 4.50
C MET D 166 -31.69 -2.04 3.89
N VAL D 167 -31.14 -3.05 3.21
CA VAL D 167 -31.91 -4.10 2.52
C VAL D 167 -31.72 -5.51 3.13
N GLY D 168 -32.82 -6.10 3.58
CA GLY D 168 -32.88 -7.53 3.87
C GLY D 168 -33.65 -7.85 5.13
N ASP D 169 -32.99 -8.57 6.05
CA ASP D 169 -33.60 -8.98 7.29
C ASP D 169 -33.21 -8.00 8.39
N LEU D 170 -34.05 -7.00 8.60
CA LEU D 170 -33.74 -5.93 9.57
C LEU D 170 -34.22 -6.28 10.98
N LYS D 171 -35.20 -7.18 11.07
CA LYS D 171 -35.71 -7.67 12.35
C LYS D 171 -34.66 -8.50 13.09
N HIS D 172 -33.95 -9.34 12.36
CA HIS D 172 -32.95 -10.21 12.96
C HIS D 172 -31.53 -9.62 12.96
N GLY D 173 -31.29 -8.63 12.12
CA GLY D 173 -29.93 -8.13 11.86
C GLY D 173 -29.38 -7.27 12.98
N ARG D 174 -28.51 -7.83 13.82
CA ARG D 174 -27.84 -7.05 14.85
C ARG D 174 -26.92 -5.96 14.27
N THR D 175 -26.36 -6.21 13.09
CA THR D 175 -25.56 -5.21 12.40
C THR D 175 -26.37 -3.93 12.14
N VAL D 176 -27.52 -4.09 11.49
CA VAL D 176 -28.35 -2.92 11.15
C VAL D 176 -29.02 -2.28 12.37
N HIS D 177 -29.20 -3.02 13.46
CA HIS D 177 -29.74 -2.42 14.69
C HIS D 177 -28.73 -1.42 15.24
N SER D 178 -27.47 -1.83 15.28
CA SER D 178 -26.40 -0.99 15.75
C SER D 178 -26.14 0.18 14.81
N LEU D 179 -25.98 -0.14 13.51
CA LEU D 179 -25.61 0.83 12.48
C LEU D 179 -26.61 1.96 12.36
N ALA D 180 -27.91 1.63 12.41
CA ALA D 180 -28.96 2.61 12.23
C ALA D 180 -28.96 3.57 13.41
N CYS D 181 -29.01 3.00 14.60
CA CYS D 181 -29.00 3.78 15.84
C CYS D 181 -27.73 4.61 16.02
N LEU D 182 -26.62 4.16 15.44
CA LEU D 182 -25.37 4.95 15.50
C LEU D 182 -25.32 6.05 14.46
N LEU D 183 -25.89 5.78 13.28
CA LEU D 183 -25.89 6.74 12.17
C LEU D 183 -26.56 8.07 12.52
N THR D 184 -27.49 8.01 13.46
CA THR D 184 -28.16 9.21 13.97
C THR D 184 -27.18 10.16 14.69
N GLN D 185 -25.89 9.80 14.75
CA GLN D 185 -24.83 10.72 15.21
C GLN D 185 -24.39 11.66 14.09
N TYR D 186 -24.95 11.45 12.90
CA TYR D 186 -24.63 12.22 11.72
C TYR D 186 -25.93 12.81 11.14
N ARG D 187 -25.80 13.55 10.04
CA ARG D 187 -26.96 14.10 9.33
C ARG D 187 -27.27 13.23 8.12
N VAL D 188 -28.21 12.29 8.29
CA VAL D 188 -28.43 11.21 7.33
C VAL D 188 -29.90 10.89 7.15
N SER D 189 -30.18 10.09 6.13
CA SER D 189 -31.52 9.63 5.82
C SER D 189 -31.50 8.10 5.75
N LEU D 190 -32.57 7.46 6.18
CA LEU D 190 -32.59 5.99 6.18
C LEU D 190 -33.75 5.40 5.39
N ARG D 191 -33.40 4.51 4.50
CA ARG D 191 -34.39 3.76 3.74
C ARG D 191 -34.32 2.30 4.16
N TYR D 192 -35.50 1.67 4.24
CA TYR D 192 -35.64 0.30 4.70
C TYR D 192 -36.34 -0.55 3.63
N VAL D 193 -35.71 -1.62 3.17
CA VAL D 193 -36.28 -2.50 2.15
C VAL D 193 -36.22 -3.97 2.61
N ALA D 194 -37.29 -4.40 3.28
CA ALA D 194 -37.46 -5.77 3.75
C ALA D 194 -38.89 -6.21 3.46
N PRO D 195 -39.19 -7.53 3.57
CA PRO D 195 -40.58 -7.92 3.46
C PRO D 195 -41.32 -7.48 4.73
N PRO D 196 -42.66 -7.52 4.71
CA PRO D 196 -43.40 -7.02 5.86
C PRO D 196 -43.04 -7.68 7.19
N SER D 197 -42.72 -8.98 7.15
CA SER D 197 -42.41 -9.74 8.38
C SER D 197 -40.97 -9.58 8.91
N LEU D 198 -40.12 -8.84 8.18
CA LEU D 198 -38.78 -8.50 8.69
C LEU D 198 -38.45 -7.01 8.61
N ARG D 199 -39.42 -6.17 8.99
CA ARG D 199 -39.18 -4.74 9.15
C ARG D 199 -38.30 -4.48 10.35
N MET D 200 -37.67 -3.31 10.38
CA MET D 200 -36.82 -2.91 11.51
C MET D 200 -37.63 -2.99 12.81
N PRO D 201 -37.02 -3.52 13.90
CA PRO D 201 -37.79 -3.67 15.14
C PRO D 201 -38.24 -2.35 15.74
N PRO D 202 -39.39 -2.34 16.43
CA PRO D 202 -40.07 -1.11 16.88
C PRO D 202 -39.29 -0.21 17.84
N THR D 203 -38.54 -0.77 18.78
CA THR D 203 -37.81 0.03 19.77
C THR D 203 -36.63 0.74 19.11
N VAL D 204 -35.97 0.06 18.18
CA VAL D 204 -34.94 0.68 17.34
C VAL D 204 -35.54 1.79 16.48
N ARG D 205 -36.71 1.55 15.90
CA ARG D 205 -37.38 2.56 15.07
C ARG D 205 -37.71 3.81 15.87
N ALA D 206 -38.26 3.61 17.07
CA ALA D 206 -38.62 4.73 17.94
C ALA D 206 -37.38 5.49 18.41
N PHE D 207 -36.25 4.81 18.57
CA PHE D 207 -35.02 5.53 18.91
C PHE D 207 -34.63 6.48 17.77
N VAL D 208 -34.55 5.93 16.57
CA VAL D 208 -34.16 6.76 15.43
C VAL D 208 -35.12 7.93 15.35
N ALA D 209 -36.42 7.64 15.37
CA ALA D 209 -37.47 8.66 15.43
C ALA D 209 -37.31 9.65 16.60
N SER D 210 -36.82 9.19 17.75
CA SER D 210 -36.60 10.08 18.89
C SER D 210 -35.39 11.00 18.69
N ARG D 211 -34.35 10.51 18.02
CA ARG D 211 -33.16 11.32 17.72
C ARG D 211 -33.35 12.26 16.53
N GLY D 212 -34.42 12.06 15.75
CA GLY D 212 -34.76 12.97 14.65
C GLY D 212 -34.04 12.68 13.34
N THR D 213 -33.98 11.40 12.94
CA THR D 213 -33.45 11.02 11.62
C THR D 213 -34.57 10.41 10.75
N LYS D 214 -34.50 10.65 9.45
CA LYS D 214 -35.56 10.23 8.51
C LYS D 214 -35.63 8.71 8.28
N GLN D 215 -36.75 8.12 8.66
CA GLN D 215 -36.97 6.69 8.51
C GLN D 215 -38.02 6.45 7.44
N GLU D 216 -37.56 6.12 6.23
CA GLU D 216 -38.47 5.92 5.12
C GLU D 216 -38.34 4.49 4.64
N GLU D 217 -39.48 3.81 4.48
CA GLU D 217 -39.49 2.44 4.02
C GLU D 217 -39.76 2.42 2.52
N PHE D 218 -39.46 1.29 1.88
CA PHE D 218 -39.55 1.18 0.43
C PHE D 218 -39.97 -0.22 0.00
N GLU D 219 -40.16 -0.38 -1.31
CA GLU D 219 -40.71 -1.59 -1.92
C GLU D 219 -39.61 -2.55 -2.40
N SER D 220 -38.52 -2.00 -2.92
CA SER D 220 -37.51 -2.81 -3.58
C SER D 220 -36.19 -2.07 -3.72
N ILE D 221 -35.19 -2.78 -4.22
CA ILE D 221 -33.90 -2.17 -4.53
C ILE D 221 -34.10 -1.10 -5.60
N GLU D 222 -34.83 -1.44 -6.66
CA GLU D 222 -35.11 -0.50 -7.76
C GLU D 222 -35.50 0.88 -7.27
N GLU D 223 -36.42 0.94 -6.31
CA GLU D 223 -37.04 2.19 -5.88
C GLU D 223 -36.15 3.10 -5.03
N ALA D 224 -35.47 2.50 -4.05
CA ALA D 224 -34.59 3.27 -3.17
C ALA D 224 -33.31 3.70 -3.88
N LEU D 225 -32.90 2.92 -4.88
CA LEU D 225 -31.54 2.98 -5.45
C LEU D 225 -31.13 4.33 -6.01
N PRO D 226 -31.96 4.93 -6.88
CA PRO D 226 -31.56 6.13 -7.62
C PRO D 226 -30.85 7.15 -6.73
N ASP D 227 -31.43 7.40 -5.56
CA ASP D 227 -30.95 8.38 -4.61
C ASP D 227 -30.22 7.76 -3.40
N THR D 228 -29.65 6.58 -3.56
CA THR D 228 -28.96 5.92 -2.44
C THR D 228 -27.46 6.09 -2.57
N ASP D 229 -26.83 6.59 -1.49
CA ASP D 229 -25.37 6.72 -1.44
C ASP D 229 -24.70 5.46 -0.85
N VAL D 230 -25.33 4.88 0.16
CA VAL D 230 -24.87 3.60 0.72
C VAL D 230 -25.97 2.57 0.55
N LEU D 231 -25.71 1.52 -0.22
CA LEU D 231 -26.60 0.36 -0.30
C LEU D 231 -26.08 -0.77 0.61
N TYR D 232 -26.66 -0.81 1.82
CA TYR D 232 -26.25 -1.77 2.85
C TYR D 232 -27.06 -3.08 2.80
N MET D 233 -26.52 -4.07 2.10
CA MET D 233 -27.17 -5.37 1.93
C MET D 233 -26.90 -6.32 3.12
N THR D 234 -27.95 -7.01 3.58
CA THR D 234 -27.82 -7.99 4.66
C THR D 234 -28.34 -9.36 4.23
N ARG D 235 -27.99 -10.38 5.03
CA ARG D 235 -28.37 -11.77 4.81
C ARG D 235 -29.74 -12.07 5.43
N ILE D 236 -30.43 -13.09 4.93
CA ILE D 236 -31.59 -13.62 5.61
C ILE D 236 -31.09 -14.68 6.61
N GLN D 237 -31.35 -14.46 7.89
CA GLN D 237 -30.69 -15.21 8.97
C GLN D 237 -31.36 -16.58 9.22
N LYS D 238 -30.97 -17.62 8.49
CA LYS D 238 -31.68 -18.91 8.60
C LYS D 238 -31.81 -19.42 10.04
N GLU D 239 -30.75 -19.26 10.83
CA GLU D 239 -30.69 -19.78 12.20
C GLU D 239 -31.65 -19.07 13.16
N ARG D 240 -32.05 -17.86 12.80
CA ARG D 240 -32.96 -17.05 13.60
C ARG D 240 -34.45 -17.38 13.41
N PHE D 241 -34.78 -18.23 12.43
CA PHE D 241 -36.18 -18.53 12.13
C PHE D 241 -36.71 -19.73 12.94
N GLY D 242 -37.98 -19.69 13.32
CA GLY D 242 -38.65 -20.83 13.95
C GLY D 242 -38.89 -21.95 12.95
N SER D 243 -39.58 -21.63 11.86
CA SER D 243 -39.91 -22.61 10.84
C SER D 243 -39.09 -22.36 9.58
N THR D 244 -38.63 -23.42 8.92
CA THR D 244 -37.94 -23.30 7.64
C THR D 244 -38.89 -22.71 6.61
N GLN D 245 -40.15 -23.12 6.66
CA GLN D 245 -41.20 -22.57 5.82
C GLN D 245 -41.15 -21.03 5.86
N GLU D 246 -41.11 -20.48 7.07
CA GLU D 246 -41.05 -19.04 7.28
C GLU D 246 -39.75 -18.39 6.76
N TYR D 247 -38.69 -19.17 6.67
CA TYR D 247 -37.42 -18.70 6.10
C TYR D 247 -37.41 -18.81 4.59
N GLU D 248 -37.92 -19.93 4.05
CA GLU D 248 -37.91 -20.18 2.60
C GLU D 248 -38.88 -19.29 1.81
N ALA D 249 -39.82 -18.64 2.49
CA ALA D 249 -40.61 -17.57 1.89
C ALA D 249 -39.76 -16.31 1.76
N CYS D 250 -38.98 -16.04 2.80
CA CYS D 250 -38.12 -14.86 2.88
C CYS D 250 -36.83 -14.94 2.11
N PHE D 251 -36.45 -16.13 1.66
CA PHE D 251 -35.12 -16.36 1.14
C PHE D 251 -35.02 -16.15 -0.37
N GLY D 252 -34.04 -15.32 -0.76
CA GLY D 252 -33.74 -15.06 -2.17
C GLY D 252 -34.66 -14.05 -2.80
N GLN D 253 -35.27 -13.19 -1.99
CA GLN D 253 -36.27 -12.24 -2.45
C GLN D 253 -35.56 -11.04 -3.06
N PHE D 254 -34.82 -10.31 -2.22
CA PHE D 254 -34.06 -9.15 -2.67
C PHE D 254 -32.70 -9.64 -3.13
N ILE D 255 -32.38 -9.34 -4.37
CA ILE D 255 -31.16 -9.82 -4.99
C ILE D 255 -30.61 -8.69 -5.84
N LEU D 256 -29.36 -8.33 -5.58
CA LEU D 256 -28.67 -7.28 -6.31
C LEU D 256 -27.90 -7.95 -7.46
N THR D 257 -27.93 -7.31 -8.62
CA THR D 257 -27.35 -7.84 -9.83
C THR D 257 -26.70 -6.67 -10.56
N PRO D 258 -25.83 -6.97 -11.54
CA PRO D 258 -25.25 -5.84 -12.27
C PRO D 258 -26.34 -5.00 -12.99
N HIS D 259 -27.32 -5.65 -13.58
CA HIS D 259 -28.38 -4.90 -14.26
C HIS D 259 -29.08 -3.92 -13.31
N ILE D 260 -29.42 -4.36 -12.09
CA ILE D 260 -30.05 -3.48 -11.12
C ILE D 260 -29.14 -2.29 -10.75
N MET D 261 -27.84 -2.54 -10.72
CA MET D 261 -26.85 -1.50 -10.39
C MET D 261 -26.73 -0.38 -11.44
N THR D 262 -26.87 -0.69 -12.74
CA THR D 262 -26.72 0.35 -13.80
C THR D 262 -27.57 1.59 -13.50
N ARG D 263 -28.67 1.38 -12.76
CA ARG D 263 -29.51 2.46 -12.21
C ARG D 263 -28.97 3.21 -10.97
N ALA D 264 -27.91 2.70 -10.33
CA ALA D 264 -27.32 3.37 -9.16
C ALA D 264 -26.51 4.61 -9.52
N LYS D 265 -26.16 5.40 -8.51
CA LYS D 265 -25.27 6.56 -8.69
C LYS D 265 -23.82 6.11 -8.93
N LYS D 266 -23.01 6.96 -9.56
CA LYS D 266 -21.56 6.70 -9.65
C LYS D 266 -20.92 6.85 -8.27
N LYS D 267 -21.33 7.87 -7.52
CA LYS D 267 -20.77 8.13 -6.18
C LYS D 267 -21.60 7.38 -5.15
N MET D 268 -21.33 6.08 -5.06
CA MET D 268 -22.14 5.18 -4.25
C MET D 268 -21.33 3.95 -3.89
N VAL D 269 -21.71 3.33 -2.79
CA VAL D 269 -21.08 2.08 -2.40
C VAL D 269 -22.07 1.06 -1.94
N VAL D 270 -21.78 -0.19 -2.28
CA VAL D 270 -22.54 -1.31 -1.79
C VAL D 270 -21.73 -2.06 -0.69
N MET D 271 -22.38 -2.17 0.46
CA MET D 271 -21.77 -2.72 1.66
C MET D 271 -22.59 -3.92 2.08
N HIS D 272 -21.99 -4.75 2.92
CA HIS D 272 -22.57 -5.98 3.40
C HIS D 272 -21.70 -6.53 4.57
N PRO D 273 -22.28 -6.76 5.77
CA PRO D 273 -21.41 -7.32 6.81
C PRO D 273 -20.78 -8.69 6.50
N MET D 274 -21.43 -9.48 5.65
CA MET D 274 -20.97 -10.79 5.21
C MET D 274 -21.34 -11.81 6.29
N PRO D 275 -21.35 -13.11 5.95
CA PRO D 275 -21.25 -13.65 4.62
C PRO D 275 -22.55 -13.46 3.86
N ARG D 276 -22.45 -13.44 2.54
CA ARG D 276 -23.62 -13.47 1.70
C ARG D 276 -23.87 -14.91 1.28
N VAL D 277 -25.12 -15.20 0.93
CA VAL D 277 -25.49 -16.47 0.34
C VAL D 277 -25.77 -16.24 -1.15
N ASN D 278 -26.75 -15.39 -1.44
CA ASN D 278 -27.18 -15.12 -2.83
C ASN D 278 -27.63 -13.67 -3.08
N GLU D 279 -27.75 -12.86 -2.04
CA GLU D 279 -28.38 -11.53 -2.13
C GLU D 279 -27.59 -10.51 -2.94
N ILE D 280 -26.29 -10.75 -3.10
CA ILE D 280 -25.50 -10.03 -4.07
C ILE D 280 -24.88 -11.08 -4.96
N SER D 281 -25.13 -10.97 -6.25
CA SER D 281 -24.57 -11.92 -7.21
C SER D 281 -23.08 -11.72 -7.34
N VAL D 282 -22.40 -12.76 -7.80
CA VAL D 282 -20.95 -12.80 -7.81
C VAL D 282 -20.35 -11.87 -8.87
N GLU D 283 -21.17 -11.50 -9.88
CA GLU D 283 -20.75 -10.53 -10.90
C GLU D 283 -20.59 -9.10 -10.36
N VAL D 284 -21.41 -8.73 -9.37
CA VAL D 284 -21.35 -7.38 -8.73
C VAL D 284 -19.94 -7.00 -8.21
N ASP D 285 -19.15 -8.00 -7.82
CA ASP D 285 -17.89 -7.78 -7.10
C ASP D 285 -16.81 -7.05 -7.91
N SER D 286 -16.85 -7.18 -9.23
CA SER D 286 -15.89 -6.50 -10.11
C SER D 286 -16.16 -5.00 -10.33
N ASP D 287 -17.28 -4.50 -9.82
CA ASP D 287 -17.59 -3.07 -9.88
C ASP D 287 -16.94 -2.34 -8.70
N PRO D 288 -15.96 -1.44 -8.97
CA PRO D 288 -15.28 -0.70 -7.89
C PRO D 288 -16.16 -0.10 -6.77
N ARG D 289 -17.47 0.01 -6.98
CA ARG D 289 -18.44 0.39 -5.94
C ARG D 289 -18.71 -0.73 -4.92
N ALA D 290 -18.35 -1.97 -5.28
CA ALA D 290 -18.44 -3.12 -4.37
C ALA D 290 -17.44 -2.97 -3.24
N ALA D 291 -17.87 -2.41 -2.12
CA ALA D 291 -16.97 -2.00 -1.08
C ALA D 291 -17.01 -2.94 0.14
N TYR D 292 -17.51 -4.17 -0.06
CA TYR D 292 -17.71 -5.08 1.07
C TYR D 292 -16.44 -5.86 1.42
N PHE D 293 -15.60 -6.12 0.44
CA PHE D 293 -14.30 -6.73 0.77
C PHE D 293 -13.36 -5.75 1.45
N ARG D 294 -13.43 -4.48 1.06
CA ARG D 294 -12.67 -3.44 1.76
C ARG D 294 -13.30 -3.08 3.13
N GLN D 295 -14.55 -3.48 3.36
CA GLN D 295 -15.22 -3.23 4.63
C GLN D 295 -14.63 -4.22 5.70
N ALA D 296 -14.42 -5.46 5.32
CA ALA D 296 -13.80 -6.47 6.18
C ALA D 296 -12.36 -6.11 6.53
N GLU D 297 -11.60 -5.70 5.51
CA GLU D 297 -10.20 -5.31 5.70
C GLU D 297 -10.08 -4.13 6.66
N ASN D 298 -10.96 -3.15 6.51
CA ASN D 298 -11.03 -2.02 7.46
C ASN D 298 -11.37 -2.41 8.88
N GLY D 299 -12.09 -3.49 9.03
CA GLY D 299 -12.49 -3.99 10.34
C GLY D 299 -11.30 -4.39 11.18
N MET D 300 -10.31 -5.01 10.54
CA MET D 300 -9.09 -5.40 11.24
C MET D 300 -8.39 -4.20 11.85
N TYR D 301 -8.34 -3.09 11.12
CA TYR D 301 -7.63 -1.89 11.57
C TYR D 301 -8.44 -1.13 12.64
N ILE D 302 -9.77 -1.09 12.46
CA ILE D 302 -10.66 -0.60 13.51
C ILE D 302 -10.58 -1.40 14.82
N ARG D 303 -10.47 -2.72 14.69
CA ARG D 303 -10.30 -3.59 15.86
C ARG D 303 -8.95 -3.37 16.56
N MET D 304 -7.88 -3.14 15.81
CA MET D 304 -6.60 -2.74 16.39
C MET D 304 -6.76 -1.45 17.20
N ALA D 305 -7.33 -0.41 16.59
CA ALA D 305 -7.55 0.83 17.33
C ALA D 305 -8.37 0.53 18.56
N LEU D 306 -9.46 -0.20 18.35
CA LEU D 306 -10.34 -0.60 19.42
C LEU D 306 -9.64 -1.33 20.59
N LEU D 307 -8.68 -2.19 20.29
CA LEU D 307 -7.99 -2.93 21.38
C LEU D 307 -6.96 -2.06 22.10
N ALA D 308 -6.15 -1.34 21.32
CA ALA D 308 -5.09 -0.50 21.88
C ALA D 308 -5.66 0.59 22.78
N THR D 309 -6.77 1.17 22.38
CA THR D 309 -7.41 2.23 23.15
C THR D 309 -8.12 1.69 24.38
N VAL D 310 -8.82 0.56 24.24
CA VAL D 310 -9.47 -0.05 25.41
C VAL D 310 -8.42 -0.50 26.42
N LEU D 311 -7.26 -0.95 25.94
CA LEU D 311 -6.13 -1.35 26.81
C LEU D 311 -5.17 -0.19 27.10
N GLY D 312 -5.50 1.02 26.63
CA GLY D 312 -4.85 2.24 27.10
C GLY D 312 -3.45 2.50 26.59
N ARG D 313 -3.23 2.24 25.30
CA ARG D 313 -1.97 2.55 24.62
C ARG D 313 -2.20 3.39 23.35
N PHE D 314 -3.09 4.38 23.43
CA PHE D 314 -3.33 5.34 22.34
C PHE D 314 -4.39 6.37 22.75
N HIS E 8 13.56 -19.78 -11.05
CA HIS E 8 13.80 -19.45 -9.61
C HIS E 8 12.88 -18.34 -9.09
N SER E 9 12.45 -18.51 -7.84
CA SER E 9 11.84 -17.46 -7.00
C SER E 9 10.32 -17.59 -6.84
N LEU E 10 9.92 -17.85 -5.60
CA LEU E 10 8.53 -18.11 -5.25
C LEU E 10 7.93 -16.96 -4.47
N VAL E 11 8.55 -15.79 -4.52
CA VAL E 11 8.03 -14.64 -3.77
C VAL E 11 6.65 -14.29 -4.31
N GLY E 12 5.69 -14.09 -3.40
CA GLY E 12 4.30 -13.81 -3.78
C GLY E 12 3.53 -14.93 -4.49
N GLN E 13 4.22 -16.01 -4.86
CA GLN E 13 3.64 -17.04 -5.71
C GLN E 13 2.70 -18.00 -4.98
N HIS E 14 1.61 -18.37 -5.66
CA HIS E 14 0.74 -19.45 -5.22
C HIS E 14 1.56 -20.74 -5.23
N ILE E 15 1.18 -21.68 -4.38
CA ILE E 15 1.82 -22.98 -4.33
C ILE E 15 0.74 -24.06 -4.41
N LEU E 16 0.43 -24.48 -5.64
CA LEU E 16 -0.71 -25.35 -5.89
C LEU E 16 -0.31 -26.69 -6.50
N SER E 17 0.74 -26.72 -7.31
CA SER E 17 1.13 -27.96 -7.97
C SER E 17 2.64 -28.15 -8.01
N VAL E 18 3.09 -29.40 -8.10
CA VAL E 18 4.53 -29.65 -8.28
C VAL E 18 4.97 -29.52 -9.76
N GLN E 19 4.03 -29.18 -10.63
CA GLN E 19 4.33 -28.89 -12.04
C GLN E 19 5.02 -27.53 -12.17
N GLN E 20 4.69 -26.64 -11.25
CA GLN E 20 5.29 -25.30 -11.26
C GLN E 20 6.70 -25.22 -10.63
N PHE E 21 7.21 -26.30 -10.04
CA PHE E 21 8.57 -26.29 -9.46
C PHE E 21 9.69 -26.64 -10.44
N THR E 22 10.79 -25.89 -10.37
CA THR E 22 12.00 -26.24 -11.11
C THR E 22 12.96 -26.89 -10.13
N LYS E 23 14.11 -27.33 -10.64
CA LYS E 23 15.13 -27.93 -9.80
C LYS E 23 15.85 -26.90 -8.92
N ASP E 24 16.15 -25.74 -9.49
CA ASP E 24 16.81 -24.66 -8.75
C ASP E 24 15.93 -24.01 -7.67
N GLN E 25 14.60 -24.10 -7.82
CA GLN E 25 13.68 -23.63 -6.77
C GLN E 25 13.67 -24.60 -5.60
N MET E 26 13.87 -25.87 -5.90
CA MET E 26 13.95 -26.91 -4.87
C MET E 26 15.27 -26.78 -4.13
N SER E 27 16.36 -26.78 -4.89
CA SER E 27 17.69 -26.59 -4.34
C SER E 27 17.73 -25.42 -3.37
N HIS E 28 17.33 -24.24 -3.83
CA HIS E 28 17.36 -23.02 -3.01
C HIS E 28 16.53 -23.19 -1.75
N LEU E 29 15.35 -23.78 -1.92
CA LEU E 29 14.39 -24.00 -0.83
C LEU E 29 14.90 -25.07 0.15
N PHE E 30 15.58 -26.08 -0.36
CA PHE E 30 16.23 -27.07 0.51
C PHE E 30 17.34 -26.38 1.28
N ASN E 31 18.12 -25.54 0.59
CA ASN E 31 19.22 -24.81 1.21
C ASN E 31 18.74 -23.95 2.35
N VAL E 32 17.71 -23.13 2.08
CA VAL E 32 17.11 -22.26 3.09
C VAL E 32 16.44 -23.04 4.23
N ALA E 33 15.95 -24.25 3.97
CA ALA E 33 15.41 -25.08 5.04
C ALA E 33 16.53 -25.46 6.02
N HIS E 34 17.71 -25.74 5.50
CA HIS E 34 18.90 -26.01 6.32
C HIS E 34 19.36 -24.79 7.13
N THR E 35 19.28 -23.60 6.52
CA THR E 35 19.72 -22.37 7.16
C THR E 35 18.85 -22.09 8.36
N LEU E 36 17.53 -22.20 8.19
CA LEU E 36 16.60 -21.97 9.28
C LEU E 36 16.72 -23.02 10.37
N ARG E 37 16.84 -24.29 9.98
CA ARG E 37 17.06 -25.35 10.97
C ARG E 37 18.17 -24.93 11.92
N MET E 38 19.34 -24.58 11.38
CA MET E 38 20.51 -24.32 12.21
C MET E 38 20.30 -23.10 13.12
N MET E 39 19.67 -22.05 12.58
CA MET E 39 19.28 -20.87 13.36
C MET E 39 18.33 -21.29 14.46
N VAL E 40 17.46 -22.25 14.15
CA VAL E 40 16.57 -22.84 15.15
C VAL E 40 17.39 -23.66 16.17
N GLN E 41 18.38 -24.40 15.69
CA GLN E 41 19.26 -25.17 16.57
C GLN E 41 20.13 -24.31 17.52
N LYS E 42 20.38 -23.05 17.16
CA LYS E 42 21.22 -22.14 17.93
C LYS E 42 20.42 -21.23 18.86
N GLU E 43 19.12 -21.46 18.97
CA GLU E 43 18.19 -20.51 19.58
C GLU E 43 18.46 -19.06 19.16
N ARG E 44 18.96 -18.86 17.95
CA ARG E 44 19.08 -17.50 17.42
C ARG E 44 17.66 -16.99 17.40
N SER E 45 17.44 -15.84 18.04
CA SER E 45 16.08 -15.29 18.22
C SER E 45 15.48 -14.73 16.92
N LEU E 46 14.75 -15.56 16.17
CA LEU E 46 14.24 -15.24 14.82
C LEU E 46 12.90 -14.47 14.81
N ASP E 47 12.87 -13.38 14.04
CA ASP E 47 11.68 -12.54 13.89
C ASP E 47 11.51 -12.11 12.42
N ILE E 48 11.87 -13.03 11.53
CA ILE E 48 11.90 -12.78 10.11
C ILE E 48 10.50 -12.51 9.52
N LEU E 49 9.47 -13.06 10.16
CA LEU E 49 8.08 -12.79 9.76
C LEU E 49 7.31 -12.19 10.93
N LYS E 50 8.00 -11.45 11.76
CA LYS E 50 7.34 -10.71 12.82
C LYS E 50 6.36 -9.72 12.16
N GLY E 51 5.17 -9.59 12.74
CA GLY E 51 4.08 -8.84 12.12
C GLY E 51 3.20 -9.71 11.23
N LYS E 52 3.82 -10.54 10.39
CA LYS E 52 3.13 -11.33 9.36
C LYS E 52 2.16 -12.37 9.90
N VAL E 53 1.04 -12.53 9.17
CA VAL E 53 -0.04 -13.40 9.60
C VAL E 53 -0.31 -14.45 8.52
N MET E 54 -0.50 -15.69 8.96
CA MET E 54 -0.91 -16.80 8.11
C MET E 54 -2.29 -17.24 8.53
N ALA E 55 -3.14 -17.43 7.53
CA ALA E 55 -4.46 -17.97 7.71
C ALA E 55 -4.36 -19.47 7.45
N SER E 56 -4.69 -20.27 8.45
CA SER E 56 -4.68 -21.71 8.29
C SER E 56 -6.12 -22.16 8.11
N MET E 57 -6.44 -22.61 6.89
CA MET E 57 -7.80 -22.96 6.50
C MET E 57 -7.91 -24.44 6.18
N PHE E 58 -8.41 -25.22 7.13
CA PHE E 58 -8.54 -26.67 6.97
C PHE E 58 -10.01 -27.08 6.93
N TYR E 59 -10.40 -27.65 5.78
CA TYR E 59 -11.77 -28.17 5.55
C TYR E 59 -11.79 -29.68 5.72
N GLU E 60 -10.59 -30.25 5.83
CA GLU E 60 -10.44 -31.65 6.22
C GLU E 60 -9.50 -31.63 7.40
N VAL E 61 -9.55 -32.69 8.19
CA VAL E 61 -8.81 -32.73 9.46
C VAL E 61 -7.33 -32.78 9.16
N SER E 62 -6.52 -32.36 10.11
CA SER E 62 -5.07 -32.46 9.99
C SER E 62 -4.34 -32.58 11.31
N THR E 63 -3.09 -33.06 11.23
CA THR E 63 -2.14 -33.09 12.34
C THR E 63 -0.74 -32.58 11.91
N ARG E 64 -0.03 -33.30 11.05
CA ARG E 64 1.28 -32.81 10.58
C ARG E 64 1.21 -31.52 9.73
N THR E 65 0.34 -31.50 8.75
CA THR E 65 0.31 -30.37 7.84
C THR E 65 -0.10 -29.10 8.58
N SER E 66 -1.22 -29.13 9.30
CA SER E 66 -1.63 -27.95 10.10
C SER E 66 -0.63 -27.54 11.18
N SER E 67 -0.14 -28.52 11.94
CA SER E 67 0.75 -28.22 13.06
C SER E 67 2.13 -27.73 12.60
N SER E 68 2.71 -28.35 11.56
CA SER E 68 4.01 -27.94 11.03
C SER E 68 4.01 -26.65 10.20
N PHE E 69 2.86 -26.24 9.66
CA PHE E 69 2.72 -24.90 9.10
C PHE E 69 2.61 -23.87 10.22
N ALA E 70 1.91 -24.27 11.29
CA ALA E 70 1.67 -23.36 12.41
C ALA E 70 2.92 -23.21 13.28
N ALA E 71 3.65 -24.31 13.46
CA ALA E 71 4.94 -24.26 14.15
C ALA E 71 5.95 -23.42 13.37
N ALA E 72 6.02 -23.65 12.06
CA ALA E 72 6.91 -22.91 11.18
C ALA E 72 6.74 -21.39 11.31
N MET E 73 5.50 -20.94 11.19
CA MET E 73 5.19 -19.52 11.29
C MET E 73 5.65 -18.95 12.64
N ALA E 74 5.11 -19.53 13.71
CA ALA E 74 5.51 -19.17 15.06
C ALA E 74 7.04 -19.13 15.26
N ARG E 75 7.78 -20.04 14.63
CA ARG E 75 9.23 -20.07 14.84
C ARG E 75 9.95 -18.96 14.03
N LEU E 76 9.32 -18.48 12.97
CA LEU E 76 9.81 -17.31 12.24
C LEU E 76 9.44 -16.01 12.96
N GLY E 77 8.53 -16.09 13.93
CA GLY E 77 8.04 -14.92 14.66
C GLY E 77 6.72 -14.38 14.15
N GLY E 78 6.12 -15.06 13.16
CA GLY E 78 4.81 -14.64 12.66
C GLY E 78 3.64 -15.12 13.49
N ALA E 79 2.44 -14.67 13.13
CA ALA E 79 1.19 -15.13 13.74
C ALA E 79 0.42 -16.07 12.81
N VAL E 80 -0.61 -16.71 13.37
CA VAL E 80 -1.41 -17.74 12.70
C VAL E 80 -2.86 -17.63 13.13
N LEU E 81 -3.74 -17.38 12.16
CA LEU E 81 -5.20 -17.40 12.35
C LEU E 81 -5.74 -18.78 12.02
N SER E 82 -6.24 -19.49 13.03
CA SER E 82 -6.74 -20.84 12.79
C SER E 82 -8.16 -20.76 12.24
N PHE E 83 -8.42 -21.54 11.20
CA PHE E 83 -9.71 -21.54 10.55
C PHE E 83 -10.16 -22.97 10.30
N SER E 84 -11.22 -23.38 11.00
CA SER E 84 -11.88 -24.64 10.72
C SER E 84 -13.31 -24.41 10.27
N GLU E 85 -13.73 -25.19 9.29
CA GLU E 85 -15.09 -25.12 8.72
C GLU E 85 -16.17 -25.17 9.81
N ALA E 86 -16.11 -26.20 10.66
CA ALA E 86 -17.14 -26.47 11.66
C ALA E 86 -17.60 -25.28 12.51
N THR E 87 -16.67 -24.39 12.88
CA THR E 87 -16.98 -23.28 13.79
C THR E 87 -16.90 -21.89 13.12
N SER E 88 -16.74 -21.89 11.79
CA SER E 88 -16.62 -20.67 11.00
C SER E 88 -17.97 -20.25 10.44
N SER E 89 -17.99 -19.16 9.68
CA SER E 89 -19.24 -18.73 9.01
C SER E 89 -19.51 -19.46 7.71
N VAL E 90 -18.74 -20.50 7.42
CA VAL E 90 -19.11 -21.47 6.38
C VAL E 90 -20.49 -22.03 6.72
N GLN E 91 -20.73 -22.22 8.01
CA GLN E 91 -22.04 -22.65 8.52
C GLN E 91 -23.18 -21.71 8.15
N LYS E 92 -22.87 -20.42 8.02
CA LYS E 92 -23.85 -19.41 7.67
C LYS E 92 -24.04 -19.26 6.16
N GLY E 93 -23.57 -20.23 5.38
CA GLY E 93 -23.79 -20.24 3.93
C GLY E 93 -22.57 -19.95 3.07
N GLU E 94 -21.51 -19.40 3.66
CA GLU E 94 -20.43 -18.79 2.89
C GLU E 94 -19.72 -19.79 1.99
N SER E 95 -19.51 -19.39 0.74
CA SER E 95 -18.86 -20.25 -0.22
C SER E 95 -17.36 -20.20 -0.02
N LEU E 96 -16.66 -21.06 -0.74
CA LEU E 96 -15.24 -21.19 -0.55
C LEU E 96 -14.47 -19.93 -0.95
N ALA E 97 -14.79 -19.37 -2.11
CA ALA E 97 -14.06 -18.21 -2.61
C ALA E 97 -14.18 -17.06 -1.63
N ASP E 98 -15.40 -16.77 -1.18
CA ASP E 98 -15.63 -15.69 -0.22
C ASP E 98 -14.78 -15.85 1.06
N SER E 99 -14.76 -17.08 1.59
CA SER E 99 -14.00 -17.42 2.80
C SER E 99 -12.52 -17.12 2.58
N VAL E 100 -11.95 -17.74 1.57
CA VAL E 100 -10.55 -17.54 1.20
C VAL E 100 -10.25 -16.05 0.98
N GLN E 101 -11.10 -15.38 0.22
CA GLN E 101 -10.91 -13.99 -0.12
C GLN E 101 -11.03 -13.11 1.14
N THR E 102 -11.87 -13.52 2.09
CA THR E 102 -12.00 -12.82 3.38
C THR E 102 -10.75 -13.00 4.25
N MET E 103 -10.21 -14.23 4.31
CA MET E 103 -9.06 -14.51 5.19
C MET E 103 -7.78 -13.86 4.66
N SER E 104 -7.69 -13.70 3.34
CA SER E 104 -6.54 -13.00 2.75
C SER E 104 -6.60 -11.48 2.97
N CYS E 105 -7.74 -10.95 3.41
CA CYS E 105 -7.80 -9.55 3.87
C CYS E 105 -7.08 -9.39 5.19
N TYR E 106 -7.18 -10.41 6.05
CA TYR E 106 -6.57 -10.38 7.38
C TYR E 106 -5.12 -10.86 7.36
N ALA E 107 -4.80 -11.75 6.42
CA ALA E 107 -3.55 -12.48 6.49
C ALA E 107 -2.76 -12.36 5.20
N ASP E 108 -1.44 -12.45 5.36
CA ASP E 108 -0.48 -12.26 4.29
C ASP E 108 -0.27 -13.49 3.43
N VAL E 109 -0.65 -14.66 3.96
CA VAL E 109 -0.50 -15.92 3.25
C VAL E 109 -1.62 -16.83 3.74
N VAL E 110 -2.10 -17.68 2.84
CA VAL E 110 -3.24 -18.54 3.12
C VAL E 110 -2.84 -19.96 2.77
N VAL E 111 -2.97 -20.86 3.74
CA VAL E 111 -2.78 -22.28 3.52
C VAL E 111 -4.15 -22.93 3.59
N LEU E 112 -4.45 -23.73 2.58
CA LEU E 112 -5.80 -24.24 2.41
C LEU E 112 -5.76 -25.74 2.16
N ARG E 113 -6.55 -26.48 2.93
CA ARG E 113 -6.76 -27.89 2.73
C ARG E 113 -8.26 -28.13 2.49
N HIS E 114 -8.63 -28.68 1.34
CA HIS E 114 -10.05 -28.87 1.00
C HIS E 114 -10.28 -30.24 0.37
N PRO E 115 -11.47 -30.88 0.58
CA PRO E 115 -11.78 -32.26 0.10
C PRO E 115 -12.09 -32.47 -1.39
N GLN E 116 -12.66 -31.47 -2.02
CA GLN E 116 -12.92 -31.43 -3.46
C GLN E 116 -11.66 -31.15 -4.27
N PRO E 117 -11.23 -32.12 -5.12
CA PRO E 117 -10.05 -31.89 -5.95
C PRO E 117 -10.15 -30.61 -6.80
N GLY E 118 -9.04 -29.91 -6.94
CA GLY E 118 -8.97 -28.67 -7.70
C GLY E 118 -9.62 -27.44 -7.06
N ALA E 119 -10.32 -27.60 -5.95
CA ALA E 119 -11.02 -26.48 -5.32
C ALA E 119 -10.06 -25.46 -4.75
N VAL E 120 -8.80 -25.84 -4.61
CA VAL E 120 -7.78 -24.97 -4.05
C VAL E 120 -7.29 -23.99 -5.11
N GLU E 121 -6.88 -24.52 -6.26
CA GLU E 121 -6.49 -23.68 -7.39
C GLU E 121 -7.63 -22.77 -7.81
N LEU E 122 -8.85 -23.30 -7.76
CA LEU E 122 -10.01 -22.55 -8.20
C LEU E 122 -10.38 -21.44 -7.19
N ALA E 123 -10.07 -21.65 -5.92
CA ALA E 123 -10.27 -20.62 -4.90
C ALA E 123 -9.15 -19.58 -4.86
N ALA E 124 -7.97 -19.95 -5.37
CA ALA E 124 -6.82 -19.06 -5.46
C ALA E 124 -6.86 -18.11 -6.66
N LYS E 125 -7.61 -18.53 -7.69
CA LYS E 125 -7.80 -17.74 -8.92
C LYS E 125 -7.94 -16.25 -8.61
N HIS E 126 -8.92 -15.92 -7.80
CA HIS E 126 -9.27 -14.52 -7.49
C HIS E 126 -8.84 -14.13 -6.07
N CYS E 127 -7.59 -14.44 -5.75
CA CYS E 127 -7.06 -14.19 -4.41
C CYS E 127 -5.84 -13.27 -4.47
N ARG E 128 -5.84 -12.28 -3.59
CA ARG E 128 -4.82 -11.22 -3.58
C ARG E 128 -3.50 -11.60 -2.88
N ARG E 129 -3.52 -12.64 -2.06
CA ARG E 129 -2.31 -13.13 -1.38
C ARG E 129 -1.92 -14.53 -1.85
N PRO E 130 -0.69 -14.96 -1.51
CA PRO E 130 -0.33 -16.34 -1.78
C PRO E 130 -1.26 -17.32 -1.07
N VAL E 131 -1.64 -18.35 -1.81
CA VAL E 131 -2.45 -19.46 -1.35
C VAL E 131 -1.62 -20.72 -1.56
N ILE E 132 -1.45 -21.49 -0.49
CA ILE E 132 -0.69 -22.75 -0.52
C ILE E 132 -1.60 -23.96 -0.32
N ASN E 133 -1.52 -24.89 -1.26
CA ASN E 133 -2.30 -26.09 -1.25
C ASN E 133 -1.70 -27.10 -0.28
N ALA E 134 -2.38 -27.31 0.84
CA ALA E 134 -2.01 -28.33 1.79
C ALA E 134 -2.94 -29.56 1.65
N GLY E 135 -3.42 -29.82 0.43
CA GLY E 135 -4.31 -30.96 0.13
C GLY E 135 -5.66 -30.59 -0.53
N ASP E 136 -5.88 -31.11 -1.74
CA ASP E 136 -7.20 -31.02 -2.40
C ASP E 136 -7.74 -32.42 -2.78
N GLY E 137 -8.59 -32.97 -1.91
CA GLY E 137 -9.13 -34.33 -2.06
C GLY E 137 -8.13 -35.42 -2.42
N VAL E 138 -8.36 -36.05 -3.58
CA VAL E 138 -7.45 -37.07 -4.12
C VAL E 138 -6.56 -36.52 -5.25
N GLY E 139 -6.28 -35.22 -5.22
CA GLY E 139 -5.50 -34.55 -6.28
C GLY E 139 -4.00 -34.48 -6.02
N GLU E 140 -3.56 -33.42 -5.35
CA GLU E 140 -2.14 -33.22 -5.05
C GLU E 140 -1.91 -32.80 -3.61
N HIS E 141 -0.63 -32.88 -3.19
CA HIS E 141 -0.17 -32.38 -1.90
C HIS E 141 1.24 -31.80 -2.08
N PRO E 142 1.36 -30.61 -2.71
CA PRO E 142 2.66 -30.17 -3.24
C PRO E 142 3.81 -30.02 -2.23
N THR E 143 3.50 -29.64 -0.99
CA THR E 143 4.53 -29.38 0.04
C THR E 143 4.91 -30.64 0.84
N GLN E 144 4.05 -31.67 0.79
CA GLN E 144 4.43 -32.99 1.26
C GLN E 144 5.35 -33.64 0.22
N ALA E 145 5.24 -33.27 -1.06
CA ALA E 145 6.16 -33.80 -2.06
C ALA E 145 7.58 -33.24 -1.89
N LEU E 146 7.67 -31.94 -1.58
CA LEU E 146 8.94 -31.28 -1.38
C LEU E 146 9.68 -31.84 -0.13
N LEU E 147 8.96 -32.06 0.95
CA LEU E 147 9.58 -32.58 2.17
C LEU E 147 9.93 -34.06 2.04
N ASP E 148 9.13 -34.83 1.29
CA ASP E 148 9.47 -36.22 0.90
C ASP E 148 10.83 -36.25 0.17
N ILE E 149 11.00 -35.43 -0.86
CA ILE E 149 12.31 -35.37 -1.55
C ILE E 149 13.46 -34.79 -0.71
N PHE E 150 13.16 -33.88 0.22
CA PHE E 150 14.16 -33.42 1.18
C PHE E 150 14.66 -34.57 2.08
N THR E 151 13.73 -35.27 2.73
CA THR E 151 14.04 -36.44 3.55
C THR E 151 14.80 -37.51 2.76
N ILE E 152 14.40 -37.77 1.51
CA ILE E 152 15.14 -38.74 0.69
C ILE E 152 16.59 -38.30 0.51
N ARG E 153 16.79 -37.02 0.24
CA ARG E 153 18.14 -36.46 0.04
C ARG E 153 19.02 -36.53 1.29
N GLU E 154 18.43 -36.14 2.42
CA GLU E 154 19.12 -36.19 3.71
C GLU E 154 19.41 -37.62 4.20
N GLU E 155 18.50 -38.54 3.92
CA GLU E 155 18.60 -39.92 4.40
C GLU E 155 19.61 -40.75 3.64
N LEU E 156 19.80 -40.44 2.35
CA LEU E 156 20.61 -41.27 1.48
C LEU E 156 21.71 -40.53 0.73
N GLY E 157 21.87 -39.24 1.01
CA GLY E 157 22.89 -38.41 0.38
C GLY E 157 22.57 -37.86 -0.99
N THR E 158 21.65 -38.53 -1.70
CA THR E 158 21.22 -38.10 -3.03
C THR E 158 19.86 -38.72 -3.36
N VAL E 159 19.15 -38.13 -4.32
CA VAL E 159 17.91 -38.70 -4.88
C VAL E 159 18.18 -39.41 -6.23
N ASN E 160 19.26 -39.02 -6.89
CA ASN E 160 19.64 -39.60 -8.17
C ASN E 160 20.17 -41.04 -8.08
N GLY E 161 19.70 -41.88 -9.00
CA GLY E 161 20.08 -43.29 -9.06
C GLY E 161 19.24 -44.19 -8.15
N MET E 162 18.40 -43.58 -7.32
CA MET E 162 17.55 -44.33 -6.42
C MET E 162 16.38 -44.96 -7.16
N THR E 163 15.88 -46.07 -6.64
CA THR E 163 14.56 -46.57 -7.01
C THR E 163 13.68 -46.41 -5.78
N ILE E 164 12.53 -45.75 -5.94
CA ILE E 164 11.55 -45.58 -4.86
C ILE E 164 10.40 -46.53 -5.15
N THR E 165 9.88 -47.17 -4.10
CA THR E 165 8.71 -48.06 -4.21
C THR E 165 7.57 -47.51 -3.41
N MET E 166 6.47 -47.19 -4.10
CA MET E 166 5.27 -46.61 -3.47
C MET E 166 4.25 -47.71 -3.28
N VAL E 167 3.62 -47.77 -2.11
CA VAL E 167 2.86 -48.96 -1.72
C VAL E 167 1.49 -48.63 -1.05
N GLY E 168 0.44 -49.27 -1.53
CA GLY E 168 -0.88 -49.21 -0.91
C GLY E 168 -1.96 -48.64 -1.81
N ASP E 169 -2.55 -47.54 -1.34
CA ASP E 169 -3.68 -46.88 -1.99
C ASP E 169 -3.13 -45.80 -2.93
N LEU E 170 -2.66 -46.21 -4.09
CA LEU E 170 -2.03 -45.28 -5.03
C LEU E 170 -3.05 -44.33 -5.71
N LYS E 171 -4.27 -44.84 -5.90
CA LYS E 171 -5.36 -44.12 -6.55
C LYS E 171 -5.84 -42.91 -5.77
N HIS E 172 -6.05 -43.09 -4.47
CA HIS E 172 -6.54 -42.00 -3.64
C HIS E 172 -5.41 -41.15 -3.03
N GLY E 173 -4.16 -41.53 -3.29
CA GLY E 173 -3.02 -40.92 -2.60
C GLY E 173 -2.60 -39.57 -3.14
N ARG E 174 -3.11 -38.50 -2.53
CA ARG E 174 -2.75 -37.16 -2.96
C ARG E 174 -1.25 -36.86 -2.88
N THR E 175 -0.55 -37.51 -1.94
CA THR E 175 0.88 -37.31 -1.79
C THR E 175 1.71 -38.15 -2.77
N VAL E 176 1.22 -39.33 -3.13
CA VAL E 176 1.92 -40.14 -4.12
C VAL E 176 1.74 -39.59 -5.55
N HIS E 177 0.69 -38.80 -5.79
CA HIS E 177 0.53 -38.17 -7.11
C HIS E 177 1.53 -37.06 -7.28
N SER E 178 1.58 -36.15 -6.30
CA SER E 178 2.60 -35.10 -6.30
C SER E 178 4.03 -35.65 -6.40
N LEU E 179 4.36 -36.61 -5.52
CA LEU E 179 5.72 -37.14 -5.43
C LEU E 179 6.18 -37.77 -6.72
N ALA E 180 5.37 -38.67 -7.28
CA ALA E 180 5.70 -39.32 -8.56
C ALA E 180 5.94 -38.29 -9.64
N CYS E 181 5.06 -37.31 -9.70
CA CYS E 181 5.21 -36.22 -10.67
C CYS E 181 6.45 -35.41 -10.39
N LEU E 182 6.69 -35.08 -9.12
CA LEU E 182 7.87 -34.25 -8.77
C LEU E 182 9.18 -34.96 -9.01
N LEU E 183 9.26 -36.22 -8.61
CA LEU E 183 10.48 -37.04 -8.77
C LEU E 183 11.04 -37.08 -10.19
N THR E 184 10.21 -36.86 -11.20
CA THR E 184 10.71 -36.89 -12.59
C THR E 184 11.78 -35.84 -12.85
N GLN E 185 11.95 -34.89 -11.93
CA GLN E 185 13.07 -33.94 -12.01
C GLN E 185 14.39 -34.49 -11.43
N TYR E 186 14.45 -35.80 -11.20
CA TYR E 186 15.67 -36.49 -10.84
C TYR E 186 15.79 -37.72 -11.75
N ARG E 187 16.89 -38.47 -11.60
CA ARG E 187 17.09 -39.76 -12.28
C ARG E 187 16.70 -40.92 -11.36
N VAL E 188 15.45 -41.37 -11.49
CA VAL E 188 14.87 -42.29 -10.53
C VAL E 188 14.11 -43.41 -11.24
N SER E 189 13.86 -44.51 -10.53
CA SER E 189 13.15 -45.64 -11.10
C SER E 189 12.00 -45.98 -10.15
N LEU E 190 10.76 -45.90 -10.62
CA LEU E 190 9.61 -46.04 -9.73
C LEU E 190 8.99 -47.40 -9.80
N ARG E 191 8.72 -47.97 -8.63
CA ARG E 191 8.06 -49.25 -8.51
C ARG E 191 6.74 -49.00 -7.82
N TYR E 192 5.68 -49.72 -8.25
CA TYR E 192 4.32 -49.49 -7.78
C TYR E 192 3.66 -50.75 -7.20
N VAL E 193 3.04 -50.63 -6.01
CA VAL E 193 2.42 -51.77 -5.31
C VAL E 193 1.03 -51.38 -4.79
N ALA E 194 -0.01 -51.88 -5.46
CA ALA E 194 -1.40 -51.55 -5.12
C ALA E 194 -2.37 -52.58 -5.71
N PRO E 195 -3.49 -52.85 -5.01
CA PRO E 195 -4.47 -53.77 -5.58
C PRO E 195 -5.11 -53.08 -6.78
N PRO E 196 -5.46 -53.85 -7.84
CA PRO E 196 -5.93 -53.24 -9.10
C PRO E 196 -6.90 -52.08 -8.94
N SER E 197 -7.81 -52.18 -7.97
CA SER E 197 -8.77 -51.11 -7.68
C SER E 197 -8.14 -49.83 -7.12
N LEU E 198 -6.86 -49.88 -6.73
CA LEU E 198 -6.19 -48.69 -6.19
C LEU E 198 -4.91 -48.34 -6.93
N ARG E 199 -4.77 -48.73 -8.20
CA ARG E 199 -3.57 -48.38 -8.96
C ARG E 199 -3.39 -46.88 -9.10
N MET E 200 -2.18 -46.48 -9.55
CA MET E 200 -1.85 -45.09 -9.73
C MET E 200 -2.61 -44.47 -10.92
N PRO E 201 -3.32 -43.34 -10.70
CA PRO E 201 -4.19 -42.81 -11.76
C PRO E 201 -3.53 -42.76 -13.15
N PRO E 202 -4.33 -42.80 -14.23
CA PRO E 202 -3.72 -42.81 -15.56
C PRO E 202 -3.06 -41.49 -15.96
N THR E 203 -3.59 -40.35 -15.48
CA THR E 203 -2.96 -39.05 -15.72
C THR E 203 -1.54 -39.02 -15.20
N VAL E 204 -1.37 -39.49 -13.97
CA VAL E 204 -0.04 -39.52 -13.35
C VAL E 204 0.95 -40.35 -14.13
N ARG E 205 0.66 -41.62 -14.38
CA ARG E 205 1.69 -42.53 -14.88
C ARG E 205 1.98 -42.44 -16.38
N ALA E 206 1.16 -41.72 -17.14
CA ALA E 206 1.54 -41.30 -18.49
C ALA E 206 2.32 -39.99 -18.38
N PHE E 207 1.92 -39.12 -17.45
CA PHE E 207 2.73 -37.96 -17.14
C PHE E 207 4.17 -38.37 -16.74
N VAL E 208 4.27 -39.46 -15.98
CA VAL E 208 5.58 -39.98 -15.57
C VAL E 208 6.24 -40.70 -16.74
N ALA E 209 5.44 -41.30 -17.61
CA ALA E 209 5.96 -41.85 -18.87
C ALA E 209 6.71 -40.78 -19.68
N SER E 210 6.03 -39.68 -20.00
CA SER E 210 6.58 -38.60 -20.84
C SER E 210 7.99 -38.15 -20.47
N ARG E 211 8.17 -37.81 -19.19
CA ARG E 211 9.47 -37.31 -18.72
C ARG E 211 10.62 -38.32 -18.78
N GLY E 212 10.30 -39.60 -18.98
CA GLY E 212 11.28 -40.65 -19.24
C GLY E 212 11.77 -41.38 -18.01
N THR E 213 10.85 -41.62 -17.06
CA THR E 213 11.19 -42.28 -15.79
C THR E 213 10.59 -43.68 -15.81
N LYS E 214 11.43 -44.71 -15.67
CA LYS E 214 10.94 -46.09 -15.72
C LYS E 214 9.84 -46.32 -14.68
N GLN E 215 8.90 -47.21 -15.01
CA GLN E 215 7.79 -47.55 -14.13
C GLN E 215 7.47 -49.04 -14.18
N GLU E 216 7.31 -49.66 -13.02
CA GLU E 216 7.00 -51.09 -12.92
C GLU E 216 6.06 -51.39 -11.74
N GLU E 217 5.10 -52.28 -11.97
CA GLU E 217 3.96 -52.47 -11.05
C GLU E 217 4.05 -53.81 -10.32
N PHE E 218 4.84 -53.82 -9.24
CA PHE E 218 5.17 -55.08 -8.54
C PHE E 218 4.02 -55.69 -7.75
N GLU E 219 4.08 -57.00 -7.58
CA GLU E 219 2.96 -57.80 -7.07
C GLU E 219 2.87 -57.82 -5.53
N SER E 220 4.00 -57.61 -4.86
CA SER E 220 4.01 -57.51 -3.39
C SER E 220 5.26 -56.80 -2.89
N ILE E 221 5.24 -56.45 -1.59
CA ILE E 221 6.34 -55.72 -0.98
C ILE E 221 7.60 -56.56 -1.08
N GLU E 222 7.49 -57.82 -0.67
CA GLU E 222 8.62 -58.75 -0.65
C GLU E 222 9.39 -58.82 -1.97
N GLU E 223 8.65 -58.82 -3.09
CA GLU E 223 9.27 -58.81 -4.43
C GLU E 223 9.90 -57.46 -4.76
N ALA E 224 9.36 -56.40 -4.15
CA ALA E 224 9.71 -55.03 -4.54
C ALA E 224 10.87 -54.47 -3.72
N LEU E 225 11.25 -55.18 -2.66
CA LEU E 225 12.23 -54.74 -1.67
C LEU E 225 13.71 -54.88 -2.06
N PRO E 226 14.09 -56.01 -2.68
CA PRO E 226 15.51 -56.21 -3.01
C PRO E 226 16.24 -54.96 -3.49
N ASP E 227 15.64 -54.28 -4.46
CA ASP E 227 16.26 -53.15 -5.13
C ASP E 227 15.70 -51.77 -4.70
N THR E 228 14.92 -51.73 -3.62
CA THR E 228 14.30 -50.49 -3.15
C THR E 228 15.26 -49.62 -2.35
N ASP E 229 15.42 -48.36 -2.76
CA ASP E 229 16.19 -47.40 -1.97
C ASP E 229 15.30 -46.52 -1.11
N VAL E 230 14.06 -46.34 -1.50
CA VAL E 230 13.10 -45.66 -0.65
C VAL E 230 11.82 -46.43 -0.74
N LEU E 231 11.41 -47.01 0.37
CA LEU E 231 10.10 -47.62 0.45
C LEU E 231 9.12 -46.60 0.99
N TYR E 232 8.25 -46.13 0.11
CA TYR E 232 7.26 -45.12 0.49
C TYR E 232 5.93 -45.83 0.71
N MET E 233 5.50 -45.92 1.96
CA MET E 233 4.28 -46.62 2.32
C MET E 233 3.14 -45.61 2.43
N THR E 234 1.91 -46.09 2.24
CA THR E 234 0.74 -45.22 2.37
C THR E 234 -0.44 -45.92 3.03
N ARG E 235 -1.33 -45.12 3.59
CA ARG E 235 -2.55 -45.56 4.21
C ARG E 235 -3.66 -45.85 3.18
N ILE E 236 -4.37 -46.96 3.35
CA ILE E 236 -5.62 -47.20 2.61
C ILE E 236 -6.61 -46.11 3.04
N GLN E 237 -7.00 -45.24 2.10
CA GLN E 237 -7.72 -43.99 2.42
C GLN E 237 -9.23 -44.19 2.64
N LYS E 238 -9.61 -44.64 3.84
CA LYS E 238 -11.00 -45.02 4.18
C LYS E 238 -12.07 -44.00 3.80
N GLU E 239 -11.79 -42.72 4.07
CA GLU E 239 -12.78 -41.65 3.94
C GLU E 239 -13.15 -41.31 2.48
N ARG E 240 -12.43 -41.92 1.53
CA ARG E 240 -12.68 -41.75 0.09
C ARG E 240 -13.40 -42.90 -0.59
N PHE E 241 -13.60 -44.04 0.09
CA PHE E 241 -14.14 -45.23 -0.59
C PHE E 241 -15.64 -45.17 -0.86
N GLY E 242 -16.09 -46.09 -1.73
CA GLY E 242 -17.48 -46.22 -2.13
C GLY E 242 -18.52 -45.73 -1.13
N SER E 243 -19.03 -46.53 -0.19
CA SER E 243 -18.90 -48.01 -0.02
C SER E 243 -17.82 -48.50 0.93
N THR E 244 -18.23 -48.89 2.14
CA THR E 244 -17.35 -49.51 3.13
C THR E 244 -16.92 -50.91 2.69
N GLN E 245 -17.81 -51.61 2.00
CA GLN E 245 -17.52 -52.96 1.51
C GLN E 245 -16.23 -53.01 0.70
N GLU E 246 -15.99 -51.97 -0.10
CA GLU E 246 -14.77 -51.86 -0.89
C GLU E 246 -13.55 -51.50 -0.02
N TYR E 247 -13.80 -50.84 1.11
CA TYR E 247 -12.72 -50.47 2.03
C TYR E 247 -12.15 -51.66 2.82
N GLU E 248 -13.01 -52.40 3.51
CA GLU E 248 -12.55 -53.53 4.35
C GLU E 248 -12.03 -54.71 3.52
N ALA E 249 -12.30 -54.70 2.21
CA ALA E 249 -11.63 -55.61 1.27
C ALA E 249 -10.17 -55.21 1.08
N CYS E 250 -9.92 -53.91 1.00
CA CYS E 250 -8.58 -53.36 0.77
C CYS E 250 -7.77 -53.13 2.05
N PHE E 251 -8.46 -52.85 3.15
CA PHE E 251 -7.84 -52.49 4.42
C PHE E 251 -6.97 -53.60 5.02
N GLY E 252 -5.65 -53.44 4.88
CA GLY E 252 -4.65 -54.33 5.51
C GLY E 252 -4.00 -55.36 4.61
N GLN E 253 -4.07 -55.14 3.30
CA GLN E 253 -3.54 -56.08 2.33
C GLN E 253 -2.04 -55.88 2.11
N PHE E 254 -1.51 -54.76 2.59
CA PHE E 254 -0.05 -54.57 2.63
C PHE E 254 0.38 -54.04 4.00
N ILE E 255 1.27 -54.79 4.64
CA ILE E 255 1.73 -54.47 5.98
C ILE E 255 3.21 -54.77 6.03
N LEU E 256 3.98 -53.84 6.59
CA LEU E 256 5.42 -53.99 6.68
C LEU E 256 5.82 -54.36 8.11
N THR E 257 6.65 -55.40 8.22
CA THR E 257 7.01 -55.99 9.50
C THR E 257 8.52 -56.05 9.62
N PRO E 258 9.04 -56.27 10.84
CA PRO E 258 10.49 -56.45 10.95
C PRO E 258 11.00 -57.69 10.20
N HIS E 259 10.14 -58.69 10.01
CA HIS E 259 10.52 -59.87 9.23
C HIS E 259 10.74 -59.54 7.76
N ILE E 260 9.82 -58.80 7.13
CA ILE E 260 10.01 -58.37 5.75
C ILE E 260 11.29 -57.55 5.59
N MET E 261 11.55 -56.66 6.54
CA MET E 261 12.72 -55.78 6.52
C MET E 261 14.08 -56.48 6.50
N THR E 262 14.15 -57.69 7.05
CA THR E 262 15.42 -58.43 7.12
C THR E 262 15.97 -58.88 5.76
N ARG E 263 15.20 -58.62 4.70
CA ARG E 263 15.65 -58.80 3.30
C ARG E 263 15.93 -57.46 2.61
N ALA E 264 15.58 -56.36 3.27
CA ALA E 264 15.78 -55.03 2.71
C ALA E 264 17.26 -54.69 2.61
N LYS E 265 17.58 -53.84 1.64
CA LYS E 265 18.92 -53.25 1.53
C LYS E 265 19.30 -52.59 2.85
N LYS E 266 20.61 -52.44 3.07
CA LYS E 266 21.12 -51.81 4.29
C LYS E 266 21.01 -50.30 4.16
N LYS E 267 21.40 -49.78 2.99
CA LYS E 267 21.33 -48.35 2.69
C LYS E 267 20.01 -48.03 1.97
N MET E 268 19.02 -47.72 2.79
CA MET E 268 17.62 -47.70 2.38
C MET E 268 16.83 -47.03 3.48
N VAL E 269 15.69 -46.45 3.13
CA VAL E 269 14.82 -45.85 4.12
C VAL E 269 13.35 -46.11 3.89
N VAL E 270 12.62 -45.99 4.99
CA VAL E 270 11.21 -46.31 5.08
C VAL E 270 10.46 -45.04 5.43
N MET E 271 9.56 -44.66 4.53
CA MET E 271 8.88 -43.39 4.62
C MET E 271 7.38 -43.61 4.67
N HIS E 272 6.69 -42.69 5.31
CA HIS E 272 5.24 -42.69 5.39
C HIS E 272 4.79 -41.28 5.72
N PRO E 273 3.89 -40.70 4.92
CA PRO E 273 3.32 -39.37 5.15
C PRO E 273 2.45 -39.20 6.38
N MET E 274 1.87 -40.30 6.87
CA MET E 274 1.18 -40.36 8.15
C MET E 274 -0.23 -39.79 8.05
N PRO E 275 -1.15 -40.26 8.91
CA PRO E 275 -0.90 -41.32 9.87
C PRO E 275 -0.91 -42.70 9.23
N ARG E 276 -0.41 -43.67 9.99
CA ARG E 276 -0.61 -45.09 9.71
C ARG E 276 -1.73 -45.67 10.58
N VAL E 277 -2.44 -46.66 10.04
CA VAL E 277 -3.41 -47.41 10.83
C VAL E 277 -2.72 -48.71 11.28
N ASN E 278 -2.43 -49.63 10.36
CA ASN E 278 -1.73 -50.88 10.69
C ASN E 278 -0.72 -51.35 9.64
N GLU E 279 -0.38 -50.49 8.67
CA GLU E 279 0.40 -50.92 7.51
C GLU E 279 1.91 -50.92 7.73
N ILE E 280 2.33 -50.38 8.88
CA ILE E 280 3.70 -50.54 9.36
C ILE E 280 3.67 -50.97 10.84
N SER E 281 4.15 -52.18 11.10
CA SER E 281 4.22 -52.70 12.46
C SER E 281 4.94 -51.72 13.37
N VAL E 282 4.29 -51.34 14.47
CA VAL E 282 4.93 -50.56 15.53
C VAL E 282 6.32 -51.13 15.89
N GLU E 283 6.46 -52.44 15.76
CA GLU E 283 7.74 -53.14 15.96
C GLU E 283 8.86 -52.70 15.02
N VAL E 284 8.53 -51.95 13.96
CA VAL E 284 9.53 -51.42 13.01
C VAL E 284 10.11 -50.04 13.41
N ASP E 285 9.49 -49.37 14.37
CA ASP E 285 9.86 -47.99 14.71
C ASP E 285 11.28 -47.81 15.28
N SER E 286 11.81 -48.81 15.98
CA SER E 286 13.16 -48.70 16.54
C SER E 286 14.26 -48.91 15.49
N ASP E 287 13.90 -49.57 14.38
CA ASP E 287 14.78 -49.79 13.24
C ASP E 287 15.33 -48.45 12.71
N PRO E 288 16.68 -48.29 12.69
CA PRO E 288 17.30 -47.07 12.18
C PRO E 288 16.68 -46.50 10.89
N ARG E 289 16.33 -47.37 9.95
CA ARG E 289 15.89 -47.00 8.59
C ARG E 289 14.45 -46.46 8.51
N ALA E 290 13.69 -46.69 9.59
CA ALA E 290 12.35 -46.14 9.72
C ALA E 290 12.40 -44.63 9.92
N ALA E 291 12.25 -43.90 8.81
CA ALA E 291 12.51 -42.47 8.78
C ALA E 291 11.26 -41.60 8.86
N TYR E 292 10.12 -42.21 9.17
CA TYR E 292 8.83 -41.52 9.04
C TYR E 292 8.65 -40.42 10.08
N PHE E 293 9.29 -40.51 11.23
CA PHE E 293 9.21 -39.38 12.17
C PHE E 293 10.18 -38.29 11.82
N ARG E 294 11.42 -38.65 11.46
CA ARG E 294 12.39 -37.66 10.96
C ARG E 294 11.83 -36.92 9.71
N GLN E 295 11.03 -37.63 8.92
CA GLN E 295 10.34 -37.08 7.75
C GLN E 295 9.38 -35.99 8.18
N ALA E 296 8.69 -36.20 9.30
CA ALA E 296 7.75 -35.21 9.83
C ALA E 296 8.40 -33.95 10.42
N GLU E 297 9.42 -34.10 11.27
CA GLU E 297 10.15 -32.93 11.78
C GLU E 297 10.68 -32.09 10.58
N ASN E 298 11.29 -32.78 9.63
CA ASN E 298 11.77 -32.21 8.36
C ASN E 298 10.78 -31.25 7.71
N GLY E 299 9.53 -31.67 7.67
CA GLY E 299 8.43 -30.85 7.17
C GLY E 299 8.29 -29.47 7.76
N MET E 300 8.58 -29.34 9.06
CA MET E 300 8.49 -28.07 9.73
C MET E 300 9.48 -27.10 9.09
N TYR E 301 10.70 -27.59 8.86
CA TYR E 301 11.80 -26.76 8.34
C TYR E 301 11.66 -26.43 6.86
N ILE E 302 11.13 -27.37 6.11
CA ILE E 302 10.78 -27.14 4.74
C ILE E 302 9.71 -26.06 4.66
N ARG E 303 8.65 -26.21 5.47
CA ARG E 303 7.57 -25.24 5.48
C ARG E 303 7.90 -23.91 6.18
N MET E 304 9.01 -23.83 6.90
CA MET E 304 9.56 -22.54 7.32
C MET E 304 10.15 -21.84 6.10
N ALA E 305 10.88 -22.60 5.28
CA ALA E 305 11.53 -22.07 4.10
C ALA E 305 10.50 -21.60 3.06
N LEU E 306 9.38 -22.32 2.92
CA LEU E 306 8.26 -21.87 2.10
C LEU E 306 7.71 -20.52 2.49
N LEU E 307 7.39 -20.38 3.77
CA LEU E 307 6.77 -19.15 4.24
C LEU E 307 7.76 -18.00 4.08
N ALA E 308 9.02 -18.24 4.44
CA ALA E 308 10.06 -17.24 4.29
C ALA E 308 10.20 -16.79 2.84
N THR E 309 10.29 -17.74 1.93
CA THR E 309 10.51 -17.43 0.51
C THR E 309 9.26 -16.86 -0.14
N VAL E 310 8.11 -17.51 0.06
CA VAL E 310 6.84 -17.03 -0.51
C VAL E 310 6.51 -15.59 -0.05
N LEU E 311 7.06 -15.17 1.10
CA LEU E 311 6.89 -13.80 1.60
C LEU E 311 8.13 -12.90 1.38
N GLY E 312 9.03 -13.32 0.49
CA GLY E 312 10.16 -12.51 0.06
C GLY E 312 11.35 -12.36 0.98
N ARG E 313 11.59 -13.32 1.88
CA ARG E 313 12.71 -13.20 2.83
C ARG E 313 14.01 -13.77 2.25
N PHE E 314 13.92 -14.96 1.68
CA PHE E 314 15.04 -15.60 0.98
C PHE E 314 14.55 -16.07 -0.37
N SER F 9 15.82 -31.22 40.03
CA SER F 9 15.61 -30.17 38.99
C SER F 9 14.63 -30.67 37.94
N LEU F 10 13.63 -29.85 37.61
CA LEU F 10 12.52 -30.29 36.76
C LEU F 10 12.87 -30.32 35.27
N VAL F 11 14.11 -29.96 34.94
CA VAL F 11 14.53 -29.70 33.57
C VAL F 11 14.37 -30.91 32.64
N GLY F 12 13.53 -30.74 31.62
CA GLY F 12 13.36 -31.74 30.57
C GLY F 12 12.64 -33.00 30.99
N GLN F 13 11.90 -32.95 32.11
CA GLN F 13 11.28 -34.16 32.69
C GLN F 13 9.78 -34.25 32.40
N HIS F 14 9.31 -35.49 32.22
CA HIS F 14 7.88 -35.74 32.13
C HIS F 14 7.28 -35.36 33.46
N ILE F 15 6.16 -34.66 33.42
CA ILE F 15 5.44 -34.32 34.62
C ILE F 15 4.16 -35.16 34.60
N LEU F 16 4.25 -36.35 35.20
CA LEU F 16 3.18 -37.34 35.08
C LEU F 16 2.32 -37.50 36.32
N SER F 17 2.89 -37.28 37.50
CA SER F 17 2.26 -37.72 38.76
C SER F 17 2.84 -36.97 39.95
N VAL F 18 1.97 -36.59 40.88
CA VAL F 18 2.41 -35.83 42.07
C VAL F 18 3.51 -36.54 42.87
N GLN F 19 3.61 -37.85 42.73
CA GLN F 19 4.58 -38.66 43.47
C GLN F 19 6.01 -38.15 43.35
N GLN F 20 6.42 -37.89 42.11
CA GLN F 20 7.79 -37.45 41.82
C GLN F 20 8.19 -36.12 42.47
N PHE F 21 7.22 -35.33 42.94
CA PHE F 21 7.50 -33.98 43.46
C PHE F 21 8.12 -33.96 44.87
N THR F 22 9.39 -33.59 44.92
CA THR F 22 10.07 -33.30 46.17
C THR F 22 9.52 -32.01 46.73
N LYS F 23 9.66 -31.80 48.03
CA LYS F 23 9.20 -30.56 48.65
C LYS F 23 10.08 -29.39 48.23
N ASP F 24 11.35 -29.70 47.97
CA ASP F 24 12.31 -28.74 47.43
C ASP F 24 11.92 -28.27 46.03
N GLN F 25 11.53 -29.20 45.16
CA GLN F 25 11.04 -28.87 43.79
C GLN F 25 9.81 -27.96 43.81
N MET F 26 8.87 -28.25 44.70
CA MET F 26 7.65 -27.46 44.78
C MET F 26 7.94 -26.05 45.24
N SER F 27 8.89 -25.91 46.17
CA SER F 27 9.21 -24.58 46.71
C SER F 27 10.03 -23.77 45.72
N HIS F 28 10.94 -24.43 44.97
CA HIS F 28 11.63 -23.80 43.82
C HIS F 28 10.60 -23.19 42.89
N LEU F 29 9.56 -23.97 42.67
CA LEU F 29 8.50 -23.71 41.69
C LEU F 29 7.49 -22.67 42.20
N PHE F 30 7.21 -22.66 43.50
CA PHE F 30 6.41 -21.57 44.08
C PHE F 30 7.17 -20.25 43.97
N ASN F 31 8.50 -20.30 44.12
CA ASN F 31 9.31 -19.09 44.07
C ASN F 31 9.38 -18.48 42.67
N VAL F 32 9.58 -19.32 41.65
CA VAL F 32 9.62 -18.90 40.26
C VAL F 32 8.25 -18.37 39.85
N ALA F 33 7.20 -18.98 40.40
CA ALA F 33 5.84 -18.54 40.17
C ALA F 33 5.60 -17.14 40.72
N HIS F 34 6.20 -16.82 41.86
CA HIS F 34 6.09 -15.48 42.47
C HIS F 34 6.95 -14.44 41.74
N THR F 35 8.07 -14.89 41.18
CA THR F 35 8.90 -14.04 40.35
C THR F 35 8.15 -13.70 39.07
N LEU F 36 7.69 -14.73 38.35
CA LEU F 36 7.00 -14.49 37.07
C LEU F 36 5.74 -13.63 37.23
N ARG F 37 4.99 -13.83 38.32
CA ARG F 37 3.86 -12.97 38.64
C ARG F 37 4.27 -11.51 38.94
N MET F 38 5.49 -11.28 39.43
CA MET F 38 5.94 -9.91 39.72
C MET F 38 6.20 -9.13 38.43
N MET F 39 6.79 -9.82 37.46
CA MET F 39 7.21 -9.24 36.18
C MET F 39 6.03 -8.96 35.28
N VAL F 40 5.00 -9.81 35.37
CA VAL F 40 3.75 -9.58 34.66
C VAL F 40 3.06 -8.34 35.25
N GLN F 41 3.05 -8.20 36.58
CA GLN F 41 2.54 -6.98 37.22
C GLN F 41 3.35 -5.73 36.87
N LYS F 42 4.67 -5.86 36.89
CA LYS F 42 5.59 -4.77 36.55
C LYS F 42 5.69 -4.51 35.04
N GLU F 43 4.88 -5.21 34.24
CA GLU F 43 4.87 -5.08 32.76
C GLU F 43 6.26 -5.29 32.13
N ARG F 44 7.01 -6.22 32.71
CA ARG F 44 8.37 -6.53 32.30
C ARG F 44 8.38 -7.27 30.96
N SER F 45 9.54 -7.27 30.30
CA SER F 45 9.72 -7.96 29.02
C SER F 45 10.11 -9.43 29.24
N LEU F 46 9.21 -10.34 28.88
CA LEU F 46 9.44 -11.77 29.03
C LEU F 46 9.63 -12.45 27.67
N ASP F 47 10.89 -12.57 27.27
CA ASP F 47 11.29 -13.31 26.08
C ASP F 47 11.88 -14.66 26.49
N ILE F 48 11.51 -15.11 27.68
CA ILE F 48 12.08 -16.31 28.27
C ILE F 48 11.94 -17.52 27.35
N LEU F 49 10.75 -17.72 26.79
CA LEU F 49 10.49 -18.88 25.91
C LEU F 49 10.31 -18.49 24.45
N LYS F 50 10.72 -17.28 24.09
CA LYS F 50 10.90 -16.94 22.67
C LYS F 50 11.59 -18.12 21.98
N GLY F 51 11.02 -18.57 20.86
CA GLY F 51 11.54 -19.73 20.13
C GLY F 51 10.84 -21.04 20.45
N LYS F 52 10.39 -21.18 21.70
CA LYS F 52 9.83 -22.44 22.19
C LYS F 52 8.35 -22.55 21.85
N VAL F 53 7.95 -23.74 21.42
CA VAL F 53 6.57 -24.04 21.09
C VAL F 53 6.04 -25.11 22.01
N MET F 54 4.82 -24.89 22.49
CA MET F 54 4.07 -25.86 23.29
C MET F 54 3.00 -26.53 22.45
N ALA F 55 2.89 -27.84 22.60
CA ALA F 55 1.85 -28.64 21.98
C ALA F 55 0.73 -28.92 22.98
N SER F 56 -0.35 -28.13 22.91
CA SER F 56 -1.55 -28.38 23.70
C SER F 56 -2.48 -29.41 23.05
N MET F 57 -2.44 -30.64 23.57
CA MET F 57 -3.28 -31.74 23.08
C MET F 57 -4.38 -32.11 24.06
N PHE F 58 -5.63 -31.76 23.73
CA PHE F 58 -6.76 -32.09 24.60
C PHE F 58 -7.76 -33.03 23.92
N TYR F 59 -7.87 -34.24 24.45
CA TYR F 59 -8.85 -35.22 24.01
C TYR F 59 -10.07 -35.18 24.92
N GLU F 60 -10.00 -34.36 25.95
CA GLU F 60 -11.12 -34.19 26.87
C GLU F 60 -11.25 -32.73 27.13
N VAL F 61 -12.50 -32.25 27.17
CA VAL F 61 -12.78 -30.82 27.16
C VAL F 61 -12.01 -30.11 28.29
N SER F 62 -11.68 -28.84 28.06
CA SER F 62 -11.03 -28.02 29.08
C SER F 62 -11.27 -26.54 28.84
N THR F 63 -11.41 -25.80 29.94
CA THR F 63 -11.41 -24.36 29.93
C THR F 63 -10.19 -23.84 30.71
N ARG F 64 -10.14 -24.04 32.03
CA ARG F 64 -9.03 -23.47 32.81
C ARG F 64 -7.66 -24.08 32.50
N THR F 65 -7.61 -25.40 32.43
CA THR F 65 -6.34 -26.09 32.23
C THR F 65 -5.73 -25.79 30.87
N SER F 66 -6.54 -25.79 29.81
CA SER F 66 -5.98 -25.41 28.50
C SER F 66 -5.70 -23.91 28.36
N SER F 67 -6.53 -23.08 28.98
CA SER F 67 -6.38 -21.64 28.81
C SER F 67 -5.21 -21.12 29.64
N SER F 68 -5.00 -21.75 30.79
CA SER F 68 -3.95 -21.38 31.71
C SER F 68 -2.59 -21.70 31.16
N PHE F 69 -2.47 -22.85 30.50
CA PHE F 69 -1.21 -23.24 29.88
C PHE F 69 -0.89 -22.37 28.67
N ALA F 70 -1.96 -21.95 27.98
CA ALA F 70 -1.85 -21.20 26.73
C ALA F 70 -1.50 -19.77 27.05
N ALA F 71 -2.20 -19.18 28.01
CA ALA F 71 -1.91 -17.83 28.51
C ALA F 71 -0.51 -17.73 29.09
N ALA F 72 -0.08 -18.81 29.75
CA ALA F 72 1.23 -18.83 30.37
C ALA F 72 2.34 -18.84 29.32
N MET F 73 2.22 -19.75 28.36
CA MET F 73 3.18 -19.84 27.27
C MET F 73 3.20 -18.57 26.40
N ALA F 74 2.04 -17.96 26.18
CA ALA F 74 1.99 -16.65 25.54
C ALA F 74 2.80 -15.63 26.34
N ARG F 75 2.47 -15.52 27.64
CA ARG F 75 3.07 -14.51 28.49
C ARG F 75 4.57 -14.71 28.78
N LEU F 76 5.08 -15.91 28.51
CA LEU F 76 6.54 -16.15 28.50
C LEU F 76 7.16 -15.86 27.12
N GLY F 77 6.34 -15.38 26.18
CA GLY F 77 6.79 -15.13 24.82
C GLY F 77 6.89 -16.35 23.93
N GLY F 78 6.35 -17.49 24.37
CA GLY F 78 6.38 -18.70 23.58
C GLY F 78 5.18 -18.78 22.64
N ALA F 79 5.12 -19.84 21.83
CA ALA F 79 3.95 -20.10 20.98
C ALA F 79 3.24 -21.39 21.36
N VAL F 80 1.94 -21.46 21.04
CA VAL F 80 1.08 -22.60 21.34
C VAL F 80 0.58 -23.27 20.04
N LEU F 81 0.60 -24.59 19.99
CA LEU F 81 -0.03 -25.37 18.93
C LEU F 81 -1.28 -26.01 19.48
N SER F 82 -2.45 -25.55 19.02
CA SER F 82 -3.73 -26.11 19.45
C SER F 82 -4.00 -27.45 18.78
N PHE F 83 -4.40 -28.43 19.57
CA PHE F 83 -4.75 -29.75 19.07
C PHE F 83 -5.96 -30.29 19.81
N SER F 84 -7.07 -30.41 19.11
CA SER F 84 -8.22 -31.17 19.61
C SER F 84 -8.33 -32.46 18.82
N GLU F 85 -9.06 -33.40 19.38
CA GLU F 85 -9.23 -34.71 18.75
C GLU F 85 -10.16 -34.59 17.53
N ALA F 86 -11.27 -33.88 17.71
CA ALA F 86 -12.31 -33.73 16.68
C ALA F 86 -11.83 -33.26 15.28
N THR F 87 -10.84 -32.36 15.23
CA THR F 87 -10.32 -31.91 13.92
C THR F 87 -8.91 -32.42 13.59
N SER F 88 -8.41 -33.38 14.36
CA SER F 88 -7.07 -33.92 14.15
C SER F 88 -7.14 -35.16 13.30
N SER F 89 -5.98 -35.65 12.91
CA SER F 89 -5.90 -36.87 12.12
C SER F 89 -6.13 -38.13 12.97
N VAL F 90 -6.50 -37.94 14.23
CA VAL F 90 -7.15 -38.99 15.03
C VAL F 90 -8.29 -39.61 14.21
N GLN F 91 -9.00 -38.74 13.48
CA GLN F 91 -10.17 -39.09 12.68
C GLN F 91 -9.86 -39.96 11.49
N LYS F 92 -8.59 -39.96 11.07
CA LYS F 92 -8.09 -40.93 10.10
C LYS F 92 -7.70 -42.25 10.76
N GLY F 93 -7.71 -42.29 12.10
CA GLY F 93 -7.33 -43.49 12.86
C GLY F 93 -5.96 -43.48 13.54
N GLU F 94 -5.32 -42.31 13.61
CA GLU F 94 -3.99 -42.20 14.22
C GLU F 94 -4.03 -42.61 15.69
N SER F 95 -3.03 -43.39 16.12
CA SER F 95 -2.90 -43.83 17.51
C SER F 95 -2.42 -42.69 18.39
N LEU F 96 -2.82 -42.74 19.66
CA LEU F 96 -2.40 -41.74 20.62
C LEU F 96 -0.87 -41.61 20.70
N ALA F 97 -0.17 -42.73 20.55
CA ALA F 97 1.29 -42.74 20.64
C ALA F 97 1.92 -41.98 19.49
N ASP F 98 1.46 -42.28 18.28
CA ASP F 98 1.91 -41.56 17.06
C ASP F 98 1.53 -40.07 17.06
N SER F 99 0.40 -39.71 17.67
CA SER F 99 -0.04 -38.30 17.68
C SER F 99 0.93 -37.51 18.52
N VAL F 100 1.20 -38.05 19.71
CA VAL F 100 2.17 -37.49 20.65
C VAL F 100 3.59 -37.49 20.06
N GLN F 101 4.01 -38.57 19.42
CA GLN F 101 5.34 -38.61 18.83
C GLN F 101 5.50 -37.48 17.80
N THR F 102 4.50 -37.28 16.95
CA THR F 102 4.49 -36.23 15.91
C THR F 102 4.46 -34.79 16.44
N MET F 103 3.61 -34.53 17.42
CA MET F 103 3.52 -33.18 18.00
C MET F 103 4.82 -32.72 18.66
N SER F 104 5.62 -33.69 19.15
CA SER F 104 6.93 -33.37 19.72
C SER F 104 7.94 -32.98 18.61
N CYS F 105 7.77 -33.51 17.40
CA CYS F 105 8.61 -33.10 16.26
C CYS F 105 8.51 -31.60 15.99
N TYR F 106 7.38 -30.99 16.36
CA TYR F 106 7.17 -29.55 16.17
C TYR F 106 7.34 -28.75 17.44
N ALA F 107 7.09 -29.35 18.59
CA ALA F 107 7.01 -28.62 19.84
C ALA F 107 8.09 -29.04 20.84
N ASP F 108 8.41 -28.14 21.75
CA ASP F 108 9.40 -28.38 22.78
C ASP F 108 8.77 -29.01 24.03
N VAL F 109 7.47 -28.75 24.24
CA VAL F 109 6.70 -29.38 25.32
C VAL F 109 5.44 -29.95 24.74
N VAL F 110 4.86 -30.91 25.46
CA VAL F 110 3.57 -31.50 25.12
C VAL F 110 2.70 -31.51 26.37
N VAL F 111 1.58 -30.81 26.32
CA VAL F 111 0.57 -30.90 27.35
C VAL F 111 -0.54 -31.79 26.81
N LEU F 112 -0.80 -32.92 27.49
CA LEU F 112 -1.77 -33.92 27.04
C LEU F 112 -2.79 -34.22 28.14
N ARG F 113 -4.05 -33.91 27.87
CA ARG F 113 -5.16 -34.43 28.65
C ARG F 113 -5.85 -35.52 27.82
N HIS F 114 -6.34 -36.57 28.48
CA HIS F 114 -6.88 -37.73 27.78
C HIS F 114 -7.91 -38.43 28.68
N PRO F 115 -8.94 -39.09 28.11
CA PRO F 115 -10.01 -39.68 28.93
C PRO F 115 -9.68 -40.98 29.66
N GLN F 116 -8.68 -41.70 29.18
CA GLN F 116 -8.30 -43.01 29.70
C GLN F 116 -7.13 -42.84 30.68
N PRO F 117 -7.29 -43.30 31.94
CA PRO F 117 -6.17 -43.13 32.90
C PRO F 117 -4.94 -43.94 32.51
N GLY F 118 -3.76 -43.44 32.87
CA GLY F 118 -2.50 -44.06 32.46
C GLY F 118 -2.17 -43.91 30.98
N ALA F 119 -3.02 -43.22 30.23
CA ALA F 119 -2.78 -43.04 28.80
C ALA F 119 -1.63 -42.06 28.60
N VAL F 120 -1.58 -41.05 29.45
CA VAL F 120 -0.60 -39.99 29.32
C VAL F 120 0.78 -40.56 29.61
N GLU F 121 0.88 -41.29 30.72
CA GLU F 121 2.10 -41.99 31.10
C GLU F 121 2.49 -43.06 30.08
N LEU F 122 1.50 -43.68 29.47
CA LEU F 122 1.74 -44.65 28.39
C LEU F 122 2.27 -43.99 27.11
N ALA F 123 1.69 -42.84 26.75
CA ALA F 123 2.12 -42.12 25.55
C ALA F 123 3.48 -41.47 25.78
N ALA F 124 3.70 -40.99 27.01
CA ALA F 124 4.97 -40.37 27.42
C ALA F 124 6.20 -41.30 27.42
N LYS F 125 6.01 -42.60 27.16
CA LYS F 125 7.11 -43.58 27.13
C LYS F 125 8.09 -43.32 26.00
N HIS F 126 7.56 -43.24 24.78
CA HIS F 126 8.37 -43.04 23.57
C HIS F 126 8.44 -41.57 23.14
N CYS F 127 7.87 -40.68 23.94
CA CYS F 127 7.96 -39.25 23.69
C CYS F 127 9.36 -38.74 24.04
N ARG F 128 9.93 -37.96 23.13
CA ARG F 128 11.33 -37.52 23.25
C ARG F 128 11.46 -36.10 23.79
N ARG F 129 10.35 -35.51 24.20
CA ARG F 129 10.30 -34.17 24.76
C ARG F 129 9.37 -34.25 25.98
N PRO F 130 9.46 -33.28 26.90
CA PRO F 130 8.65 -33.30 28.11
C PRO F 130 7.16 -33.22 27.86
N VAL F 131 6.44 -34.24 28.34
CA VAL F 131 5.00 -34.31 28.25
C VAL F 131 4.39 -34.00 29.61
N ILE F 132 3.47 -33.04 29.66
CA ILE F 132 2.81 -32.68 30.89
C ILE F 132 1.40 -33.28 30.95
N ASN F 133 1.13 -34.01 32.03
CA ASN F 133 -0.16 -34.61 32.25
C ASN F 133 -1.15 -33.57 32.77
N ALA F 134 -2.09 -33.18 31.90
CA ALA F 134 -3.12 -32.18 32.21
C ALA F 134 -4.45 -32.83 32.63
N GLY F 135 -4.42 -34.11 33.02
CA GLY F 135 -5.62 -34.89 33.38
C GLY F 135 -5.67 -36.21 32.61
N ASP F 136 -5.60 -37.33 33.35
CA ASP F 136 -5.67 -38.67 32.75
C ASP F 136 -6.90 -39.42 33.28
N GLY F 137 -8.03 -39.23 32.57
CA GLY F 137 -9.32 -39.73 33.05
C GLY F 137 -9.48 -39.45 34.54
N VAL F 138 -9.95 -40.47 35.26
CA VAL F 138 -10.11 -40.38 36.72
C VAL F 138 -8.79 -40.53 37.51
N GLY F 139 -7.66 -40.67 36.83
CA GLY F 139 -6.37 -40.95 37.49
C GLY F 139 -5.74 -39.83 38.31
N GLU F 140 -5.34 -38.74 37.65
CA GLU F 140 -4.54 -37.70 38.31
C GLU F 140 -4.55 -36.38 37.53
N HIS F 141 -4.50 -35.27 38.26
CA HIS F 141 -4.30 -33.92 37.70
C HIS F 141 -3.16 -33.22 38.48
N PRO F 142 -1.89 -33.49 38.11
CA PRO F 142 -0.68 -33.11 38.85
C PRO F 142 -0.42 -31.62 39.00
N THR F 143 -0.68 -30.83 37.96
CA THR F 143 -0.35 -29.41 38.03
C THR F 143 -1.48 -28.72 38.81
N GLN F 144 -2.69 -29.31 38.77
CA GLN F 144 -3.82 -28.82 39.56
C GLN F 144 -3.58 -29.00 41.07
N ALA F 145 -3.02 -30.12 41.48
CA ALA F 145 -2.62 -30.31 42.88
C ALA F 145 -1.66 -29.21 43.31
N LEU F 146 -0.63 -29.02 42.49
CA LEU F 146 0.39 -28.01 42.66
C LEU F 146 -0.11 -26.57 42.82
N LEU F 147 -1.12 -26.20 42.04
CA LEU F 147 -1.68 -24.85 42.14
C LEU F 147 -2.61 -24.70 43.34
N ASP F 148 -3.38 -25.76 43.65
CA ASP F 148 -4.16 -25.81 44.90
C ASP F 148 -3.29 -25.67 46.16
N ILE F 149 -2.13 -26.32 46.19
CA ILE F 149 -1.22 -26.19 47.34
C ILE F 149 -0.64 -24.79 47.40
N PHE F 150 -0.29 -24.24 46.24
CA PHE F 150 0.15 -22.84 46.15
C PHE F 150 -0.92 -21.88 46.67
N THR F 151 -2.16 -22.13 46.28
CA THR F 151 -3.28 -21.28 46.67
C THR F 151 -3.56 -21.36 48.18
N ILE F 152 -3.51 -22.57 48.73
CA ILE F 152 -3.66 -22.74 50.18
C ILE F 152 -2.64 -21.88 50.90
N ARG F 153 -1.38 -22.06 50.51
CA ARG F 153 -0.24 -21.30 51.05
C ARG F 153 -0.48 -19.79 50.95
N GLU F 154 -0.98 -19.38 49.79
CA GLU F 154 -1.26 -17.99 49.48
C GLU F 154 -2.36 -17.42 50.36
N GLU F 155 -3.48 -18.15 50.48
CA GLU F 155 -4.66 -17.60 51.17
C GLU F 155 -4.57 -17.60 52.67
N LEU F 156 -3.83 -18.56 53.24
CA LEU F 156 -3.82 -18.77 54.68
C LEU F 156 -2.47 -18.57 55.37
N GLY F 157 -1.36 -18.73 54.65
CA GLY F 157 -0.04 -18.40 55.17
C GLY F 157 0.87 -19.62 55.28
N THR F 158 0.29 -20.72 55.75
CA THR F 158 1.00 -21.99 55.83
C THR F 158 0.07 -23.09 55.36
N VAL F 159 0.66 -24.24 55.04
CA VAL F 159 -0.09 -25.45 54.76
C VAL F 159 -0.01 -26.40 55.95
N ASN F 160 1.15 -26.46 56.59
CA ASN F 160 1.33 -27.26 57.81
C ASN F 160 0.43 -26.78 58.95
N GLY F 161 -0.23 -27.74 59.61
CA GLY F 161 -1.15 -27.47 60.71
C GLY F 161 -2.60 -27.31 60.25
N MET F 162 -2.87 -27.61 58.97
CA MET F 162 -4.17 -27.32 58.39
C MET F 162 -5.03 -28.56 58.23
N THR F 163 -6.35 -28.33 58.30
CA THR F 163 -7.38 -29.31 58.08
C THR F 163 -8.00 -29.02 56.70
N ILE F 164 -7.78 -29.91 55.74
CA ILE F 164 -8.38 -29.84 54.41
C ILE F 164 -9.62 -30.72 54.40
N THR F 165 -10.77 -30.16 53.98
CA THR F 165 -12.01 -30.96 53.84
C THR F 165 -12.44 -31.09 52.40
N MET F 166 -12.25 -32.27 51.83
CA MET F 166 -12.63 -32.54 50.45
C MET F 166 -14.07 -33.04 50.43
N VAL F 167 -14.94 -32.33 49.72
CA VAL F 167 -16.35 -32.71 49.61
C VAL F 167 -16.68 -33.16 48.17
N GLY F 168 -17.67 -34.03 48.03
CA GLY F 168 -18.25 -34.36 46.73
C GLY F 168 -17.84 -35.70 46.16
N ASP F 169 -17.49 -35.72 44.87
CA ASP F 169 -17.18 -36.96 44.18
C ASP F 169 -15.71 -37.21 44.20
N LEU F 170 -15.28 -38.02 45.17
CA LEU F 170 -13.87 -38.25 45.37
C LEU F 170 -13.38 -39.38 44.49
N LYS F 171 -14.27 -40.33 44.21
CA LYS F 171 -13.95 -41.51 43.37
C LYS F 171 -13.47 -41.17 41.96
N HIS F 172 -14.21 -40.31 41.27
CA HIS F 172 -13.84 -39.91 39.92
C HIS F 172 -12.85 -38.73 39.92
N GLY F 173 -12.91 -37.90 40.97
CA GLY F 173 -12.20 -36.63 41.04
C GLY F 173 -10.68 -36.76 41.04
N ARG F 174 -10.10 -36.71 39.84
CA ARG F 174 -8.66 -36.81 39.67
C ARG F 174 -7.86 -35.69 40.39
N THR F 175 -8.50 -34.55 40.69
CA THR F 175 -7.85 -33.46 41.40
C THR F 175 -7.63 -33.81 42.88
N VAL F 176 -8.67 -34.27 43.56
CA VAL F 176 -8.50 -34.72 44.95
C VAL F 176 -7.52 -35.90 45.05
N HIS F 177 -7.56 -36.82 44.09
CA HIS F 177 -6.62 -37.94 44.08
C HIS F 177 -5.19 -37.43 44.20
N SER F 178 -4.80 -36.62 43.24
CA SER F 178 -3.48 -36.01 43.22
C SER F 178 -3.27 -35.15 44.46
N LEU F 179 -4.29 -34.40 44.85
CA LEU F 179 -4.12 -33.42 45.93
C LEU F 179 -3.93 -34.09 47.30
N ALA F 180 -4.61 -35.23 47.49
CA ALA F 180 -4.53 -35.98 48.74
C ALA F 180 -3.15 -36.57 48.85
N CYS F 181 -2.77 -37.35 47.84
CA CYS F 181 -1.41 -37.82 47.69
C CYS F 181 -0.34 -36.79 47.98
N LEU F 182 -0.46 -35.61 47.38
CA LEU F 182 0.60 -34.57 47.51
C LEU F 182 0.61 -33.89 48.87
N LEU F 183 -0.54 -33.80 49.50
CA LEU F 183 -0.63 -33.17 50.82
C LEU F 183 -0.03 -34.07 51.91
N THR F 184 0.41 -35.27 51.51
CA THR F 184 1.23 -36.10 52.40
C THR F 184 2.61 -35.50 52.65
N GLN F 185 3.00 -34.47 51.89
CA GLN F 185 4.26 -33.77 52.14
C GLN F 185 4.12 -32.68 53.20
N TYR F 186 2.89 -32.32 53.56
CA TYR F 186 2.61 -31.30 54.56
C TYR F 186 1.92 -31.93 55.76
N ARG F 187 2.16 -31.35 56.93
CA ARG F 187 1.53 -31.82 58.17
C ARG F 187 0.08 -31.36 58.17
N VAL F 188 -0.80 -32.19 57.61
CA VAL F 188 -2.21 -31.86 57.49
C VAL F 188 -3.12 -32.97 58.01
N SER F 189 -4.37 -32.60 58.27
CA SER F 189 -5.43 -33.54 58.53
C SER F 189 -6.46 -33.41 57.41
N LEU F 190 -6.81 -34.53 56.80
CA LEU F 190 -7.78 -34.58 55.71
C LEU F 190 -9.13 -35.12 56.22
N ARG F 191 -10.21 -34.50 55.76
CA ARG F 191 -11.55 -35.00 56.02
C ARG F 191 -12.28 -35.16 54.70
N TYR F 192 -12.93 -36.31 54.52
CA TYR F 192 -13.72 -36.59 53.32
C TYR F 192 -15.22 -36.54 53.56
N VAL F 193 -15.93 -35.77 52.74
CA VAL F 193 -17.40 -35.66 52.81
C VAL F 193 -18.00 -36.11 51.47
N ALA F 194 -18.27 -37.41 51.37
CA ALA F 194 -18.82 -38.01 50.15
C ALA F 194 -19.97 -38.95 50.48
N PRO F 195 -20.79 -39.29 49.46
CA PRO F 195 -21.74 -40.39 49.59
C PRO F 195 -21.02 -41.73 49.41
N PRO F 196 -21.53 -42.80 50.02
CA PRO F 196 -20.89 -44.12 49.96
C PRO F 196 -20.35 -44.50 48.58
N SER F 197 -21.13 -44.23 47.54
CA SER F 197 -20.75 -44.59 46.18
C SER F 197 -19.48 -43.87 45.67
N LEU F 198 -19.22 -42.65 46.14
CA LEU F 198 -18.13 -41.82 45.59
C LEU F 198 -17.00 -41.59 46.58
N ARG F 199 -16.80 -42.54 47.49
CA ARG F 199 -15.75 -42.42 48.48
C ARG F 199 -14.39 -42.42 47.80
N MET F 200 -13.46 -41.67 48.37
CA MET F 200 -12.07 -41.70 47.94
C MET F 200 -11.63 -43.17 47.70
N PRO F 201 -10.89 -43.42 46.59
CA PRO F 201 -10.47 -44.78 46.24
C PRO F 201 -9.55 -45.45 47.26
N PRO F 202 -9.36 -46.79 47.13
CA PRO F 202 -8.52 -47.53 48.10
C PRO F 202 -7.02 -47.20 48.01
N THR F 203 -6.41 -47.40 46.84
CA THR F 203 -4.99 -47.12 46.62
C THR F 203 -4.62 -45.74 47.15
N VAL F 204 -5.54 -44.80 47.00
CA VAL F 204 -5.35 -43.44 47.47
C VAL F 204 -5.48 -43.39 48.97
N ARG F 205 -6.58 -43.90 49.51
CA ARG F 205 -6.77 -43.91 50.97
C ARG F 205 -5.70 -44.78 51.63
N ALA F 206 -5.17 -45.76 50.90
CA ALA F 206 -4.10 -46.63 51.39
C ALA F 206 -2.76 -45.91 51.33
N PHE F 207 -2.53 -45.17 50.24
CA PHE F 207 -1.31 -44.38 50.09
C PHE F 207 -1.21 -43.32 51.18
N VAL F 208 -2.30 -42.60 51.41
CA VAL F 208 -2.29 -41.50 52.34
C VAL F 208 -2.06 -42.03 53.76
N ALA F 209 -2.70 -43.16 54.08
CA ALA F 209 -2.51 -43.82 55.37
C ALA F 209 -1.02 -44.12 55.58
N SER F 210 -0.40 -44.80 54.62
CA SER F 210 1.01 -45.20 54.71
C SER F 210 2.01 -44.05 54.90
N ARG F 211 1.59 -42.81 54.64
CA ARG F 211 2.41 -41.64 54.96
C ARG F 211 2.12 -41.15 56.37
N GLY F 212 0.99 -41.56 56.94
CA GLY F 212 0.64 -41.24 58.33
C GLY F 212 -0.38 -40.12 58.49
N THR F 213 -0.79 -39.52 57.38
CA THR F 213 -1.72 -38.39 57.42
C THR F 213 -3.09 -38.88 57.85
N LYS F 214 -3.64 -38.27 58.89
CA LYS F 214 -4.90 -38.78 59.44
C LYS F 214 -6.07 -38.42 58.51
N GLN F 215 -6.72 -39.46 57.99
CA GLN F 215 -7.91 -39.30 57.18
C GLN F 215 -9.12 -39.51 58.06
N GLU F 216 -10.22 -38.88 57.70
CA GLU F 216 -11.48 -39.02 58.42
C GLU F 216 -12.65 -38.77 57.48
N GLU F 217 -13.72 -39.53 57.65
CA GLU F 217 -14.89 -39.33 56.83
C GLU F 217 -15.95 -38.65 57.65
N PHE F 218 -16.76 -37.84 57.00
CA PHE F 218 -17.92 -37.23 57.63
C PHE F 218 -19.07 -37.41 56.66
N GLU F 219 -20.29 -37.31 57.19
CA GLU F 219 -21.49 -37.49 56.38
C GLU F 219 -21.91 -36.19 55.68
N SER F 220 -21.85 -35.07 56.41
CA SER F 220 -22.30 -33.77 55.88
C SER F 220 -21.26 -32.66 56.01
N ILE F 221 -21.53 -31.57 55.30
CA ILE F 221 -20.71 -30.35 55.33
C ILE F 221 -20.92 -29.58 56.63
N GLU F 222 -22.11 -29.69 57.22
CA GLU F 222 -22.36 -29.00 58.49
C GLU F 222 -21.33 -29.45 59.54
N GLU F 223 -21.06 -30.76 59.59
CA GLU F 223 -20.21 -31.34 60.63
C GLU F 223 -18.73 -31.01 60.53
N ALA F 224 -18.20 -30.98 59.30
CA ALA F 224 -16.77 -30.82 59.06
C ALA F 224 -16.32 -29.37 59.17
N LEU F 225 -17.27 -28.46 58.95
CA LEU F 225 -16.96 -27.06 58.66
C LEU F 225 -16.24 -26.26 59.75
N PRO F 226 -16.71 -26.38 61.01
CA PRO F 226 -16.25 -25.42 62.03
C PRO F 226 -14.77 -25.55 62.37
N ASP F 227 -14.17 -26.69 62.01
CA ASP F 227 -12.76 -26.97 62.20
C ASP F 227 -11.97 -26.88 60.87
N THR F 228 -12.67 -26.70 59.76
CA THR F 228 -12.05 -26.73 58.41
C THR F 228 -11.38 -25.42 58.04
N ASP F 229 -10.07 -25.48 57.80
CA ASP F 229 -9.31 -24.32 57.33
C ASP F 229 -9.33 -24.23 55.80
N VAL F 230 -9.37 -25.37 55.12
CA VAL F 230 -9.46 -25.39 53.64
C VAL F 230 -10.61 -26.29 53.19
N LEU F 231 -11.69 -25.69 52.66
CA LEU F 231 -12.84 -26.43 52.11
C LEU F 231 -12.80 -26.58 50.59
N TYR F 232 -12.39 -27.76 50.13
CA TYR F 232 -12.20 -28.04 48.71
C TYR F 232 -13.45 -28.73 48.14
N MET F 233 -14.22 -27.98 47.35
CA MET F 233 -15.48 -28.47 46.78
C MET F 233 -15.24 -29.07 45.40
N THR F 234 -16.01 -30.09 45.03
CA THR F 234 -15.86 -30.72 43.72
C THR F 234 -17.18 -30.81 42.96
N ARG F 235 -17.09 -31.26 41.71
CA ARG F 235 -18.24 -31.38 40.84
C ARG F 235 -18.55 -32.84 40.65
N ILE F 236 -19.83 -33.20 40.76
CA ILE F 236 -20.28 -34.55 40.47
C ILE F 236 -19.98 -34.90 39.01
N GLN F 237 -18.92 -35.67 38.80
CA GLN F 237 -18.34 -35.90 37.47
C GLN F 237 -19.25 -36.68 36.52
N LYS F 238 -20.23 -35.97 35.94
CA LYS F 238 -21.33 -36.58 35.18
C LYS F 238 -20.95 -37.55 34.05
N GLU F 239 -19.75 -37.42 33.50
CA GLU F 239 -19.35 -38.11 32.26
C GLU F 239 -18.52 -39.36 32.55
N ARG F 240 -18.27 -39.62 33.82
CA ARG F 240 -17.56 -40.81 34.25
C ARG F 240 -18.50 -41.89 34.83
N PHE F 241 -19.80 -41.59 34.93
CA PHE F 241 -20.77 -42.53 35.50
C PHE F 241 -21.19 -43.62 34.52
N GLY F 242 -21.49 -44.80 35.07
CA GLY F 242 -21.94 -45.92 34.27
C GLY F 242 -23.38 -45.76 33.81
N SER F 243 -24.16 -44.98 34.56
CA SER F 243 -25.55 -44.69 34.21
C SER F 243 -26.03 -43.39 34.84
N THR F 244 -26.83 -42.63 34.09
CA THR F 244 -27.37 -41.35 34.55
C THR F 244 -28.09 -41.51 35.89
N GLN F 245 -28.92 -42.54 35.99
CA GLN F 245 -29.58 -42.91 37.25
C GLN F 245 -28.67 -42.77 38.46
N GLU F 246 -27.46 -43.32 38.36
CA GLU F 246 -26.44 -43.21 39.41
C GLU F 246 -26.07 -41.73 39.61
N TYR F 247 -25.84 -41.03 38.50
CA TYR F 247 -25.53 -39.60 38.54
C TYR F 247 -26.60 -38.75 39.22
N GLU F 248 -27.82 -38.78 38.67
CA GLU F 248 -28.93 -37.92 39.14
C GLU F 248 -29.37 -38.22 40.57
N ALA F 249 -29.06 -39.41 41.06
CA ALA F 249 -29.20 -39.74 42.49
C ALA F 249 -28.24 -38.92 43.33
N CYS F 250 -26.98 -38.81 42.86
CA CYS F 250 -25.90 -38.07 43.56
C CYS F 250 -25.87 -36.57 43.31
N PHE F 251 -26.32 -36.15 42.13
CA PHE F 251 -26.37 -34.73 41.84
C PHE F 251 -27.12 -33.98 42.94
N GLY F 252 -26.47 -32.99 43.54
CA GLY F 252 -27.11 -32.08 44.48
C GLY F 252 -27.11 -32.49 45.93
N GLN F 253 -26.38 -33.56 46.28
CA GLN F 253 -26.26 -33.98 47.67
C GLN F 253 -25.73 -32.83 48.53
N PHE F 254 -24.58 -32.28 48.14
CA PHE F 254 -23.97 -31.16 48.87
C PHE F 254 -24.12 -29.86 48.08
N ILE F 255 -24.62 -28.84 48.75
CA ILE F 255 -24.85 -27.53 48.17
C ILE F 255 -24.40 -26.49 49.19
N LEU F 256 -23.24 -25.90 48.96
CA LEU F 256 -22.72 -24.89 49.87
C LEU F 256 -23.44 -23.57 49.63
N THR F 257 -24.07 -23.03 50.67
CA THR F 257 -24.84 -21.80 50.58
C THR F 257 -24.34 -20.85 51.65
N PRO F 258 -24.72 -19.56 51.58
CA PRO F 258 -24.21 -18.64 52.58
C PRO F 258 -24.71 -18.92 54.01
N HIS F 259 -25.80 -19.67 54.13
CA HIS F 259 -26.27 -20.07 55.44
C HIS F 259 -25.23 -20.97 56.13
N ILE F 260 -24.64 -21.87 55.35
CA ILE F 260 -23.69 -22.83 55.86
C ILE F 260 -22.38 -22.15 56.30
N MET F 261 -21.95 -21.13 55.56
CA MET F 261 -20.69 -20.43 55.85
C MET F 261 -20.80 -19.41 57.01
N THR F 262 -21.86 -19.47 57.80
CA THR F 262 -21.96 -18.66 59.02
C THR F 262 -21.35 -19.36 60.25
N ARG F 263 -21.06 -20.66 60.16
CA ARG F 263 -20.29 -21.36 61.22
C ARG F 263 -18.92 -21.81 60.73
N ALA F 264 -18.42 -21.20 59.65
CA ALA F 264 -17.06 -21.45 59.17
C ALA F 264 -16.08 -20.51 59.86
N LYS F 265 -14.89 -21.01 60.14
CA LYS F 265 -13.83 -20.18 60.74
C LYS F 265 -13.62 -18.90 59.95
N LYS F 266 -13.38 -17.80 60.66
CA LYS F 266 -13.00 -16.54 60.03
C LYS F 266 -11.79 -16.77 59.14
N LYS F 267 -10.77 -17.42 59.70
CA LYS F 267 -9.62 -17.86 58.93
C LYS F 267 -10.02 -19.18 58.28
N MET F 268 -10.12 -19.18 56.96
CA MET F 268 -10.70 -20.30 56.25
C MET F 268 -10.83 -19.93 54.77
N VAL F 269 -10.67 -20.92 53.90
CA VAL F 269 -10.79 -20.71 52.46
C VAL F 269 -11.68 -21.77 51.84
N VAL F 270 -12.58 -21.35 50.93
CA VAL F 270 -13.28 -22.32 50.09
C VAL F 270 -12.71 -22.32 48.68
N MET F 271 -12.38 -23.51 48.22
CA MET F 271 -11.81 -23.68 46.93
C MET F 271 -12.73 -24.57 46.09
N HIS F 272 -12.35 -24.74 44.84
CA HIS F 272 -13.09 -25.52 43.86
C HIS F 272 -12.15 -25.51 42.65
N PRO F 273 -11.85 -26.67 42.06
CA PRO F 273 -11.00 -26.64 40.88
C PRO F 273 -11.74 -26.19 39.60
N MET F 274 -13.06 -26.19 39.68
CA MET F 274 -13.97 -25.67 38.66
C MET F 274 -14.06 -26.66 37.49
N PRO F 275 -15.15 -26.62 36.73
CA PRO F 275 -16.30 -25.75 36.89
C PRO F 275 -17.25 -26.28 37.96
N ARG F 276 -18.08 -25.40 38.46
CA ARG F 276 -19.17 -25.79 39.31
C ARG F 276 -20.41 -25.83 38.45
N VAL F 277 -21.35 -26.68 38.85
CA VAL F 277 -22.69 -26.62 38.32
C VAL F 277 -23.56 -26.09 39.47
N ASN F 278 -23.95 -26.97 40.37
CA ASN F 278 -24.89 -26.68 41.43
C ASN F 278 -24.21 -26.44 42.80
N GLU F 279 -23.03 -27.01 42.99
CA GLU F 279 -22.50 -27.29 44.33
C GLU F 279 -22.03 -26.10 45.17
N ILE F 280 -21.92 -24.92 44.55
CA ILE F 280 -21.68 -23.68 45.29
C ILE F 280 -22.62 -22.58 44.83
N SER F 281 -23.49 -22.15 45.75
CA SER F 281 -24.36 -21.00 45.53
C SER F 281 -23.57 -19.80 45.05
N VAL F 282 -24.10 -19.12 44.05
CA VAL F 282 -23.45 -17.94 43.52
C VAL F 282 -23.23 -16.91 44.63
N GLU F 283 -24.19 -16.77 45.54
CA GLU F 283 -24.08 -15.82 46.64
C GLU F 283 -22.77 -15.98 47.43
N VAL F 284 -22.24 -17.20 47.49
CA VAL F 284 -20.92 -17.46 48.10
C VAL F 284 -19.82 -16.62 47.44
N ASP F 285 -19.94 -16.38 46.13
CA ASP F 285 -18.95 -15.61 45.35
C ASP F 285 -18.43 -14.31 46.03
N SER F 286 -19.27 -13.64 46.84
CA SER F 286 -18.94 -12.32 47.45
C SER F 286 -18.12 -12.39 48.74
N ASP F 287 -18.41 -13.40 49.54
CA ASP F 287 -17.62 -13.75 50.72
C ASP F 287 -16.16 -13.80 50.29
N PRO F 288 -15.27 -13.04 50.96
CA PRO F 288 -13.88 -13.05 50.50
C PRO F 288 -13.11 -14.35 50.79
N ARG F 289 -13.67 -15.23 51.62
CA ARG F 289 -13.10 -16.55 51.89
C ARG F 289 -13.17 -17.45 50.67
N ALA F 290 -14.03 -17.08 49.73
CA ALA F 290 -14.19 -17.78 48.48
C ALA F 290 -13.09 -17.37 47.52
N ALA F 291 -12.22 -18.31 47.21
CA ALA F 291 -10.97 -18.01 46.52
C ALA F 291 -10.88 -18.79 45.23
N TYR F 292 -11.98 -19.39 44.81
CA TYR F 292 -11.95 -20.29 43.66
C TYR F 292 -11.57 -19.59 42.35
N PHE F 293 -11.95 -18.32 42.19
CA PHE F 293 -11.43 -17.58 41.03
C PHE F 293 -9.97 -17.22 41.24
N ARG F 294 -9.58 -16.72 42.42
CA ARG F 294 -8.15 -16.51 42.73
C ARG F 294 -7.31 -17.78 42.51
N GLN F 295 -7.92 -18.93 42.78
CA GLN F 295 -7.34 -20.26 42.50
C GLN F 295 -7.00 -20.41 41.03
N ALA F 296 -7.92 -19.95 40.18
CA ALA F 296 -7.74 -19.97 38.72
C ALA F 296 -6.54 -19.18 38.25
N GLU F 297 -6.41 -17.98 38.79
CA GLU F 297 -5.39 -17.03 38.36
C GLU F 297 -4.00 -17.49 38.80
N ASN F 298 -3.90 -17.96 40.05
CA ASN F 298 -2.69 -18.65 40.52
C ASN F 298 -2.19 -19.66 39.51
N GLY F 299 -3.12 -20.46 38.99
CA GLY F 299 -2.78 -21.54 38.05
C GLY F 299 -1.94 -21.14 36.86
N MET F 300 -2.25 -19.98 36.30
CA MET F 300 -1.51 -19.46 35.17
C MET F 300 -0.06 -19.20 35.53
N TYR F 301 0.17 -18.59 36.69
CA TYR F 301 1.53 -18.32 37.15
C TYR F 301 2.34 -19.58 37.53
N ILE F 302 1.71 -20.56 38.18
CA ILE F 302 2.39 -21.85 38.46
C ILE F 302 2.76 -22.58 37.18
N ARG F 303 1.82 -22.58 36.23
CA ARG F 303 2.07 -23.17 34.92
C ARG F 303 3.11 -22.39 34.11
N MET F 304 3.18 -21.06 34.32
CA MET F 304 4.32 -20.27 33.83
C MET F 304 5.59 -20.81 34.50
N ALA F 305 5.55 -21.01 35.80
CA ALA F 305 6.74 -21.56 36.48
C ALA F 305 7.15 -22.94 35.97
N LEU F 306 6.18 -23.84 35.76
CA LEU F 306 6.49 -25.19 35.29
C LEU F 306 7.10 -25.22 33.88
N LEU F 307 6.52 -24.45 32.98
CA LEU F 307 7.00 -24.32 31.62
C LEU F 307 8.39 -23.68 31.55
N ALA F 308 8.65 -22.69 32.41
CA ALA F 308 9.98 -22.09 32.48
C ALA F 308 11.03 -23.07 33.04
N THR F 309 10.67 -23.80 34.09
CA THR F 309 11.60 -24.73 34.73
C THR F 309 11.79 -25.98 33.89
N VAL F 310 10.70 -26.58 33.43
CA VAL F 310 10.80 -27.80 32.60
C VAL F 310 11.57 -27.54 31.30
N LEU F 311 11.48 -26.32 30.76
CA LEU F 311 12.26 -25.96 29.57
C LEU F 311 13.60 -25.32 29.95
N GLY F 312 13.78 -25.06 31.24
CA GLY F 312 15.11 -24.84 31.80
C GLY F 312 15.64 -23.44 31.65
N ARG F 313 14.78 -22.46 31.91
CA ARG F 313 15.16 -21.05 31.87
C ARG F 313 15.14 -20.45 33.28
N PHE F 314 14.22 -20.93 34.11
CA PHE F 314 14.25 -20.65 35.53
C PHE F 314 14.51 -21.95 36.28
P PAL G . 2.52 36.96 -24.62
O1P PAL G . 3.87 37.51 -24.67
O2P PAL G . 2.58 35.55 -25.38
O3P PAL G . 2.10 36.88 -23.06
C1P PAL G . 1.30 38.06 -25.40
C1 PAL G . 1.75 38.50 -26.76
O1 PAL G . 1.57 37.74 -27.70
N2 PAL G . 2.31 39.70 -26.85
C2 PAL G . 2.76 40.28 -28.13
C4 PAL G . 4.06 39.67 -28.62
O2 PAL G . 4.68 38.85 -27.90
O3 PAL G . 4.49 40.00 -29.75
C3 PAL G . 2.90 41.81 -28.04
C5 PAL G . 3.72 42.34 -26.88
O4 PAL G . 4.44 41.56 -26.21
O5 PAL G . 3.63 43.56 -26.59
P PAL H . 9.75 23.63 -1.34
O1P PAL H . 10.60 24.80 -1.13
O2P PAL H . 8.36 24.06 -2.02
O3P PAL H . 10.57 22.56 -2.20
C1P PAL H . 9.32 23.04 0.30
C1 PAL H . 8.89 24.19 1.18
O1 PAL H . 7.75 24.59 1.11
N2 PAL H . 9.81 24.68 2.04
C2 PAL H . 9.51 25.63 3.11
C4 PAL H . 9.27 27.05 2.65
O2 PAL H . 9.44 27.35 1.45
O3 PAL H . 8.92 27.88 3.52
C3 PAL H . 10.63 25.62 4.14
C5 PAL H . 11.98 26.04 3.58
O4 PAL H . 12.08 26.45 2.40
O5 PAL H . 12.98 25.97 4.33
P PAL I . 19.58 14.94 -25.83
O1P PAL I . 20.74 15.65 -25.26
O2P PAL I . 18.63 14.48 -24.62
O3P PAL I . 18.80 15.99 -26.76
C1P PAL I . 19.97 13.49 -26.84
C1 PAL I . 21.11 12.63 -26.32
O1 PAL I . 20.85 11.69 -25.58
N2 PAL I . 22.33 12.95 -26.77
C2 PAL I . 23.51 12.19 -26.40
C4 PAL I . 23.92 12.43 -24.97
O2 PAL I . 23.42 13.38 -24.35
O3 PAL I . 24.77 11.65 -24.45
C3 PAL I . 24.69 12.49 -27.34
C5 PAL I . 25.22 13.91 -27.25
O4 PAL I . 24.82 14.69 -26.35
O5 PAL I . 26.07 14.25 -28.11
P PAL J . -19.05 -13.14 11.03
O1P PAL J . -20.10 -14.03 11.59
O2P PAL J . -18.22 -12.50 12.23
O3P PAL J . -18.15 -13.92 9.96
C1P PAL J . -19.76 -11.74 10.12
C1 PAL J . -20.79 -10.99 10.91
O1 PAL J . -20.49 -10.37 11.93
N2 PAL J . -22.00 -11.05 10.36
C2 PAL J . -23.18 -10.37 10.84
C4 PAL J . -23.64 -10.80 12.20
O2 PAL J . -23.40 -11.97 12.58
O3 PAL J . -24.25 -9.97 12.92
C3 PAL J . -24.29 -10.60 9.80
C5 PAL J . -24.47 -12.07 9.45
O4 PAL J . -24.01 -12.93 10.22
O5 PAL J . -25.04 -12.40 8.39
C1 EDO K . -21.12 -2.87 32.69
O1 EDO K . -22.47 -3.35 32.67
C2 EDO K . -20.85 -2.00 33.91
O2 EDO K . -19.51 -1.51 33.80
P PAL L . -2.05 -34.78 7.86
O1P PAL L . -3.40 -35.23 7.51
O2P PAL L . -1.90 -33.19 7.59
O3P PAL L . -1.83 -35.09 9.42
C1P PAL L . -0.75 -35.62 6.95
C1 PAL L . -1.07 -35.75 5.48
O1 PAL L . -1.06 -34.75 4.78
N2 PAL L . -1.33 -36.99 5.05
C2 PAL L . -1.68 -37.35 3.69
C4 PAL L . -3.09 -36.94 3.30
O2 PAL L . -3.83 -36.36 4.14
O3 PAL L . -3.49 -37.20 2.14
C3 PAL L . -1.57 -38.87 3.54
C5 PAL L . -2.62 -39.61 4.34
O4 PAL L . -3.40 -39.01 5.12
O5 PAL L . -2.65 -40.85 4.17
P PAL M . -10.95 -27.39 33.36
O1P PAL M . -11.53 -28.68 32.89
O2P PAL M . -9.55 -27.31 32.60
O3P PAL M . -11.89 -26.17 32.96
C1P PAL M . -10.73 -27.41 35.16
C1 PAL M . -10.43 -28.81 35.64
O1 PAL M . -9.40 -29.37 35.26
N2 PAL M . -11.31 -29.36 36.47
C2 PAL M . -11.19 -30.71 37.03
C4 PAL M . -11.08 -31.83 35.99
O2 PAL M . -11.10 -31.56 34.76
O3 PAL M . -10.97 -33.00 36.41
C3 PAL M . -12.39 -30.98 37.95
C5 PAL M . -13.71 -31.14 37.20
O4 PAL M . -13.71 -31.22 35.95
O5 PAL M . -14.79 -31.20 37.85
C1 EDO N . 17.43 -34.36 22.22
O1 EDO N . 16.06 -34.53 21.84
C2 EDO N . 17.55 -33.38 23.38
O2 EDO N . 18.47 -33.91 24.36
#